data_8A3A
# 
_entry.id   8A3A 
# 
_audit_conform.dict_name       mmcif_pdbx.dic 
_audit_conform.dict_version    5.379 
_audit_conform.dict_location   http://mmcif.pdb.org/dictionaries/ascii/mmcif_pdbx.dic 
# 
loop_
_database_2.database_id 
_database_2.database_code 
_database_2.pdbx_database_accession 
_database_2.pdbx_DOI 
PDB   8A3A         pdb_00008a3a 10.2210/pdb8a3a/pdb 
WWPDB D_1292123558 ?            ?                   
# 
_pdbx_database_status.status_code                     REL 
_pdbx_database_status.status_code_sf                  REL 
_pdbx_database_status.status_code_mr                  ? 
_pdbx_database_status.entry_id                        8A3A 
_pdbx_database_status.recvd_initial_deposition_date   2022-06-07 
_pdbx_database_status.SG_entry                        N 
_pdbx_database_status.deposit_site                    PDBE 
_pdbx_database_status.process_site                    PDBE 
_pdbx_database_status.status_code_cs                  ? 
_pdbx_database_status.status_code_nmr_data            ? 
_pdbx_database_status.methods_development_category    ? 
_pdbx_database_status.pdb_format_compatible           Y 
# 
loop_
_audit_author.name 
_audit_author.pdbx_ordinal 
_audit_author.identifier_ORCID 
'Liu, H.'      1 ? 
'Scaletti, E.' 2 ? 
'Stenmark, P.' 3 ? 
# 
_citation.abstract                  ? 
_citation.abstract_id_CAS           ? 
_citation.book_id_ISBN              ? 
_citation.book_publisher            ? 
_citation.book_publisher_city       ? 
_citation.book_title                ? 
_citation.coordinate_linkage        ? 
_citation.country                   ? 
_citation.database_id_Medline       ? 
_citation.details                   ? 
_citation.id                        primary 
_citation.journal_abbrev            'To Be Published' 
_citation.journal_id_ASTM           ? 
_citation.journal_id_CSD            0353 
_citation.journal_id_ISSN           ? 
_citation.journal_full              ? 
_citation.journal_issue             ? 
_citation.journal_volume            ? 
_citation.language                  ? 
_citation.page_first                ? 
_citation.page_last                 ? 
_citation.title                     'MTH1 in complex with TH013074' 
_citation.year                      ? 
_citation.database_id_CSD           ? 
_citation.pdbx_database_id_DOI      ? 
_citation.pdbx_database_id_PubMed   ? 
_citation.pdbx_database_id_patent   ? 
_citation.unpublished_flag          ? 
# 
loop_
_citation_author.citation_id 
_citation_author.name 
_citation_author.ordinal 
_citation_author.identifier_ORCID 
primary 'Liu, H.'      1 ? 
primary 'Scaletti, E.' 2 ? 
primary 'Stenmark, P.' 3 ? 
# 
_cell.angle_alpha                  90.00 
_cell.angle_alpha_esd              ? 
_cell.angle_beta                   90.00 
_cell.angle_beta_esd               ? 
_cell.angle_gamma                  90.00 
_cell.angle_gamma_esd              ? 
_cell.entry_id                     8A3A 
_cell.details                      ? 
_cell.formula_units_Z              ? 
_cell.length_a                     36.090 
_cell.length_a_esd                 ? 
_cell.length_b                     60.580 
_cell.length_b_esd                 ? 
_cell.length_c                     66.656 
_cell.length_c_esd                 ? 
_cell.volume                       ? 
_cell.volume_esd                   ? 
_cell.Z_PDB                        4 
_cell.reciprocal_angle_alpha       ? 
_cell.reciprocal_angle_beta        ? 
_cell.reciprocal_angle_gamma       ? 
_cell.reciprocal_angle_alpha_esd   ? 
_cell.reciprocal_angle_beta_esd    ? 
_cell.reciprocal_angle_gamma_esd   ? 
_cell.reciprocal_length_a          ? 
_cell.reciprocal_length_b          ? 
_cell.reciprocal_length_c          ? 
_cell.reciprocal_length_a_esd      ? 
_cell.reciprocal_length_b_esd      ? 
_cell.reciprocal_length_c_esd      ? 
_cell.pdbx_unique_axis             ? 
_cell.pdbx_esd_method              ? 
# 
_symmetry.entry_id                         8A3A 
_symmetry.cell_setting                     ? 
_symmetry.Int_Tables_number                18 
_symmetry.space_group_name_Hall            ? 
_symmetry.space_group_name_H-M             'P 2 21 21' 
_symmetry.pdbx_full_space_group_name_H-M   ? 
# 
loop_
_entity.id 
_entity.type 
_entity.src_method 
_entity.pdbx_description 
_entity.formula_weight 
_entity.pdbx_number_of_molecules 
_entity.pdbx_ec 
_entity.pdbx_mutation 
_entity.pdbx_fragment 
_entity.details 
1 polymer     man '7,8-dihydro-8-oxoguanine triphosphatase'   18253.736 1   3.6.1.55,3.6.1.56 ? ? ? 
2 non-polymer syn '4-(4-methylphenyl)-1~{H}-quinazolin-2-one' 236.269   1   ?                 ? ? ? 
3 non-polymer syn 'SULFATE ION'                               96.063    1   ?                 ? ? ? 
4 water       nat water                                       18.015    136 ?                 ? ? ? 
# 
_entity_name_com.entity_id   1 
_entity_name_com.name        
'2-hydroxy-dATP diphosphatase,8-oxo-dGTPase,Nucleoside diphosphate-linked moiety X motif 1,Nudix motif 1' 
# 
_entity_poly.entity_id                      1 
_entity_poly.type                           'polypeptide(L)' 
_entity_poly.nstd_linkage                   no 
_entity_poly.nstd_monomer                   no 
_entity_poly.pdbx_seq_one_letter_code       
;GSHMGASRLYTLVLVLQPQRVLLGMKKRGFGAGRWNGFGGKVQEGETIEDGARRELQEESGLTVDALHKVGQIVFEFVGE
PELMDVHVFCTDSIQGTPVESDEMRPCWFQLDQIPFKDMWPDDSYWFPLLLQKKKFHGYFKFQGQDTILDYTLREVDTV
;
_entity_poly.pdbx_seq_one_letter_code_can   
;GSHMGASRLYTLVLVLQPQRVLLGMKKRGFGAGRWNGFGGKVQEGETIEDGARRELQEESGLTVDALHKVGQIVFEFVGE
PELMDVHVFCTDSIQGTPVESDEMRPCWFQLDQIPFKDMWPDDSYWFPLLLQKKKFHGYFKFQGQDTILDYTLREVDTV
;
_entity_poly.pdbx_strand_id                 A 
_entity_poly.pdbx_target_identifier         ? 
# 
loop_
_entity_poly_seq.entity_id 
_entity_poly_seq.num 
_entity_poly_seq.mon_id 
_entity_poly_seq.hetero 
1 1   GLY n 
1 2   SER n 
1 3   HIS n 
1 4   MET n 
1 5   GLY n 
1 6   ALA n 
1 7   SER n 
1 8   ARG n 
1 9   LEU n 
1 10  TYR n 
1 11  THR n 
1 12  LEU n 
1 13  VAL n 
1 14  LEU n 
1 15  VAL n 
1 16  LEU n 
1 17  GLN n 
1 18  PRO n 
1 19  GLN n 
1 20  ARG n 
1 21  VAL n 
1 22  LEU n 
1 23  LEU n 
1 24  GLY n 
1 25  MET n 
1 26  LYS n 
1 27  LYS n 
1 28  ARG n 
1 29  GLY n 
1 30  PHE n 
1 31  GLY n 
1 32  ALA n 
1 33  GLY n 
1 34  ARG n 
1 35  TRP n 
1 36  ASN n 
1 37  GLY n 
1 38  PHE n 
1 39  GLY n 
1 40  GLY n 
1 41  LYS n 
1 42  VAL n 
1 43  GLN n 
1 44  GLU n 
1 45  GLY n 
1 46  GLU n 
1 47  THR n 
1 48  ILE n 
1 49  GLU n 
1 50  ASP n 
1 51  GLY n 
1 52  ALA n 
1 53  ARG n 
1 54  ARG n 
1 55  GLU n 
1 56  LEU n 
1 57  GLN n 
1 58  GLU n 
1 59  GLU n 
1 60  SER n 
1 61  GLY n 
1 62  LEU n 
1 63  THR n 
1 64  VAL n 
1 65  ASP n 
1 66  ALA n 
1 67  LEU n 
1 68  HIS n 
1 69  LYS n 
1 70  VAL n 
1 71  GLY n 
1 72  GLN n 
1 73  ILE n 
1 74  VAL n 
1 75  PHE n 
1 76  GLU n 
1 77  PHE n 
1 78  VAL n 
1 79  GLY n 
1 80  GLU n 
1 81  PRO n 
1 82  GLU n 
1 83  LEU n 
1 84  MET n 
1 85  ASP n 
1 86  VAL n 
1 87  HIS n 
1 88  VAL n 
1 89  PHE n 
1 90  CYS n 
1 91  THR n 
1 92  ASP n 
1 93  SER n 
1 94  ILE n 
1 95  GLN n 
1 96  GLY n 
1 97  THR n 
1 98  PRO n 
1 99  VAL n 
1 100 GLU n 
1 101 SER n 
1 102 ASP n 
1 103 GLU n 
1 104 MET n 
1 105 ARG n 
1 106 PRO n 
1 107 CYS n 
1 108 TRP n 
1 109 PHE n 
1 110 GLN n 
1 111 LEU n 
1 112 ASP n 
1 113 GLN n 
1 114 ILE n 
1 115 PRO n 
1 116 PHE n 
1 117 LYS n 
1 118 ASP n 
1 119 MET n 
1 120 TRP n 
1 121 PRO n 
1 122 ASP n 
1 123 ASP n 
1 124 SER n 
1 125 TYR n 
1 126 TRP n 
1 127 PHE n 
1 128 PRO n 
1 129 LEU n 
1 130 LEU n 
1 131 LEU n 
1 132 GLN n 
1 133 LYS n 
1 134 LYS n 
1 135 LYS n 
1 136 PHE n 
1 137 HIS n 
1 138 GLY n 
1 139 TYR n 
1 140 PHE n 
1 141 LYS n 
1 142 PHE n 
1 143 GLN n 
1 144 GLY n 
1 145 GLN n 
1 146 ASP n 
1 147 THR n 
1 148 ILE n 
1 149 LEU n 
1 150 ASP n 
1 151 TYR n 
1 152 THR n 
1 153 LEU n 
1 154 ARG n 
1 155 GLU n 
1 156 VAL n 
1 157 ASP n 
1 158 THR n 
1 159 VAL n 
# 
_entity_src_gen.entity_id                          1 
_entity_src_gen.pdbx_src_id                        1 
_entity_src_gen.pdbx_alt_source_flag               sample 
_entity_src_gen.pdbx_seq_type                      'Biological sequence' 
_entity_src_gen.pdbx_beg_seq_num                   1 
_entity_src_gen.pdbx_end_seq_num                   159 
_entity_src_gen.gene_src_common_name               human 
_entity_src_gen.gene_src_genus                     ? 
_entity_src_gen.pdbx_gene_src_gene                 'NUDT1, MTH1' 
_entity_src_gen.gene_src_species                   ? 
_entity_src_gen.gene_src_strain                    ? 
_entity_src_gen.gene_src_tissue                    ? 
_entity_src_gen.gene_src_tissue_fraction           ? 
_entity_src_gen.gene_src_details                   ? 
_entity_src_gen.pdbx_gene_src_fragment             ? 
_entity_src_gen.pdbx_gene_src_scientific_name      'Homo sapiens' 
_entity_src_gen.pdbx_gene_src_ncbi_taxonomy_id     9606 
_entity_src_gen.pdbx_gene_src_variant              ? 
_entity_src_gen.pdbx_gene_src_cell_line            ? 
_entity_src_gen.pdbx_gene_src_atcc                 ? 
_entity_src_gen.pdbx_gene_src_organ                ? 
_entity_src_gen.pdbx_gene_src_organelle            ? 
_entity_src_gen.pdbx_gene_src_cell                 ? 
_entity_src_gen.pdbx_gene_src_cellular_location    ? 
_entity_src_gen.host_org_common_name               ? 
_entity_src_gen.pdbx_host_org_scientific_name      'Escherichia coli' 
_entity_src_gen.pdbx_host_org_ncbi_taxonomy_id     562 
_entity_src_gen.host_org_genus                     ? 
_entity_src_gen.pdbx_host_org_gene                 ? 
_entity_src_gen.pdbx_host_org_organ                ? 
_entity_src_gen.host_org_species                   ? 
_entity_src_gen.pdbx_host_org_tissue               ? 
_entity_src_gen.pdbx_host_org_tissue_fraction      ? 
_entity_src_gen.pdbx_host_org_strain               ? 
_entity_src_gen.pdbx_host_org_variant              ? 
_entity_src_gen.pdbx_host_org_cell_line            ? 
_entity_src_gen.pdbx_host_org_atcc                 ? 
_entity_src_gen.pdbx_host_org_culture_collection   ? 
_entity_src_gen.pdbx_host_org_cell                 ? 
_entity_src_gen.pdbx_host_org_organelle            ? 
_entity_src_gen.pdbx_host_org_cellular_location    ? 
_entity_src_gen.pdbx_host_org_vector_type          ? 
_entity_src_gen.pdbx_host_org_vector               ? 
_entity_src_gen.host_org_details                   ? 
_entity_src_gen.expression_system_id               ? 
_entity_src_gen.plasmid_name                       ? 
_entity_src_gen.plasmid_details                    ? 
_entity_src_gen.pdbx_description                   ? 
# 
_struct_ref.id                         1 
_struct_ref.db_name                    UNP 
_struct_ref.db_code                    8ODP_HUMAN 
_struct_ref.pdbx_db_accession          P36639 
_struct_ref.pdbx_db_isoform            ? 
_struct_ref.entity_id                  1 
_struct_ref.pdbx_seq_one_letter_code   
;MGASRLYTLVLVLQPQRVLLGMKKRGFGAGRWNGFGGKVQEGETIEDGARRELQEESGLTVDALHKVGQIVFEFVGEPEL
MDVHVFCTDSIQGTPVESDEMRPCWFQLDQIPFKDMWPDDSYWFPLLLQKKKFHGYFKFQGQDTILDYTLREVDTV
;
_struct_ref.pdbx_align_begin           42 
# 
_struct_ref_seq.align_id                      1 
_struct_ref_seq.ref_id                        1 
_struct_ref_seq.pdbx_PDB_id_code              8A3A 
_struct_ref_seq.pdbx_strand_id                A 
_struct_ref_seq.seq_align_beg                 4 
_struct_ref_seq.pdbx_seq_align_beg_ins_code   ? 
_struct_ref_seq.seq_align_end                 159 
_struct_ref_seq.pdbx_seq_align_end_ins_code   ? 
_struct_ref_seq.pdbx_db_accession             P36639 
_struct_ref_seq.db_align_beg                  42 
_struct_ref_seq.pdbx_db_align_beg_ins_code    ? 
_struct_ref_seq.db_align_end                  197 
_struct_ref_seq.pdbx_db_align_end_ins_code    ? 
_struct_ref_seq.pdbx_auth_seq_align_beg       1 
_struct_ref_seq.pdbx_auth_seq_align_end       156 
# 
loop_
_struct_ref_seq_dif.align_id 
_struct_ref_seq_dif.pdbx_pdb_id_code 
_struct_ref_seq_dif.mon_id 
_struct_ref_seq_dif.pdbx_pdb_strand_id 
_struct_ref_seq_dif.seq_num 
_struct_ref_seq_dif.pdbx_pdb_ins_code 
_struct_ref_seq_dif.pdbx_seq_db_name 
_struct_ref_seq_dif.pdbx_seq_db_accession_code 
_struct_ref_seq_dif.db_mon_id 
_struct_ref_seq_dif.pdbx_seq_db_seq_num 
_struct_ref_seq_dif.details 
_struct_ref_seq_dif.pdbx_auth_seq_num 
_struct_ref_seq_dif.pdbx_ordinal 
1 8A3A GLY A 1 ? UNP P36639 ? ? 'expression tag' -2 1 
1 8A3A SER A 2 ? UNP P36639 ? ? 'expression tag' -1 2 
1 8A3A HIS A 3 ? UNP P36639 ? ? 'expression tag' 0  3 
# 
loop_
_chem_comp.id 
_chem_comp.type 
_chem_comp.mon_nstd_flag 
_chem_comp.name 
_chem_comp.pdbx_synonyms 
_chem_comp.formula 
_chem_comp.formula_weight 
ALA 'L-peptide linking' y ALANINE                                     ? 'C3 H7 N O2'     89.093  
ARG 'L-peptide linking' y ARGININE                                    ? 'C6 H15 N4 O2 1' 175.209 
ASN 'L-peptide linking' y ASPARAGINE                                  ? 'C4 H8 N2 O3'    132.118 
ASP 'L-peptide linking' y 'ASPARTIC ACID'                             ? 'C4 H7 N O4'     133.103 
CYS 'L-peptide linking' y CYSTEINE                                    ? 'C3 H7 N O2 S'   121.158 
GLN 'L-peptide linking' y GLUTAMINE                                   ? 'C5 H10 N2 O3'   146.144 
GLU 'L-peptide linking' y 'GLUTAMIC ACID'                             ? 'C5 H9 N O4'     147.129 
GLY 'peptide linking'   y GLYCINE                                     ? 'C2 H5 N O2'     75.067  
HIS 'L-peptide linking' y HISTIDINE                                   ? 'C6 H10 N3 O2 1' 156.162 
HOH non-polymer         . WATER                                       ? 'H2 O'           18.015  
ILE 'L-peptide linking' y ISOLEUCINE                                  ? 'C6 H13 N O2'    131.173 
KYR non-polymer         . '4-(4-methylphenyl)-1~{H}-quinazolin-2-one' ? 'C15 H12 N2 O'   236.269 
LEU 'L-peptide linking' y LEUCINE                                     ? 'C6 H13 N O2'    131.173 
LYS 'L-peptide linking' y LYSINE                                      ? 'C6 H15 N2 O2 1' 147.195 
MET 'L-peptide linking' y METHIONINE                                  ? 'C5 H11 N O2 S'  149.211 
PHE 'L-peptide linking' y PHENYLALANINE                               ? 'C9 H11 N O2'    165.189 
PRO 'L-peptide linking' y PROLINE                                     ? 'C5 H9 N O2'     115.130 
SER 'L-peptide linking' y SERINE                                      ? 'C3 H7 N O3'     105.093 
SO4 non-polymer         . 'SULFATE ION'                               ? 'O4 S -2'        96.063  
THR 'L-peptide linking' y THREONINE                                   ? 'C4 H9 N O3'     119.119 
TRP 'L-peptide linking' y TRYPTOPHAN                                  ? 'C11 H12 N2 O2'  204.225 
TYR 'L-peptide linking' y TYROSINE                                    ? 'C9 H11 N O3'    181.189 
VAL 'L-peptide linking' y VALINE                                      ? 'C5 H11 N O2'    117.146 
# 
_exptl.absorpt_coefficient_mu     ? 
_exptl.absorpt_correction_T_max   ? 
_exptl.absorpt_correction_T_min   ? 
_exptl.absorpt_correction_type    ? 
_exptl.absorpt_process_details    ? 
_exptl.entry_id                   8A3A 
_exptl.crystals_number            1 
_exptl.details                    ? 
_exptl.method                     'X-RAY DIFFRACTION' 
_exptl.method_details             ? 
# 
_exptl_crystal.colour                       ? 
_exptl_crystal.density_diffrn               ? 
_exptl_crystal.density_Matthews             2.00 
_exptl_crystal.density_method               ? 
_exptl_crystal.density_percent_sol          38.37 
_exptl_crystal.description                  ? 
_exptl_crystal.F_000                        ? 
_exptl_crystal.id                           1 
_exptl_crystal.preparation                  ? 
_exptl_crystal.size_max                     ? 
_exptl_crystal.size_mid                     ? 
_exptl_crystal.size_min                     ? 
_exptl_crystal.size_rad                     ? 
_exptl_crystal.colour_lustre                ? 
_exptl_crystal.colour_modifier              ? 
_exptl_crystal.colour_primary               ? 
_exptl_crystal.density_meas                 ? 
_exptl_crystal.density_meas_esd             ? 
_exptl_crystal.density_meas_gt              ? 
_exptl_crystal.density_meas_lt              ? 
_exptl_crystal.density_meas_temp            ? 
_exptl_crystal.density_meas_temp_esd        ? 
_exptl_crystal.density_meas_temp_gt         ? 
_exptl_crystal.density_meas_temp_lt         ? 
_exptl_crystal.pdbx_crystal_image_url       ? 
_exptl_crystal.pdbx_crystal_image_format    ? 
_exptl_crystal.pdbx_mosaicity               ? 
_exptl_crystal.pdbx_mosaicity_esd           ? 
_exptl_crystal.pdbx_mosaic_method           ? 
_exptl_crystal.pdbx_mosaic_block_size       ? 
_exptl_crystal.pdbx_mosaic_block_size_esd   ? 
# 
_exptl_crystal_grow.apparatus       ? 
_exptl_crystal_grow.atmosphere      ? 
_exptl_crystal_grow.crystal_id      1 
_exptl_crystal_grow.details         ? 
_exptl_crystal_grow.method          'VAPOR DIFFUSION, SITTING DROP' 
_exptl_crystal_grow.method_ref      ? 
_exptl_crystal_grow.pH              ? 
_exptl_crystal_grow.pressure        ? 
_exptl_crystal_grow.pressure_esd    ? 
_exptl_crystal_grow.seeding         ? 
_exptl_crystal_grow.seeding_ref     ? 
_exptl_crystal_grow.temp            292 
_exptl_crystal_grow.temp_details    ? 
_exptl_crystal_grow.temp_esd        ? 
_exptl_crystal_grow.time            ? 
_exptl_crystal_grow.pdbx_details    '32 % PEG 6000, 0.1 M sodium acetate trihydrate pH 3.7, 0.2 M lithium sulfate' 
_exptl_crystal_grow.pdbx_pH_range   ? 
# 
_diffrn.ambient_environment              ? 
_diffrn.ambient_temp                     100 
_diffrn.ambient_temp_details             ? 
_diffrn.ambient_temp_esd                 ? 
_diffrn.crystal_id                       1 
_diffrn.crystal_support                  ? 
_diffrn.crystal_treatment                ? 
_diffrn.details                          ? 
_diffrn.id                               1 
_diffrn.ambient_pressure                 ? 
_diffrn.ambient_pressure_esd             ? 
_diffrn.ambient_pressure_gt              ? 
_diffrn.ambient_pressure_lt              ? 
_diffrn.ambient_temp_gt                  ? 
_diffrn.ambient_temp_lt                  ? 
_diffrn.pdbx_serial_crystal_experiment   N 
# 
_diffrn_detector.details                      ? 
_diffrn_detector.detector                     PIXEL 
_diffrn_detector.diffrn_id                    1 
_diffrn_detector.type                         'DECTRIS PILATUS 6M' 
_diffrn_detector.area_resol_mean              ? 
_diffrn_detector.dtime                        ? 
_diffrn_detector.pdbx_frames_total            ? 
_diffrn_detector.pdbx_collection_time_total   ? 
_diffrn_detector.pdbx_collection_date         2022-04-16 
_diffrn_detector.pdbx_frequency               ? 
# 
_diffrn_radiation.collimation                      ? 
_diffrn_radiation.diffrn_id                        1 
_diffrn_radiation.filter_edge                      ? 
_diffrn_radiation.inhomogeneity                    ? 
_diffrn_radiation.monochromator                    ? 
_diffrn_radiation.polarisn_norm                    ? 
_diffrn_radiation.polarisn_ratio                   ? 
_diffrn_radiation.probe                            ? 
_diffrn_radiation.type                             ? 
_diffrn_radiation.xray_symbol                      ? 
_diffrn_radiation.wavelength_id                    1 
_diffrn_radiation.pdbx_monochromatic_or_laue_m_l   M 
_diffrn_radiation.pdbx_wavelength_list             ? 
_diffrn_radiation.pdbx_wavelength                  ? 
_diffrn_radiation.pdbx_diffrn_protocol             'SINGLE WAVELENGTH' 
_diffrn_radiation.pdbx_analyzer                    ? 
_diffrn_radiation.pdbx_scattering_type             x-ray 
# 
_diffrn_radiation_wavelength.id           1 
_diffrn_radiation_wavelength.wavelength   0.9762 
_diffrn_radiation_wavelength.wt           1.0 
# 
_diffrn_source.current                     ? 
_diffrn_source.details                     ? 
_diffrn_source.diffrn_id                   1 
_diffrn_source.power                       ? 
_diffrn_source.size                        ? 
_diffrn_source.source                      SYNCHROTRON 
_diffrn_source.target                      ? 
_diffrn_source.type                        'MAX IV BEAMLINE BioMAX' 
_diffrn_source.voltage                     ? 
_diffrn_source.take-off_angle              ? 
_diffrn_source.pdbx_wavelength_list        0.9762 
_diffrn_source.pdbx_wavelength             ? 
_diffrn_source.pdbx_synchrotron_beamline   BioMAX 
_diffrn_source.pdbx_synchrotron_site       'MAX IV' 
# 
_reflns.B_iso_Wilson_estimate                          ? 
_reflns.entry_id                                       8A3A 
_reflns.data_reduction_details                         ? 
_reflns.data_reduction_method                          ? 
_reflns.d_resolution_high                              1.6 
_reflns.d_resolution_low                               60.6 
_reflns.details                                        ? 
_reflns.limit_h_max                                    ? 
_reflns.limit_h_min                                    ? 
_reflns.limit_k_max                                    ? 
_reflns.limit_k_min                                    ? 
_reflns.limit_l_max                                    ? 
_reflns.limit_l_min                                    ? 
_reflns.number_all                                     ? 
_reflns.number_obs                                     19980 
_reflns.observed_criterion                             ? 
_reflns.observed_criterion_F_max                       ? 
_reflns.observed_criterion_F_min                       ? 
_reflns.observed_criterion_I_max                       ? 
_reflns.observed_criterion_I_min                       ? 
_reflns.observed_criterion_sigma_F                     ? 
_reflns.observed_criterion_sigma_I                     ? 
_reflns.percent_possible_obs                           100 
_reflns.R_free_details                                 ? 
_reflns.Rmerge_F_all                                   ? 
_reflns.Rmerge_F_obs                                   ? 
_reflns.Friedel_coverage                               ? 
_reflns.number_gt                                      ? 
_reflns.threshold_expression                           ? 
_reflns.pdbx_redundancy                                12.6 
_reflns.pdbx_Rmerge_I_obs                              ? 
_reflns.pdbx_Rmerge_I_all                              ? 
_reflns.pdbx_Rsym_value                                ? 
_reflns.pdbx_netI_over_av_sigmaI                       ? 
_reflns.pdbx_netI_over_sigmaI                          25.3 
_reflns.pdbx_res_netI_over_av_sigmaI_2                 ? 
_reflns.pdbx_res_netI_over_sigmaI_2                    ? 
_reflns.pdbx_chi_squared                               ? 
_reflns.pdbx_scaling_rejects                           ? 
_reflns.pdbx_d_res_high_opt                            ? 
_reflns.pdbx_d_res_low_opt                             ? 
_reflns.pdbx_d_res_opt_method                          ? 
_reflns.phase_calculation_details                      ? 
_reflns.pdbx_Rrim_I_all                                ? 
_reflns.pdbx_Rpim_I_all                                ? 
_reflns.pdbx_d_opt                                     ? 
_reflns.pdbx_number_measured_all                       ? 
_reflns.pdbx_diffrn_id                                 1 
_reflns.pdbx_ordinal                                   1 
_reflns.pdbx_CC_half                                   0.997 
_reflns.pdbx_CC_star                                   ? 
_reflns.pdbx_R_split                                   ? 
_reflns.pdbx_aniso_diffraction_limit_axis_1_ortho[1]   ? 
_reflns.pdbx_aniso_diffraction_limit_axis_1_ortho[2]   ? 
_reflns.pdbx_aniso_diffraction_limit_axis_1_ortho[3]   ? 
_reflns.pdbx_aniso_diffraction_limit_axis_2_ortho[1]   ? 
_reflns.pdbx_aniso_diffraction_limit_axis_2_ortho[2]   ? 
_reflns.pdbx_aniso_diffraction_limit_axis_2_ortho[3]   ? 
_reflns.pdbx_aniso_diffraction_limit_axis_3_ortho[1]   ? 
_reflns.pdbx_aniso_diffraction_limit_axis_3_ortho[2]   ? 
_reflns.pdbx_aniso_diffraction_limit_axis_3_ortho[3]   ? 
_reflns.pdbx_aniso_diffraction_limit_1                 ? 
_reflns.pdbx_aniso_diffraction_limit_2                 ? 
_reflns.pdbx_aniso_diffraction_limit_3                 ? 
_reflns.pdbx_aniso_B_tensor_eigenvector_1_ortho[1]     ? 
_reflns.pdbx_aniso_B_tensor_eigenvector_1_ortho[2]     ? 
_reflns.pdbx_aniso_B_tensor_eigenvector_1_ortho[3]     ? 
_reflns.pdbx_aniso_B_tensor_eigenvector_2_ortho[1]     ? 
_reflns.pdbx_aniso_B_tensor_eigenvector_2_ortho[2]     ? 
_reflns.pdbx_aniso_B_tensor_eigenvector_2_ortho[3]     ? 
_reflns.pdbx_aniso_B_tensor_eigenvector_3_ortho[1]     ? 
_reflns.pdbx_aniso_B_tensor_eigenvector_3_ortho[2]     ? 
_reflns.pdbx_aniso_B_tensor_eigenvector_3_ortho[3]     ? 
_reflns.pdbx_aniso_B_tensor_eigenvalue_1               ? 
_reflns.pdbx_aniso_B_tensor_eigenvalue_2               ? 
_reflns.pdbx_aniso_B_tensor_eigenvalue_3               ? 
_reflns.pdbx_orthogonalization_convention              ? 
_reflns.pdbx_percent_possible_ellipsoidal              ? 
_reflns.pdbx_percent_possible_spherical                ? 
_reflns.pdbx_percent_possible_ellipsoidal_anomalous    ? 
_reflns.pdbx_percent_possible_spherical_anomalous      ? 
_reflns.pdbx_redundancy_anomalous                      ? 
_reflns.pdbx_CC_half_anomalous                         ? 
_reflns.pdbx_absDiff_over_sigma_anomalous              ? 
_reflns.pdbx_percent_possible_anomalous                ? 
_reflns.pdbx_observed_signal_threshold                 ? 
_reflns.pdbx_signal_type                               ? 
_reflns.pdbx_signal_details                            ? 
_reflns.pdbx_signal_software_id                        ? 
_reflns.pdbx_CC_split_method                           ? 
# 
_reflns_shell.d_res_high                                    1.6 
_reflns_shell.d_res_low                                     1.63 
_reflns_shell.meanI_over_sigI_all                           ? 
_reflns_shell.meanI_over_sigI_obs                           ? 
_reflns_shell.number_measured_all                           ? 
_reflns_shell.number_measured_obs                           ? 
_reflns_shell.number_possible                               ? 
_reflns_shell.number_unique_all                             ? 
_reflns_shell.number_unique_obs                             975 
_reflns_shell.percent_possible_all                          ? 
_reflns_shell.percent_possible_obs                          ? 
_reflns_shell.Rmerge_F_all                                  ? 
_reflns_shell.Rmerge_F_obs                                  ? 
_reflns_shell.Rmerge_I_all                                  ? 
_reflns_shell.Rmerge_I_obs                                  ? 
_reflns_shell.meanI_over_sigI_gt                            ? 
_reflns_shell.meanI_over_uI_all                             ? 
_reflns_shell.meanI_over_uI_gt                              ? 
_reflns_shell.number_measured_gt                            ? 
_reflns_shell.number_unique_gt                              ? 
_reflns_shell.percent_possible_gt                           ? 
_reflns_shell.Rmerge_F_gt                                   ? 
_reflns_shell.Rmerge_I_gt                                   ? 
_reflns_shell.pdbx_redundancy                               ? 
_reflns_shell.pdbx_Rsym_value                               ? 
_reflns_shell.pdbx_chi_squared                              ? 
_reflns_shell.pdbx_netI_over_sigmaI_all                     ? 
_reflns_shell.pdbx_netI_over_sigmaI_obs                     ? 
_reflns_shell.pdbx_Rrim_I_all                               ? 
_reflns_shell.pdbx_Rpim_I_all                               ? 
_reflns_shell.pdbx_rejects                                  ? 
_reflns_shell.pdbx_ordinal                                  1 
_reflns_shell.pdbx_diffrn_id                                1 
_reflns_shell.pdbx_CC_half                                  0.986 
_reflns_shell.pdbx_CC_star                                  ? 
_reflns_shell.pdbx_R_split                                  ? 
_reflns_shell.pdbx_percent_possible_ellipsoidal             ? 
_reflns_shell.pdbx_percent_possible_spherical               ? 
_reflns_shell.pdbx_percent_possible_ellipsoidal_anomalous   ? 
_reflns_shell.pdbx_percent_possible_spherical_anomalous     ? 
_reflns_shell.pdbx_redundancy_anomalous                     ? 
_reflns_shell.pdbx_CC_half_anomalous                        ? 
_reflns_shell.pdbx_absDiff_over_sigma_anomalous             ? 
_reflns_shell.pdbx_percent_possible_anomalous               ? 
# 
_refine.aniso_B[1][1]                            0.04 
_refine.aniso_B[1][2]                            0.00 
_refine.aniso_B[1][3]                            0.00 
_refine.aniso_B[2][2]                            -0.09 
_refine.aniso_B[2][3]                            0.00 
_refine.aniso_B[3][3]                            0.05 
_refine.B_iso_max                                ? 
_refine.B_iso_mean                               13.006 
_refine.B_iso_min                                ? 
_refine.correlation_coeff_Fo_to_Fc               0.959 
_refine.correlation_coeff_Fo_to_Fc_free          0.950 
_refine.details                                  'HYDROGENS HAVE BEEN ADDED IN THE RIDING POSITIONS' 
_refine.diff_density_max                         ? 
_refine.diff_density_max_esd                     ? 
_refine.diff_density_min                         ? 
_refine.diff_density_min_esd                     ? 
_refine.diff_density_rms                         ? 
_refine.diff_density_rms_esd                     ? 
_refine.entry_id                                 8A3A 
_refine.pdbx_refine_id                           'X-RAY DIFFRACTION' 
_refine.ls_abs_structure_details                 ? 
_refine.ls_abs_structure_Flack                   ? 
_refine.ls_abs_structure_Flack_esd               ? 
_refine.ls_abs_structure_Rogers                  ? 
_refine.ls_abs_structure_Rogers_esd              ? 
_refine.ls_d_res_high                            1.60 
_refine.ls_d_res_low                             44.83 
_refine.ls_extinction_coef                       ? 
_refine.ls_extinction_coef_esd                   ? 
_refine.ls_extinction_expression                 ? 
_refine.ls_extinction_method                     ? 
_refine.ls_goodness_of_fit_all                   ? 
_refine.ls_goodness_of_fit_all_esd               ? 
_refine.ls_goodness_of_fit_obs                   ? 
_refine.ls_goodness_of_fit_obs_esd               ? 
_refine.ls_hydrogen_treatment                    ? 
_refine.ls_matrix_type                           ? 
_refine.ls_number_constraints                    ? 
_refine.ls_number_parameters                     ? 
_refine.ls_number_reflns_all                     ? 
_refine.ls_number_reflns_obs                     18993 
_refine.ls_number_reflns_R_free                  948 
_refine.ls_number_reflns_R_work                  ? 
_refine.ls_number_restraints                     ? 
_refine.ls_percent_reflns_obs                    100.00 
_refine.ls_percent_reflns_R_free                 4.8 
_refine.ls_R_factor_all                          ? 
_refine.ls_R_factor_obs                          0.16527 
_refine.ls_R_factor_R_free                       0.19313 
_refine.ls_R_factor_R_free_error                 ? 
_refine.ls_R_factor_R_free_error_details         ? 
_refine.ls_R_factor_R_work                       0.16386 
_refine.ls_R_Fsqd_factor_obs                     ? 
_refine.ls_R_I_factor_obs                        ? 
_refine.ls_redundancy_reflns_all                 ? 
_refine.ls_redundancy_reflns_obs                 ? 
_refine.ls_restrained_S_all                      ? 
_refine.ls_restrained_S_obs                      ? 
_refine.ls_shift_over_esd_max                    ? 
_refine.ls_shift_over_esd_mean                   ? 
_refine.ls_structure_factor_coef                 ? 
_refine.ls_weighting_details                     ? 
_refine.ls_weighting_scheme                      ? 
_refine.ls_wR_factor_all                         ? 
_refine.ls_wR_factor_obs                         ? 
_refine.ls_wR_factor_R_free                      ? 
_refine.ls_wR_factor_R_work                      ? 
_refine.occupancy_max                            ? 
_refine.occupancy_min                            ? 
_refine.solvent_model_details                    MASK 
_refine.solvent_model_param_bsol                 ? 
_refine.solvent_model_param_ksol                 ? 
_refine.pdbx_R_complete                          ? 
_refine.ls_R_factor_gt                           ? 
_refine.ls_goodness_of_fit_gt                    ? 
_refine.ls_goodness_of_fit_ref                   ? 
_refine.ls_shift_over_su_max                     ? 
_refine.ls_shift_over_su_max_lt                  ? 
_refine.ls_shift_over_su_mean                    ? 
_refine.ls_shift_over_su_mean_lt                 ? 
_refine.pdbx_ls_sigma_I                          ? 
_refine.pdbx_ls_sigma_F                          ? 
_refine.pdbx_ls_sigma_Fsqd                       ? 
_refine.pdbx_data_cutoff_high_absF               ? 
_refine.pdbx_data_cutoff_high_rms_absF           ? 
_refine.pdbx_data_cutoff_low_absF                ? 
_refine.pdbx_isotropic_thermal_model             ? 
_refine.pdbx_ls_cross_valid_method               THROUGHOUT 
_refine.pdbx_method_to_determine_struct          'MOLECULAR REPLACEMENT' 
_refine.pdbx_starting_model                      3zr0 
_refine.pdbx_stereochemistry_target_values       'MAXIMUM LIKELIHOOD' 
_refine.pdbx_R_Free_selection_details            RANDOM 
_refine.pdbx_stereochem_target_val_spec_case     ? 
_refine.pdbx_overall_ESU_R                       0.088 
_refine.pdbx_overall_ESU_R_Free                  0.086 
_refine.pdbx_solvent_vdw_probe_radii             1.20 
_refine.pdbx_solvent_ion_probe_radii             0.80 
_refine.pdbx_solvent_shrinkage_radii             0.80 
_refine.pdbx_real_space_R                        ? 
_refine.pdbx_density_correlation                 ? 
_refine.pdbx_pd_number_of_powder_patterns        ? 
_refine.pdbx_pd_number_of_points                 ? 
_refine.pdbx_pd_meas_number_of_points            ? 
_refine.pdbx_pd_proc_ls_prof_R_factor            ? 
_refine.pdbx_pd_proc_ls_prof_wR_factor           ? 
_refine.pdbx_pd_Marquardt_correlation_coeff      ? 
_refine.pdbx_pd_Fsqrd_R_factor                   ? 
_refine.pdbx_pd_ls_matrix_band_width             ? 
_refine.pdbx_overall_phase_error                 ? 
_refine.pdbx_overall_SU_R_free_Cruickshank_DPI   ? 
_refine.pdbx_overall_SU_R_free_Blow_DPI          ? 
_refine.pdbx_overall_SU_R_Blow_DPI               ? 
_refine.pdbx_TLS_residual_ADP_flag               ? 
_refine.pdbx_diffrn_id                           1 
_refine.overall_SU_B                             1.477 
_refine.overall_SU_ML                            0.053 
_refine.overall_SU_R_Cruickshank_DPI             ? 
_refine.overall_SU_R_free                        ? 
_refine.overall_FOM_free_R_set                   ? 
_refine.overall_FOM_work_R_set                   ? 
_refine.pdbx_average_fsc_overall                 ? 
_refine.pdbx_average_fsc_work                    ? 
_refine.pdbx_average_fsc_free                    ? 
# 
_refine_hist.pdbx_refine_id                   'X-RAY DIFFRACTION' 
_refine_hist.cycle_id                         1 
_refine_hist.details                          ? 
_refine_hist.d_res_high                       1.60 
_refine_hist.d_res_low                        44.83 
_refine_hist.number_atoms_solvent             136 
_refine_hist.number_atoms_total               1413 
_refine_hist.number_reflns_all                ? 
_refine_hist.number_reflns_obs                ? 
_refine_hist.number_reflns_R_free             ? 
_refine_hist.number_reflns_R_work             ? 
_refine_hist.R_factor_all                     ? 
_refine_hist.R_factor_obs                     ? 
_refine_hist.R_factor_R_free                  ? 
_refine_hist.R_factor_R_work                  ? 
_refine_hist.pdbx_number_residues_total       ? 
_refine_hist.pdbx_B_iso_mean_ligand           ? 
_refine_hist.pdbx_B_iso_mean_solvent          ? 
_refine_hist.pdbx_number_atoms_protein        1254 
_refine_hist.pdbx_number_atoms_nucleic_acid   0 
_refine_hist.pdbx_number_atoms_ligand         23 
_refine_hist.pdbx_number_atoms_lipid          ? 
_refine_hist.pdbx_number_atoms_carb           ? 
_refine_hist.pdbx_pseudo_atom_details         ? 
# 
loop_
_refine_ls_restr.pdbx_refine_id 
_refine_ls_restr.criterion 
_refine_ls_restr.dev_ideal 
_refine_ls_restr.dev_ideal_target 
_refine_ls_restr.number 
_refine_ls_restr.rejects 
_refine_ls_restr.type 
_refine_ls_restr.weight 
_refine_ls_restr.pdbx_restraint_function 
'X-RAY DIFFRACTION' ? 0.023  0.019  1339 ? r_bond_refined_d             ? ? 
'X-RAY DIFFRACTION' ? 0.002  0.020  1239 ? r_bond_other_d               ? ? 
'X-RAY DIFFRACTION' ? 2.115  1.973  1818 ? r_angle_refined_deg          ? ? 
'X-RAY DIFFRACTION' ? 1.074  3.000  2856 ? r_angle_other_deg            ? ? 
'X-RAY DIFFRACTION' ? 7.163  5.000  161  ? r_dihedral_angle_1_deg       ? ? 
'X-RAY DIFFRACTION' ? 30.136 24.242 66   ? r_dihedral_angle_2_deg       ? ? 
'X-RAY DIFFRACTION' ? 13.221 15.000 227  ? r_dihedral_angle_3_deg       ? ? 
'X-RAY DIFFRACTION' ? 11.951 15.000 8    ? r_dihedral_angle_4_deg       ? ? 
'X-RAY DIFFRACTION' ? 0.135  0.200  187  ? r_chiral_restr               ? ? 
'X-RAY DIFFRACTION' ? 0.011  0.021  1533 ? r_gen_planes_refined         ? ? 
'X-RAY DIFFRACTION' ? 0.002  0.020  326  ? r_gen_planes_other           ? ? 
'X-RAY DIFFRACTION' ? ?      ?      ?    ? r_nbd_refined                ? ? 
'X-RAY DIFFRACTION' ? ?      ?      ?    ? r_nbd_other                  ? ? 
'X-RAY DIFFRACTION' ? ?      ?      ?    ? r_nbtor_refined              ? ? 
'X-RAY DIFFRACTION' ? ?      ?      ?    ? r_nbtor_other                ? ? 
'X-RAY DIFFRACTION' ? ?      ?      ?    ? r_xyhbond_nbd_refined        ? ? 
'X-RAY DIFFRACTION' ? ?      ?      ?    ? r_xyhbond_nbd_other          ? ? 
'X-RAY DIFFRACTION' ? ?      ?      ?    ? r_metal_ion_refined          ? ? 
'X-RAY DIFFRACTION' ? ?      ?      ?    ? r_metal_ion_other            ? ? 
'X-RAY DIFFRACTION' ? ?      ?      ?    ? r_symmetry_vdw_refined       ? ? 
'X-RAY DIFFRACTION' ? ?      ?      ?    ? r_symmetry_vdw_other         ? ? 
'X-RAY DIFFRACTION' ? ?      ?      ?    ? r_symmetry_hbond_refined     ? ? 
'X-RAY DIFFRACTION' ? ?      ?      ?    ? r_symmetry_hbond_other       ? ? 
'X-RAY DIFFRACTION' ? ?      ?      ?    ? r_symmetry_metal_ion_refined ? ? 
'X-RAY DIFFRACTION' ? ?      ?      ?    ? r_symmetry_metal_ion_other   ? ? 
'X-RAY DIFFRACTION' ? 1.429  0.978  635  ? r_mcbond_it                  ? ? 
'X-RAY DIFFRACTION' ? 1.425  0.977  634  ? r_mcbond_other               ? ? 
'X-RAY DIFFRACTION' ? 2.257  1.464  799  ? r_mcangle_it                 ? ? 
'X-RAY DIFFRACTION' ? 2.258  1.465  800  ? r_mcangle_other              ? ? 
'X-RAY DIFFRACTION' ? 3.074  1.345  703  ? r_scbond_it                  ? ? 
'X-RAY DIFFRACTION' ? 3.028  1.329  700  ? r_scbond_other               ? ? 
'X-RAY DIFFRACTION' ? ?      ?      ?    ? r_scangle_it                 ? ? 
'X-RAY DIFFRACTION' ? 4.616  1.860  1014 ? r_scangle_other              ? ? 
'X-RAY DIFFRACTION' ? 6.376  9.411  1519 ? r_long_range_B_refined       ? ? 
'X-RAY DIFFRACTION' ? 6.267  8.932  1474 ? r_long_range_B_other         ? ? 
'X-RAY DIFFRACTION' ? ?      ?      ?    ? r_rigid_bond_restr           ? ? 
'X-RAY DIFFRACTION' ? ?      ?      ?    ? r_sphericity_free            ? ? 
'X-RAY DIFFRACTION' ? ?      ?      ?    ? r_sphericity_bonded          ? ? 
# 
_refine_ls_shell.pdbx_refine_id                   'X-RAY DIFFRACTION' 
_refine_ls_shell.d_res_high                       1.600 
_refine_ls_shell.d_res_low                        1.642 
_refine_ls_shell.number_reflns_all                ? 
_refine_ls_shell.number_reflns_obs                ? 
_refine_ls_shell.number_reflns_R_free             60 
_refine_ls_shell.number_reflns_R_work             1409 
_refine_ls_shell.percent_reflns_obs               100.00 
_refine_ls_shell.percent_reflns_R_free            ? 
_refine_ls_shell.R_factor_all                     ? 
_refine_ls_shell.R_factor_obs                     ? 
_refine_ls_shell.R_factor_R_free                  0.267 
_refine_ls_shell.R_factor_R_free_error            ? 
_refine_ls_shell.R_factor_R_work                  0.187 
_refine_ls_shell.redundancy_reflns_all            ? 
_refine_ls_shell.redundancy_reflns_obs            ? 
_refine_ls_shell.wR_factor_all                    ? 
_refine_ls_shell.wR_factor_obs                    ? 
_refine_ls_shell.wR_factor_R_free                 ? 
_refine_ls_shell.wR_factor_R_work                 ? 
_refine_ls_shell.pdbx_R_complete                  ? 
_refine_ls_shell.pdbx_total_number_of_bins_used   20 
_refine_ls_shell.pdbx_phase_error                 ? 
_refine_ls_shell.pdbx_fsc_work                    ? 
_refine_ls_shell.pdbx_fsc_free                    ? 
# 
_struct.entry_id                     8A3A 
_struct.title                        'MTH1 in complex with TH013074' 
_struct.pdbx_model_details           ? 
_struct.pdbx_formula_weight          ? 
_struct.pdbx_formula_weight_method   ? 
_struct.pdbx_model_type_details      ? 
_struct.pdbx_CASP_flag               N 
# 
_struct_keywords.entry_id        8A3A 
_struct_keywords.text            'NUDIX, inhibitor, HYDROLASE' 
_struct_keywords.pdbx_keywords   HYDROLASE 
# 
loop_
_struct_asym.id 
_struct_asym.pdbx_blank_PDB_chainid_flag 
_struct_asym.pdbx_modified 
_struct_asym.entity_id 
_struct_asym.details 
A N N 1 ? 
B N N 2 ? 
C N N 3 ? 
D N N 4 ? 
# 
loop_
_struct_conf.conf_type_id 
_struct_conf.id 
_struct_conf.pdbx_PDB_helix_id 
_struct_conf.beg_label_comp_id 
_struct_conf.beg_label_asym_id 
_struct_conf.beg_label_seq_id 
_struct_conf.pdbx_beg_PDB_ins_code 
_struct_conf.end_label_comp_id 
_struct_conf.end_label_asym_id 
_struct_conf.end_label_seq_id 
_struct_conf.pdbx_end_PDB_ins_code 
_struct_conf.beg_auth_comp_id 
_struct_conf.beg_auth_asym_id 
_struct_conf.beg_auth_seq_id 
_struct_conf.end_auth_comp_id 
_struct_conf.end_auth_asym_id 
_struct_conf.end_auth_seq_id 
_struct_conf.pdbx_PDB_helix_class 
_struct_conf.details 
_struct_conf.pdbx_PDB_helix_length 
HELX_P HELX_P1 AA1 THR A 47  ? GLY A 61  ? THR A 44  GLY A 58  1 ? 15 
HELX_P HELX_P2 AA2 ASP A 112 ? ILE A 114 ? ASP A 109 ILE A 111 5 ? 3  
HELX_P HELX_P3 AA3 PRO A 115 ? MET A 119 ? PRO A 112 MET A 116 5 ? 5  
HELX_P HELX_P4 AA4 TRP A 120 ? PRO A 121 ? TRP A 117 PRO A 118 5 ? 2  
HELX_P HELX_P5 AA5 ASP A 122 ? GLN A 132 ? ASP A 119 GLN A 129 1 ? 11 
# 
_struct_conf_type.id          HELX_P 
_struct_conf_type.criteria    ? 
_struct_conf_type.reference   ? 
# 
loop_
_struct_sheet.id 
_struct_sheet.type 
_struct_sheet.number_strands 
_struct_sheet.details 
AA1 ? 3 ? 
AA2 ? 7 ? 
AA3 ? 2 ? 
# 
loop_
_struct_sheet_order.sheet_id 
_struct_sheet_order.range_id_1 
_struct_sheet_order.range_id_2 
_struct_sheet_order.offset 
_struct_sheet_order.sense 
AA1 1 2 ? anti-parallel 
AA1 2 3 ? anti-parallel 
AA2 1 2 ? anti-parallel 
AA2 2 3 ? anti-parallel 
AA2 3 4 ? parallel      
AA2 4 5 ? anti-parallel 
AA2 5 6 ? parallel      
AA2 6 7 ? anti-parallel 
AA3 1 2 ? anti-parallel 
# 
loop_
_struct_sheet_range.sheet_id 
_struct_sheet_range.id 
_struct_sheet_range.beg_label_comp_id 
_struct_sheet_range.beg_label_asym_id 
_struct_sheet_range.beg_label_seq_id 
_struct_sheet_range.pdbx_beg_PDB_ins_code 
_struct_sheet_range.end_label_comp_id 
_struct_sheet_range.end_label_asym_id 
_struct_sheet_range.end_label_seq_id 
_struct_sheet_range.pdbx_end_PDB_ins_code 
_struct_sheet_range.beg_auth_comp_id 
_struct_sheet_range.beg_auth_asym_id 
_struct_sheet_range.beg_auth_seq_id 
_struct_sheet_range.end_auth_comp_id 
_struct_sheet_range.end_auth_asym_id 
_struct_sheet_range.end_auth_seq_id 
AA1 1 TRP A 35  ? ASN A 36  ? TRP A 32  ASN A 33  
AA1 2 ARG A 20  ? LYS A 26  ? ARG A 17  LYS A 23  
AA1 3 MET A 104 ? GLN A 110 ? MET A 101 GLN A 107 
AA2 1 TRP A 35  ? ASN A 36  ? TRP A 32  ASN A 33  
AA2 2 ARG A 20  ? LYS A 26  ? ARG A 17  LYS A 23  
AA2 3 SER A 7   ? LEU A 16  ? SER A 4   LEU A 13  
AA2 4 LEU A 83  ? THR A 91  ? LEU A 80  THR A 88  
AA2 5 HIS A 68  ? PHE A 77  ? HIS A 65  PHE A 74  
AA2 6 LYS A 135 ? GLN A 143 ? LYS A 132 GLN A 140 
AA2 7 THR A 147 ? VAL A 156 ? THR A 144 VAL A 153 
AA3 1 THR A 63  ? VAL A 64  ? THR A 60  VAL A 61  
AA3 2 ILE A 94  ? GLN A 95  ? ILE A 91  GLN A 92  
# 
loop_
_pdbx_struct_sheet_hbond.sheet_id 
_pdbx_struct_sheet_hbond.range_id_1 
_pdbx_struct_sheet_hbond.range_id_2 
_pdbx_struct_sheet_hbond.range_1_label_atom_id 
_pdbx_struct_sheet_hbond.range_1_label_comp_id 
_pdbx_struct_sheet_hbond.range_1_label_asym_id 
_pdbx_struct_sheet_hbond.range_1_label_seq_id 
_pdbx_struct_sheet_hbond.range_1_PDB_ins_code 
_pdbx_struct_sheet_hbond.range_1_auth_atom_id 
_pdbx_struct_sheet_hbond.range_1_auth_comp_id 
_pdbx_struct_sheet_hbond.range_1_auth_asym_id 
_pdbx_struct_sheet_hbond.range_1_auth_seq_id 
_pdbx_struct_sheet_hbond.range_2_label_atom_id 
_pdbx_struct_sheet_hbond.range_2_label_comp_id 
_pdbx_struct_sheet_hbond.range_2_label_asym_id 
_pdbx_struct_sheet_hbond.range_2_label_seq_id 
_pdbx_struct_sheet_hbond.range_2_PDB_ins_code 
_pdbx_struct_sheet_hbond.range_2_auth_atom_id 
_pdbx_struct_sheet_hbond.range_2_auth_comp_id 
_pdbx_struct_sheet_hbond.range_2_auth_asym_id 
_pdbx_struct_sheet_hbond.range_2_auth_seq_id 
AA1 1 2 O ASN A 36  ? O ASN A 33  N GLY A 24  ? N GLY A 21  
AA1 2 3 N LEU A 23  ? N LEU A 20  O CYS A 107 ? O CYS A 104 
AA2 1 2 O ASN A 36  ? O ASN A 33  N GLY A 24  ? N GLY A 21  
AA2 2 3 O LEU A 22  ? O LEU A 19  N VAL A 15  ? N VAL A 12  
AA2 3 4 N ARG A 8   ? N ARG A 5   O ASP A 85  ? O ASP A 82  
AA2 4 5 O VAL A 86  ? O VAL A 83  N ILE A 73  ? N ILE A 70  
AA2 5 6 N GLU A 76  ? N GLU A 73  O PHE A 142 ? O PHE A 139 
AA2 6 7 N LYS A 141 ? N LYS A 138 O ASP A 150 ? O ASP A 147 
AA3 1 2 N THR A 63  ? N THR A 60  O GLN A 95  ? O GLN A 92  
# 
_atom_sites.entry_id                    8A3A 
_atom_sites.Cartn_transf_matrix[1][1]   ? 
_atom_sites.Cartn_transf_matrix[1][2]   ? 
_atom_sites.Cartn_transf_matrix[1][3]   ? 
_atom_sites.Cartn_transf_matrix[2][1]   ? 
_atom_sites.Cartn_transf_matrix[2][2]   ? 
_atom_sites.Cartn_transf_matrix[2][3]   ? 
_atom_sites.Cartn_transf_matrix[3][1]   ? 
_atom_sites.Cartn_transf_matrix[3][2]   ? 
_atom_sites.Cartn_transf_matrix[3][3]   ? 
_atom_sites.Cartn_transf_vector[1]      ? 
_atom_sites.Cartn_transf_vector[2]      ? 
_atom_sites.Cartn_transf_vector[3]      ? 
_atom_sites.fract_transf_matrix[1][1]   0.01649210 
_atom_sites.fract_transf_matrix[1][2]   0.02060565 
_atom_sites.fract_transf_matrix[1][3]   -0.00843840 
_atom_sites.fract_transf_matrix[2][1]   -0.00001762 
_atom_sites.fract_transf_matrix[2][2]   -0.00624361 
_atom_sites.fract_transf_matrix[2][3]   -0.01528065 
_atom_sites.fract_transf_matrix[3][1]   -0.01205538 
_atom_sites.fract_transf_matrix[3][2]   0.00827054 
_atom_sites.fract_transf_matrix[3][3]   -0.00336541 
_atom_sites.fract_transf_vector[1]      0.257157 
_atom_sites.fract_transf_vector[2]      0.266724 
_atom_sites.fract_transf_vector[3]      0.201806 
_atom_sites.solution_primary            ? 
_atom_sites.solution_secondary          ? 
_atom_sites.solution_hydrogens          ? 
_atom_sites.special_details             ? 
# 
loop_
_atom_type.symbol 
C 
N 
O 
S 
# 
loop_
_atom_site.group_PDB 
_atom_site.id 
_atom_site.type_symbol 
_atom_site.label_atom_id 
_atom_site.label_alt_id 
_atom_site.label_comp_id 
_atom_site.label_asym_id 
_atom_site.label_entity_id 
_atom_site.label_seq_id 
_atom_site.pdbx_PDB_ins_code 
_atom_site.Cartn_x 
_atom_site.Cartn_y 
_atom_site.Cartn_z 
_atom_site.occupancy 
_atom_site.B_iso_or_equiv 
_atom_site.pdbx_formal_charge 
_atom_site.auth_seq_id 
_atom_site.auth_comp_id 
_atom_site.auth_asym_id 
_atom_site.auth_atom_id 
_atom_site.pdbx_PDB_model_num 
ATOM   1    N N   . ALA A 1 6   ? 11.440  -16.862 5.584   1.00 25.28 ? 3   ALA A N   1 
ATOM   2    C CA  . ALA A 1 6   ? 10.171  -17.324 4.988   1.00 23.73 ? 3   ALA A CA  1 
ATOM   3    C C   . ALA A 1 6   ? 9.351   -16.043 4.752   1.00 21.64 ? 3   ALA A C   1 
ATOM   4    O O   . ALA A 1 6   ? 8.405   -15.751 5.549   1.00 21.03 ? 3   ALA A O   1 
ATOM   5    C CB  . ALA A 1 6   ? 9.432   -18.205 5.988   1.00 29.03 ? 3   ALA A CB  1 
ATOM   6    N N   . SER A 1 7   ? 9.729   -15.258 3.750   1.00 18.61 ? 4   SER A N   1 
ATOM   7    C CA  . SER A 1 7   ? 8.873   -14.085 3.363   1.00 15.25 ? 4   SER A CA  1 
ATOM   8    C C   . SER A 1 7   ? 8.560   -14.073 1.894   1.00 18.21 ? 4   SER A C   1 
ATOM   9    O O   . SER A 1 7   ? 9.306   -14.663 1.110   1.00 21.63 ? 4   SER A O   1 
ATOM   10   C CB  . SER A 1 7   ? 9.463   -12.753 3.862   1.00 18.00 ? 4   SER A CB  1 
ATOM   11   O OG  . SER A 1 7   ? 10.553  -12.264 3.110   1.00 21.96 ? 4   SER A OG  1 
ATOM   12   N N   . ARG A 1 8   ? 7.418   -13.515 1.520   1.00 13.32 ? 5   ARG A N   1 
ATOM   13   C CA  . ARG A 1 8   ? 6.971   -13.416 0.151   1.00 12.43 ? 5   ARG A CA  1 
ATOM   14   C C   . ARG A 1 8   ? 6.838   -11.929 -0.216  1.00 9.93  ? 5   ARG A C   1 
ATOM   15   O O   . ARG A 1 8   ? 6.365   -11.141 0.574   1.00 8.25  ? 5   ARG A O   1 
ATOM   16   C CB  . ARG A 1 8   ? 5.605   -14.015 0.024   1.00 15.56 ? 5   ARG A CB  1 
ATOM   17   C CG  . ARG A 1 8   ? 5.022   -14.030 -1.401  1.00 20.94 ? 5   ARG A CG  1 
ATOM   18   C CD  . ARG A 1 8   ? 5.382   -15.278 -2.117  1.00 31.63 ? 5   ARG A CD  1 
ATOM   19   N NE  . ARG A 1 8   ? 4.182   -16.078 -2.279  1.00 41.82 ? 5   ARG A NE  1 
ATOM   20   C CZ  . ARG A 1 8   ? 3.311   -15.933 -3.267  1.00 42.33 ? 5   ARG A CZ  1 
ATOM   21   N NH1 . ARG A 1 8   ? 3.491   -15.012 -4.194  1.00 45.68 ? 5   ARG A NH1 1 
ATOM   22   N NH2 . ARG A 1 8   ? 2.239   -16.697 -3.276  1.00 36.09 ? 5   ARG A NH2 1 
ATOM   23   N N   . LEU A 1 9   ? 7.293   -11.560 -1.422  1.00 7.41  ? 6   LEU A N   1 
ATOM   24   C CA  . LEU A 1 9   ? 7.299   -10.133 -1.835  1.00 7.15  ? 6   LEU A CA  1 
ATOM   25   C C   . LEU A 1 9   ? 5.959   -9.659  -2.331  1.00 7.21  ? 6   LEU A C   1 
ATOM   26   O O   . LEU A 1 9   ? 5.301   -10.327 -3.173  1.00 8.83  ? 6   LEU A O   1 
ATOM   27   C CB  . LEU A 1 9   ? 8.271   -9.979  -3.075  1.00 7.38  ? 6   LEU A CB  1 
ATOM   28   C CG  . LEU A 1 9   ? 9.701   -10.139 -2.724  1.00 9.14  ? 6   LEU A CG  1 
ATOM   29   C CD1 . LEU A 1 9   ? 10.482  -10.223 -4.056  1.00 10.73 ? 6   LEU A CD1 1 
ATOM   30   C CD2 . LEU A 1 9   ? 10.195  -8.954  -1.856  1.00 9.56  ? 6   LEU A CD2 1 
ATOM   31   N N   . TYR A 1 10  ? 5.589   -8.479  -1.867  1.00 6.19  ? 7   TYR A N   1 
ATOM   32   C CA  . TYR A 1 10  ? 4.380   -7.769  -2.347  1.00 5.80  ? 7   TYR A CA  1 
ATOM   33   C C   . TYR A 1 10  ? 4.746   -6.292  -2.596  1.00 5.66  ? 7   TYR A C   1 
ATOM   34   O O   . TYR A 1 10  ? 5.768   -5.793  -2.019  1.00 5.37  ? 7   TYR A O   1 
ATOM   35   C CB  . TYR A 1 10  ? 3.283   -7.802  -1.268  1.00 6.63  ? 7   TYR A CB  1 
ATOM   36   C CG  . TYR A 1 10  ? 2.730   -9.186  -1.029  1.00 6.53  ? 7   TYR A CG  1 
ATOM   37   C CD1 . TYR A 1 10  ? 3.380   -10.016 -0.166  1.00 7.09  ? 7   TYR A CD1 1 
ATOM   38   C CD2 . TYR A 1 10  ? 1.555   -9.569  -1.610  1.00 8.04  ? 7   TYR A CD2 1 
ATOM   39   C CE1 . TYR A 1 10  ? 2.931   -11.287 0.137   1.00 8.46  ? 7   TYR A CE1 1 
ATOM   40   C CE2 . TYR A 1 10  ? 1.074   -10.873 -1.335  1.00 8.79  ? 7   TYR A CE2 1 
ATOM   41   C CZ  . TYR A 1 10  ? 1.781   -11.679 -0.505  1.00 8.62  ? 7   TYR A CZ  1 
ATOM   42   O OH  . TYR A 1 10  ? 1.296   -13.024 -0.201  1.00 13.05 ? 7   TYR A OH  1 
ATOM   43   N N   . THR A 1 11  ? 3.893   -5.632  -3.400  1.00 5.56  ? 8   THR A N   1 
ATOM   44   C CA  . THR A 1 11  ? 4.037   -4.188  -3.624  1.00 5.69  ? 8   THR A CA  1 
ATOM   45   C C   . THR A 1 11  ? 2.793   -3.493  -3.154  1.00 5.67  ? 8   THR A C   1 
ATOM   46   O O   . THR A 1 11  ? 1.723   -4.088  -2.997  1.00 5.52  ? 8   THR A O   1 
ATOM   47   C CB  . THR A 1 11  ? 4.194   -3.939  -5.149  1.00 6.33  ? 8   THR A CB  1 
ATOM   48   O OG1 . THR A 1 11  ? 3.027   -4.428  -5.834  1.00 7.74  ? 8   THR A OG1 1 
ATOM   49   C CG2 . THR A 1 11  ? 5.495   -4.571  -5.620  1.00 6.87  ? 8   THR A CG2 1 
ATOM   50   N N   . LEU A 1 12  ? 2.955   -2.187  -2.896  1.00 5.06  ? 9   LEU A N   1 
ATOM   51   C CA  . LEU A 1 12  ? 1.868   -1.325  -2.525  1.00 5.81  ? 9   LEU A CA  1 
ATOM   52   C C   . LEU A 1 12  ? 2.186   0.077   -3.035  1.00 5.32  ? 9   LEU A C   1 
ATOM   53   O O   . LEU A 1 12  ? 3.252   0.605   -2.709  1.00 5.76  ? 9   LEU A O   1 
ATOM   54   C CB  . LEU A 1 12  ? 1.645   -1.270  -0.974  1.00 6.25  ? 9   LEU A CB  1 
ATOM   55   C CG  . LEU A 1 12  ? 0.393   -0.514  -0.523  1.00 7.18  ? 9   LEU A CG  1 
ATOM   56   C CD1 . LEU A 1 12  ? -0.871  -1.210  -0.995  1.00 7.39  ? 9   LEU A CD1 1 
ATOM   57   C CD2 . LEU A 1 12  ? 0.425   -0.440  1.001   1.00 7.61  ? 9   LEU A CD2 1 
ATOM   58   N N   . VAL A 1 13  ? 1.294   0.640   -3.846  1.00 5.59  ? 10  VAL A N   1 
ATOM   59   C CA  . VAL A 1 13  ? 1.528   1.955   -4.494  1.00 6.35  ? 10  VAL A CA  1 
ATOM   60   C C   . VAL A 1 13  ? 0.435   2.959   -4.076  1.00 6.34  ? 10  VAL A C   1 
ATOM   61   O O   . VAL A 1 13  ? -0.769  2.691   -4.153  1.00 6.08  ? 10  VAL A O   1 
ATOM   62   C CB  . VAL A 1 13  ? 1.467   1.816   -6.029  1.00 6.44  ? 10  VAL A CB  1 
ATOM   63   C CG1 . VAL A 1 13  ? 1.678   3.150   -6.683  1.00 6.72  ? 10  VAL A CG1 1 
ATOM   64   C CG2 . VAL A 1 13  ? 2.523   0.814   -6.510  1.00 7.57  ? 10  VAL A CG2 1 
ATOM   65   N N   . LEU A 1 14  ? 0.908   4.108   -3.583  1.00 6.43  ? 11  LEU A N   1 
ATOM   66   C CA  . LEU A 1 14  ? 0.050   5.234   -3.204  1.00 6.68  ? 11  LEU A CA  1 
ATOM   67   C C   . LEU A 1 14  ? 0.267   6.381   -4.184  1.00 7.11  ? 11  LEU A C   1 
ATOM   68   O O   . LEU A 1 14  ? 1.390   6.906   -4.339  1.00 8.02  ? 11  LEU A O   1 
ATOM   69   C CB  . LEU A 1 14  ? 0.355   5.719   -1.784  1.00 8.00  ? 11  LEU A CB  1 
ATOM   70   C CG  . LEU A 1 14  ? -0.117  4.908   -0.590  1.00 10.00 ? 11  LEU A CG  1 
ATOM   71   C CD1 . LEU A 1 14  ? -1.624  4.721   -0.639  1.00 11.62 ? 11  LEU A CD1 1 
ATOM   72   C CD2 . LEU A 1 14  ? 0.589   3.602   -0.523  1.00 12.48 ? 11  LEU A CD2 1 
ATOM   73   N N   . VAL A 1 15  ? -0.827  6.776   -4.829  1.00 6.76  ? 12  VAL A N   1 
ATOM   74   C CA  . VAL A 1 15  ? -0.870  7.893   -5.805  1.00 6.86  ? 12  VAL A CA  1 
ATOM   75   C C   . VAL A 1 15  ? -1.216  9.112   -4.915  1.00 7.11  ? 12  VAL A C   1 
ATOM   76   O O   . VAL A 1 15  ? -2.384  9.282   -4.508  1.00 7.56  ? 12  VAL A O   1 
ATOM   77   C CB  . VAL A 1 15  ? -1.879  7.735   -6.941  1.00 7.97  ? 12  VAL A CB  1 
ATOM   78   C CG1 . VAL A 1 15  ? -1.787  8.949   -7.816  1.00 8.83  ? 12  VAL A CG1 1 
ATOM   79   C CG2 . VAL A 1 15  ? -1.621  6.434   -7.716  1.00 8.99  ? 12  VAL A CG2 1 
ATOM   80   N N   . LEU A 1 16  ? -0.165  9.874   -4.556  1.00 8.12  ? 13  LEU A N   1 
ATOM   81   C CA  . LEU A 1 16  ? -0.228  10.965  -3.557  1.00 9.97  ? 13  LEU A CA  1 
ATOM   82   C C   . LEU A 1 16  ? 0.097   12.303  -4.222  1.00 10.73 ? 13  LEU A C   1 
ATOM   83   O O   . LEU A 1 16  ? 1.226   12.514  -4.633  1.00 10.64 ? 13  LEU A O   1 
ATOM   84   C CB  . LEU A 1 16  ? 0.638   10.681  -2.331  1.00 11.05 ? 13  LEU A CB  1 
ATOM   85   C CG  . LEU A 1 16  ? 0.815   11.794  -1.349  1.00 11.38 ? 13  LEU A CG  1 
ATOM   86   C CD1 . LEU A 1 16  ? -0.513  12.111  -0.736  1.00 12.60 ? 13  LEU A CD1 1 
ATOM   87   C CD2 . LEU A 1 16  ? 1.796   11.327  -0.260  1.00 12.21 ? 13  LEU A CD2 1 
ATOM   88   N N   . GLN A 1 17  ? -0.903  13.183  -4.278  1.00 11.21 ? 14  GLN A N   1 
ATOM   89   C CA  . GLN A 1 17  ? -0.826  14.484  -4.936  1.00 13.23 ? 14  GLN A CA  1 
ATOM   90   C C   . GLN A 1 17  ? -0.847  15.519  -3.838  1.00 13.67 ? 14  GLN A C   1 
ATOM   91   O O   . GLN A 1 17  ? -1.061  15.183  -2.698  1.00 13.95 ? 14  GLN A O   1 
ATOM   92   C CB  . GLN A 1 17  ? -1.964  14.597  -5.938  1.00 14.36 ? 14  GLN A CB  1 
ATOM   93   C CG  . GLN A 1 17  ? -1.782  13.616  -7.075  1.00 15.02 ? 14  GLN A CG  1 
ATOM   94   C CD  . GLN A 1 17  ? -2.783  13.786  -8.212  1.00 16.54 ? 14  GLN A CD  1 
ATOM   95   O OE1 . GLN A 1 17  ? -3.867  14.287  -8.024  1.00 17.69 ? 14  GLN A OE1 1 
ATOM   96   N NE2 . GLN A 1 17  ? -2.386  13.374  -9.386  1.00 20.12 ? 14  GLN A NE2 1 
ATOM   97   N N   . PRO A 1 18  ? -0.618  16.789  -4.166  1.00 16.52 ? 15  PRO A N   1 
ATOM   98   C CA  . PRO A 1 18  ? -0.470  17.704  -3.049  1.00 17.40 ? 15  PRO A CA  1 
ATOM   99   C C   . PRO A 1 18  ? -1.631  17.848  -2.094  1.00 17.36 ? 15  PRO A C   1 
ATOM   100  O O   . PRO A 1 18  ? -1.365  18.006  -0.854  1.00 18.90 ? 15  PRO A O   1 
ATOM   101  C CB  . PRO A 1 18  ? -0.105  19.010  -3.740  1.00 18.78 ? 15  PRO A CB  1 
ATOM   102  C CG  . PRO A 1 18  ? 0.634   18.587  -4.960  1.00 19.73 ? 15  PRO A CG  1 
ATOM   103  C CD  . PRO A 1 18  ? -0.136  17.348  -5.428  1.00 18.83 ? 15  PRO A CD  1 
ATOM   104  N N   . GLN A 1 19  ? -2.880  17.700  -2.585  1.00 16.31 ? 16  GLN A N   1 
ATOM   105  C CA  . GLN A 1 19  ? -4.048  17.828  -1.715  1.00 18.64 ? 16  GLN A CA  1 
ATOM   106  C C   . GLN A 1 19  ? -4.953  16.615  -1.684  1.00 17.23 ? 16  GLN A C   1 
ATOM   107  O O   . GLN A 1 19  ? -6.045  16.658  -1.083  1.00 18.87 ? 16  GLN A O   1 
ATOM   108  C CB  . GLN A 1 19  ? -4.905  18.976  -2.233  1.00 22.25 ? 16  GLN A CB  1 
ATOM   109  C CG  . GLN A 1 19  ? -4.129  20.200  -2.688  1.00 28.97 ? 16  GLN A CG  1 
ATOM   110  C CD  . GLN A 1 19  ? -3.495  20.916  -1.518  1.00 35.34 ? 16  GLN A CD  1 
ATOM   111  O OE1 . GLN A 1 19  ? -3.888  20.728  -0.363  1.00 40.48 ? 16  GLN A OE1 1 
ATOM   112  N NE2 . GLN A 1 19  ? -2.491  21.753  -1.817  1.00 44.99 ? 16  GLN A NE2 1 
ATOM   113  N N   . ARG A 1 20  ? -4.546  15.508  -2.297  1.00 11.84 ? 17  ARG A N   1 
ATOM   114  C CA  . ARG A 1 20  ? -5.430  14.370  -2.301  1.00 10.53 ? 17  ARG A CA  1 
ATOM   115  C C   . ARG A 1 20  ? -4.616  13.084  -2.549  1.00 8.68  ? 17  ARG A C   1 
ATOM   116  O O   . ARG A 1 20  ? -3.482  13.154  -3.072  1.00 8.74  ? 17  ARG A O   1 
ATOM   117  C CB  . ARG A 1 20  ? -6.484  14.538  -3.391  1.00 11.35 ? 17  ARG A CB  1 
ATOM   118  C CG  . ARG A 1 20  ? -5.995  14.559  -4.771  1.00 10.60 ? 17  ARG A CG  1 
ATOM   119  C CD  . ARG A 1 20  ? -7.085  14.702  -5.763  1.00 12.35 ? 17  ARG A CD  1 
ATOM   120  N NE  . ARG A 1 20  ? -6.586  14.524  -7.081  1.00 13.10 ? 17  ARG A NE  1 
ATOM   121  C CZ  . ARG A 1 20  ? -7.356  14.479  -8.184  1.00 15.09 ? 17  ARG A CZ  1 
ATOM   122  N NH1 . ARG A 1 20  ? -8.627  14.610  -8.128  1.00 16.62 ? 17  ARG A NH1 1 
ATOM   123  N NH2 . ARG A 1 20  ? -6.800  14.291  -9.332  1.00 15.64 ? 17  ARG A NH2 1 
ATOM   124  N N   . VAL A 1 21  ? -5.183  11.949  -2.129  1.00 7.45  ? 18  VAL A N   1 
ATOM   125  C CA  . VAL A 1 21  ? -4.556  10.614  -2.329  1.00 7.66  ? 18  VAL A CA  1 
ATOM   126  C C   . VAL A 1 21  ? -5.594  9.682   -2.910  1.00 6.60  ? 18  VAL A C   1 
ATOM   127  O O   . VAL A 1 21  ? -6.798  9.783   -2.542  1.00 6.57  ? 18  VAL A O   1 
ATOM   128  C CB  . VAL A 1 21  ? -3.985  10.077  -0.974  1.00 7.84  ? 18  VAL A CB  1 
ATOM   129  C CG1 . VAL A 1 21  ? -5.064  9.898   0.049   1.00 8.10  ? 18  VAL A CG1 1 
ATOM   130  C CG2 . VAL A 1 21  ? -3.193  8.793   -1.189  1.00 8.02  ? 18  VAL A CG2 1 
ATOM   131  N N   . LEU A 1 22  ? -5.196  8.769   -3.767  1.00 6.28  ? 19  LEU A N   1 
ATOM   132  C CA  . LEU A 1 22  ? -6.133  7.813   -4.361  1.00 6.13  ? 19  LEU A CA  1 
ATOM   133  C C   . LEU A 1 22  ? -6.078  6.511   -3.569  1.00 6.67  ? 19  LEU A C   1 
ATOM   134  O O   . LEU A 1 22  ? -5.006  5.984   -3.354  1.00 7.33  ? 19  LEU A O   1 
ATOM   135  C CB  . LEU A 1 22  ? -5.776  7.516   -5.778  1.00 6.74  ? 19  LEU A CB  1 
ATOM   136  C CG  . LEU A 1 22  ? -6.763  6.647   -6.607  1.00 7.30  ? 19  LEU A CG  1 
ATOM   137  C CD1 . LEU A 1 22  ? -8.013  7.407   -6.939  1.00 6.92  ? 19  LEU A CD1 1 
ATOM   138  C CD2 . LEU A 1 22  ? -6.065  6.230   -7.892  1.00 7.82  ? 19  LEU A CD2 1 
ATOM   139  N N   . LEU A 1 23  ? -7.202  6.021   -3.145  1.00 6.08  ? 20  LEU A N   1 
ATOM   140  C CA  . LEU A 1 23  ? -7.321  4.709   -2.512  1.00 6.27  ? 20  LEU A CA  1 
ATOM   141  C C   . LEU A 1 23  ? -8.346  3.879   -3.241  1.00 6.82  ? 20  LEU A C   1 
ATOM   142  O O   . LEU A 1 23  ? -9.213  4.417   -3.957  1.00 8.14  ? 20  LEU A O   1 
ATOM   143  C CB  . LEU A 1 23  ? -7.706  4.841   -1.017  1.00 6.71  ? 20  LEU A CB  1 
ATOM   144  C CG  . LEU A 1 23  ? -6.701  5.655   -0.185  1.00 6.25  ? 20  LEU A CG  1 
ATOM   145  C CD1 . LEU A 1 23  ? -7.325  5.984   1.181   1.00 6.51  ? 20  LEU A CD1 1 
ATOM   146  C CD2 . LEU A 1 23  ? -5.442  4.881   -0.005  1.00 6.86  ? 20  LEU A CD2 1 
ATOM   147  N N   . GLY A 1 24  ? -8.223  2.574   -3.105  1.00 6.46  ? 21  GLY A N   1 
ATOM   148  C CA  . GLY A 1 24  ? -9.200  1.702   -3.728  1.00 6.95  ? 21  GLY A CA  1 
ATOM   149  C C   . GLY A 1 24  ? -9.880  0.828   -2.702  1.00 6.57  ? 21  GLY A C   1 
ATOM   150  O O   . GLY A 1 24  ? -9.208  0.224   -1.817  1.00 7.47  ? 21  GLY A O   1 
ATOM   151  N N   . MET A 1 25  ? -11.239 0.710   -2.808  1.00 6.80  ? 22  MET A N   1 
ATOM   152  C CA  . MET A 1 25  ? -12.001 -0.194  -1.971  1.00 8.11  ? 22  MET A CA  1 
ATOM   153  C C   . MET A 1 25  ? -12.003 -1.579  -2.626  1.00 7.85  ? 22  MET A C   1 
ATOM   154  O O   . MET A 1 25  ? -12.495 -1.751  -3.735  1.00 7.29  ? 22  MET A O   1 
ATOM   155  C CB  . MET A 1 25  ? -13.446 0.360   -1.797  1.00 10.16 ? 22  MET A CB  1 
ATOM   156  C CG  . MET A 1 25  ? -14.428 -0.595  -1.176  1.00 12.07 ? 22  MET A CG  1 
ATOM   157  S SD  . MET A 1 25  ? -13.955 -1.209  0.421   1.00 12.28 ? 22  MET A SD  1 
ATOM   158  C CE  . MET A 1 25  ? -13.962 0.274   1.419   1.00 11.21 ? 22  MET A CE  1 
ATOM   159  N N   . LYS A 1 26  ? -11.373 -2.579  -1.995  1.00 9.04  ? 23  LYS A N   1 
ATOM   160  C CA  . LYS A 1 26  ? -11.282 -3.874  -2.563  1.00 9.30  ? 23  LYS A CA  1 
ATOM   161  C C   . LYS A 1 26  ? -12.588 -4.625  -2.357  1.00 8.80  ? 23  LYS A C   1 
ATOM   162  O O   . LYS A 1 26  ? -13.177 -4.612  -1.279  1.00 8.80  ? 23  LYS A O   1 
ATOM   163  C CB  . LYS A 1 26  ? -10.122 -4.643  -1.850  1.00 11.97 ? 23  LYS A CB  1 
ATOM   164  C CG  . LYS A 1 26  ? -9.711  -5.920  -2.623  1.00 15.87 ? 23  LYS A CG  1 
ATOM   165  C CD  . LYS A 1 26  ? -8.216  -6.189  -2.790  1.00 22.65 ? 23  LYS A CD  1 
ATOM   166  C CE  . LYS A 1 26  ? -7.944  -7.315  -3.780  1.00 25.36 ? 23  LYS A CE  1 
ATOM   167  N NZ  . LYS A 1 26  ? -8.172  -8.536  -3.038  1.00 26.84 ? 23  LYS A NZ  1 
ATOM   168  N N   . LYS A 1 27  ? -13.037 -5.213  -3.448  1.00 9.45  ? 24  LYS A N   1 
ATOM   169  C CA  . LYS A 1 27  ? -14.406 -5.801  -3.439  1.00 12.92 ? 24  LYS A CA  1 
ATOM   170  C C   . LYS A 1 27  ? -14.412 -7.234  -3.084  1.00 16.10 ? 24  LYS A C   1 
ATOM   171  O O   . LYS A 1 27  ? -15.428 -7.684  -2.597  1.00 18.90 ? 24  LYS A O   1 
ATOM   172  C CB  . LYS A 1 27  ? -15.062 -5.616  -4.807  1.00 13.84 ? 24  LYS A CB  1 
ATOM   173  C CG  . LYS A 1 27  ? -15.277 -4.143  -5.077  1.00 17.11 ? 24  LYS A CG  1 
ATOM   174  C CD  . LYS A 1 27  ? -16.047 -3.978  -6.407  1.00 19.17 ? 24  LYS A CD  1 
ATOM   175  C CE  . LYS A 1 27  ? -16.104 -2.595  -6.952  1.00 17.28 ? 24  LYS A CE  1 
ATOM   176  N NZ  . LYS A 1 27  ? -17.079 -2.655  -8.108  1.00 17.38 ? 24  LYS A NZ  1 
ATOM   177  N N   . ARG A 1 28  ? -13.336 -7.955  -3.307  1.00 17.20 ? 25  ARG A N   1 
ATOM   178  C CA  . ARG A 1 28  ? -13.289 -9.353  -2.870  1.00 20.60 ? 25  ARG A CA  1 
ATOM   179  C C   . ARG A 1 28  ? -11.885 -9.856  -2.595  1.00 20.75 ? 25  ARG A C   1 
ATOM   180  O O   . ARG A 1 28  ? -10.895 -9.222  -2.988  1.00 21.82 ? 25  ARG A O   1 
ATOM   181  C CB  . ARG A 1 28  ? -13.937 -10.210 -3.954  1.00 28.28 ? 25  ARG A CB  1 
ATOM   182  C CG  . ARG A 1 28  ? -13.398 -9.940  -5.328  1.00 33.46 ? 25  ARG A CG  1 
ATOM   183  C CD  . ARG A 1 28  ? -14.497 -10.198 -6.349  1.00 45.27 ? 25  ARG A CD  1 
ATOM   184  N NE  . ARG A 1 28  ? -14.628 -11.636 -6.602  1.00 54.17 ? 25  ARG A NE  1 
ATOM   185  C CZ  . ARG A 1 28  ? -13.829 -12.358 -7.419  1.00 63.96 ? 25  ARG A CZ  1 
ATOM   186  N NH1 . ARG A 1 28  ? -12.799 -11.790 -8.065  1.00 60.86 ? 25  ARG A NH1 1 
ATOM   187  N NH2 . ARG A 1 28  ? -14.051 -13.676 -7.600  1.00 61.13 ? 25  ARG A NH2 1 
ATOM   188  N N   . GLY A 1 29  ? -11.771 -11.012 -1.932  1.00 18.37 ? 26  GLY A N   1 
ATOM   189  C CA  . GLY A 1 29  ? -10.451 -11.615 -1.695  1.00 17.17 ? 26  GLY A CA  1 
ATOM   190  C C   . GLY A 1 29  ? -9.753  -10.896 -0.513  1.00 15.81 ? 26  GLY A C   1 
ATOM   191  O O   . GLY A 1 29  ? -10.387 -10.295 0.310   1.00 14.33 ? 26  GLY A O   1 
ATOM   192  N N   . PHE A 1 30  ? -8.442  -11.005 -0.466  1.00 15.97 ? 27  PHE A N   1 
ATOM   193  C CA  . PHE A 1 30  ? -7.705  -10.531 0.694   1.00 16.03 ? 27  PHE A CA  1 
ATOM   194  C C   . PHE A 1 30  ? -7.777  -8.995  0.790   1.00 15.37 ? 27  PHE A C   1 
ATOM   195  O O   . PHE A 1 30  ? -7.505  -8.298  -0.172  1.00 15.71 ? 27  PHE A O   1 
ATOM   196  C CB  . PHE A 1 30  ? -6.277  -10.958 0.564   1.00 16.70 ? 27  PHE A CB  1 
ATOM   197  C CG  . PHE A 1 30  ? -5.444  -10.688 1.772   1.00 16.45 ? 27  PHE A CG  1 
ATOM   198  C CD1 . PHE A 1 30  ? -5.647  -11.420 2.951   1.00 17.27 ? 27  PHE A CD1 1 
ATOM   199  C CD2 . PHE A 1 30  ? -4.487  -9.728  1.727   1.00 16.03 ? 27  PHE A CD2 1 
ATOM   200  C CE1 . PHE A 1 30  ? -4.873  -11.181 4.067   1.00 16.65 ? 27  PHE A CE1 1 
ATOM   201  C CE2 . PHE A 1 30  ? -3.718  -9.495  2.844   1.00 14.79 ? 27  PHE A CE2 1 
ATOM   202  C CZ  . PHE A 1 30  ? -3.921  -10.205 3.988   1.00 14.76 ? 27  PHE A CZ  1 
ATOM   203  N N   . GLY A 1 31  ? -8.198  -8.482  1.949   1.00 14.95 ? 28  GLY A N   1 
ATOM   204  C CA  . GLY A 1 31  ? -8.343  -7.032  2.114   1.00 12.95 ? 28  GLY A CA  1 
ATOM   205  C C   . GLY A 1 31  ? -9.733  -6.505  1.761   1.00 12.36 ? 28  GLY A C   1 
ATOM   206  O O   . GLY A 1 31  ? -10.004 -5.297  1.841   1.00 10.61 ? 28  GLY A O   1 
ATOM   207  N N   . ALA A 1 32  ? -10.624 -7.412  1.343   1.00 11.49 ? 29  ALA A N   1 
ATOM   208  C CA  . ALA A 1 32  ? -11.947 -6.927  0.902   1.00 11.49 ? 29  ALA A CA  1 
ATOM   209  C C   . ALA A 1 32  ? -12.643 -6.155  1.954   1.00 10.56 ? 29  ALA A C   1 
ATOM   210  O O   . ALA A 1 32  ? -12.544 -6.484  3.151   1.00 14.05 ? 29  ALA A O   1 
ATOM   211  C CB  . ALA A 1 32  ? -12.759 -8.091  0.438   1.00 13.10 ? 29  ALA A CB  1 
ATOM   212  N N   . GLY A 1 33  ? -13.297 -5.081  1.574   1.00 9.13  ? 30  GLY A N   1 
ATOM   213  C CA  . GLY A 1 33  ? -13.949 -4.167  2.458   1.00 9.78  ? 30  GLY A CA  1 
ATOM   214  C C   . GLY A 1 33  ? -13.133 -3.052  3.080   1.00 9.65  ? 30  GLY A C   1 
ATOM   215  O O   . GLY A 1 33  ? -13.684 -2.222  3.798   1.00 12.14 ? 30  GLY A O   1 
ATOM   216  N N   . ARG A 1 34  ? -11.838 -3.016  2.747   1.00 8.25  ? 31  ARG A N   1 
ATOM   217  C CA  . ARG A 1 34  ? -11.002 -1.925  3.203   1.00 8.17  ? 31  ARG A CA  1 
ATOM   218  C C   . ARG A 1 34  ? -10.494 -1.126  2.031   1.00 7.07  ? 31  ARG A C   1 
ATOM   219  O O   . ARG A 1 34  ? -10.274 -1.673  0.931   1.00 9.33  ? 31  ARG A O   1 
ATOM   220  C CB  . ARG A 1 34  ? -9.814  -2.463  3.940   1.00 9.18  ? 31  ARG A CB  1 
ATOM   221  C CG  . ARG A 1 34  ? -10.242 -2.810  5.363   1.00 11.60 ? 31  ARG A CG  1 
ATOM   222  C CD  . ARG A 1 34  ? -9.250  -3.592  6.178   1.00 13.75 ? 31  ARG A CD  1 
ATOM   223  N NE  . ARG A 1 34  ? -9.586  -3.506  7.635   1.00 14.62 ? 31  ARG A NE  1 
ATOM   224  C CZ  . ARG A 1 34  ? -9.077  -4.342  8.548   1.00 15.91 ? 31  ARG A CZ  1 
ATOM   225  N NH1 . ARG A 1 34  ? -8.250  -5.267  8.206   1.00 15.29 ? 31  ARG A NH1 1 
ATOM   226  N NH2 . ARG A 1 34  ? -9.351  -4.174  9.828   1.00 18.70 ? 31  ARG A NH2 1 
ATOM   227  N N   . TRP A 1 35  ? -10.240 0.127   2.310   1.00 6.34  ? 32  TRP A N   1 
ATOM   228  C CA  . TRP A 1 35  ? -9.509  1.030   1.427   1.00 6.15  ? 32  TRP A CA  1 
ATOM   229  C C   . TRP A 1 35  ? -8.025  0.770   1.546   1.00 6.39  ? 32  TRP A C   1 
ATOM   230  O O   . TRP A 1 35  ? -7.524  0.620   2.664   1.00 6.87  ? 32  TRP A O   1 
ATOM   231  C CB  . TRP A 1 35  ? -9.788  2.499   1.758   1.00 6.52  ? 32  TRP A CB  1 
ATOM   232  C CG  . TRP A 1 35  ? -11.205 2.918   1.621   1.00 7.24  ? 32  TRP A CG  1 
ATOM   233  C CD1 . TRP A 1 35  ? -12.115 3.074   2.663   1.00 7.92  ? 32  TRP A CD1 1 
ATOM   234  C CD2 . TRP A 1 35  ? -11.905 3.357   0.405   1.00 6.88  ? 32  TRP A CD2 1 
ATOM   235  N NE1 . TRP A 1 35  ? -13.338 3.487   2.151   1.00 8.72  ? 32  TRP A NE1 1 
ATOM   236  C CE2 . TRP A 1 35  ? -13.233 3.677   0.787   1.00 7.83  ? 32  TRP A CE2 1 
ATOM   237  C CE3 . TRP A 1 35  ? -11.544 3.479   -0.920  1.00 6.75  ? 32  TRP A CE3 1 
ATOM   238  C CZ2 . TRP A 1 35  ? -14.135 4.148   -0.144  1.00 7.88  ? 32  TRP A CZ2 1 
ATOM   239  C CZ3 . TRP A 1 35  ? -12.436 3.923   -1.818  1.00 7.44  ? 32  TRP A CZ3 1 
ATOM   240  C CH2 . TRP A 1 35  ? -13.744 4.129   -1.433  1.00 6.74  ? 32  TRP A CH2 1 
ATOM   241  N N   . ASN A 1 36  ? -7.320  0.797   0.441   1.00 7.03  ? 33  ASN A N   1 
ATOM   242  C CA  . ASN A 1 36  ? -5.844  0.662   0.502   1.00 7.35  ? 33  ASN A CA  1 
ATOM   243  C C   . ASN A 1 36  ? -5.295  1.191   -0.787  1.00 7.00  ? 33  ASN A C   1 
ATOM   244  O O   . ASN A 1 36  ? -6.012  1.587   -1.735  1.00 7.81  ? 33  ASN A O   1 
ATOM   245  C CB  . ASN A 1 36  ? -5.400  -0.750  0.717   1.00 7.96  ? 33  ASN A CB  1 
ATOM   246  C CG  . ASN A 1 36  ? -3.959  -0.865  1.282   1.00 8.51  ? 33  ASN A CG  1 
ATOM   247  O OD1 . ASN A 1 36  ? -3.207  0.117   1.464   1.00 9.87  ? 33  ASN A OD1 1 
ATOM   248  N ND2 . ASN A 1 36  ? -3.600  -2.083  1.609   1.00 9.39  ? 33  ASN A ND2 1 
ATOM   249  N N   . GLY A 1 37  ? -3.973  1.260   -0.884  1.00 6.75  ? 34  GLY A N   1 
ATOM   250  C CA  . GLY A 1 37  ? -3.337  1.449   -2.135  1.00 6.84  ? 34  GLY A CA  1 
ATOM   251  C C   . GLY A 1 37  ? -3.391  0.218   -3.025  1.00 6.36  ? 34  GLY A C   1 
ATOM   252  O O   . GLY A 1 37  ? -4.123  -0.701  -2.769  1.00 6.77  ? 34  GLY A O   1 
ATOM   253  N N   . PHE A 1 38  ? -2.651  0.251   -4.121  1.00 5.85  ? 35  PHE A N   1 
ATOM   254  C CA  . PHE A 1 38  ? -2.749  -0.739  -5.192  1.00 5.98  ? 35  PHE A CA  1 
ATOM   255  C C   . PHE A 1 38  ? -1.504  -1.586  -5.255  1.00 5.95  ? 35  PHE A C   1 
ATOM   256  O O   . PHE A 1 38  ? -0.378  -1.044  -5.253  1.00 7.11  ? 35  PHE A O   1 
ATOM   257  C CB  . PHE A 1 38  ? -2.980  -0.012  -6.503  1.00 5.85  ? 35  PHE A CB  1 
ATOM   258  C CG  . PHE A 1 38  ? -4.230  0.889   -6.475  1.00 6.20  ? 35  PHE A CG  1 
ATOM   259  C CD1 . PHE A 1 38  ? -5.502  0.348   -6.567  1.00 6.23  ? 35  PHE A CD1 1 
ATOM   260  C CD2 . PHE A 1 38  ? -4.061  2.240   -6.285  1.00 6.55  ? 35  PHE A CD2 1 
ATOM   261  C CE1 . PHE A 1 38  ? -6.615  1.184   -6.509  1.00 6.79  ? 35  PHE A CE1 1 
ATOM   262  C CE2 . PHE A 1 38  ? -5.189  3.060   -6.243  1.00 7.18  ? 35  PHE A CE2 1 
ATOM   263  C CZ  . PHE A 1 38  ? -6.447  2.508   -6.338  1.00 6.73  ? 35  PHE A CZ  1 
ATOM   264  N N   . GLY A 1 39  ? -1.653  -2.899  -5.301  1.00 6.13  ? 36  GLY A N   1 
ATOM   265  C CA  . GLY A 1 39  ? -0.443  -3.748  -5.329  1.00 7.10  ? 36  GLY A CA  1 
ATOM   266  C C   . GLY A 1 39  ? -0.780  -5.199  -5.375  1.00 6.61  ? 36  GLY A C   1 
ATOM   267  O O   . GLY A 1 39  ? -1.979  -5.599  -5.498  1.00 7.94  ? 36  GLY A O   1 
ATOM   268  N N   . GLY A 1 40  ? 0.252   -6.049  -5.220  1.00 6.37  ? 37  GLY A N   1 
ATOM   269  C CA  . GLY A 1 40  ? 0.051   -7.437  -5.288  1.00 6.60  ? 37  GLY A CA  1 
ATOM   270  C C   . GLY A 1 40  ? 1.390   -8.157  -5.263  1.00 6.49  ? 37  GLY A C   1 
ATOM   271  O O   . GLY A 1 40  ? 2.437   -7.609  -4.873  1.00 6.85  ? 37  GLY A O   1 
ATOM   272  N N   . LYS A 1 41  ? 1.358   -9.428  -5.628  1.00 7.85  ? 38  LYS A N   1 
ATOM   273  C CA  . LYS A 1 41  ? 2.565   -10.296 -5.617  1.00 8.70  ? 38  LYS A CA  1 
ATOM   274  C C   . LYS A 1 41  ? 3.483   -9.953  -6.776  1.00 8.97  ? 38  LYS A C   1 
ATOM   275  O O   . LYS A 1 41  ? 3.062   -9.459  -7.813  1.00 12.25 ? 38  LYS A O   1 
ATOM   276  C CB  . LYS A 1 41  ? 2.085   -11.776 -5.784  1.00 10.19 ? 38  LYS A CB  1 
ATOM   277  C CG  . LYS A 1 41  ? 1.402   -12.286 -4.556  1.00 13.96 ? 38  LYS A CG  1 
ATOM   278  C CD  . LYS A 1 41  ? 0.627   -13.575 -4.860  1.00 21.10 ? 38  LYS A CD  1 
ATOM   279  C CE  . LYS A 1 41  ? -0.038  -14.040 -3.561  1.00 26.27 ? 38  LYS A CE  1 
ATOM   280  N NZ  . LYS A 1 41  ? -1.298  -14.730 -3.944  1.00 33.36 ? 38  LYS A NZ  1 
ATOM   281  N N   . VAL A 1 42  ? 4.777   -10.133 -6.549  1.00 8.72  ? 39  VAL A N   1 
ATOM   282  C CA  . VAL A 1 42  ? 5.782   -9.875  -7.601  1.00 8.84  ? 39  VAL A CA  1 
ATOM   283  C C   . VAL A 1 42  ? 6.034   -11.192 -8.324  1.00 9.22  ? 39  VAL A C   1 
ATOM   284  O O   . VAL A 1 42  ? 6.072   -12.210 -7.622  1.00 12.19 ? 39  VAL A O   1 
ATOM   285  C CB  . VAL A 1 42  ? 7.049   -9.332  -6.927  1.00 10.31 ? 39  VAL A CB  1 
ATOM   286  C CG1 . VAL A 1 42  ? 8.169   -9.115  -7.949  1.00 10.56 ? 39  VAL A CG1 1 
ATOM   287  C CG2 . VAL A 1 42  ? 6.795   -8.011  -6.172  1.00 10.48 ? 39  VAL A CG2 1 
ATOM   288  N N   . GLN A 1 43  ? 6.181   -11.166 -9.628  1.00 8.89  ? 40  GLN A N   1 
ATOM   289  C CA  . GLN A 1 43  ? 6.297   -12.428 -10.439 1.00 10.07 ? 40  GLN A CA  1 
ATOM   290  C C   . GLN A 1 43  ? 7.742   -12.850 -10.522 1.00 9.04  ? 40  GLN A C   1 
ATOM   291  O O   . GLN A 1 43  ? 8.667   -12.098 -10.283 1.00 8.10  ? 40  GLN A O   1 
ATOM   292  C CB  . GLN A 1 43  ? 5.703   -12.242 -11.812 1.00 11.91 ? 40  GLN A CB  1 
ATOM   293  C CG  . GLN A 1 43  ? 4.222   -12.004 -11.714 1.00 15.86 ? 40  GLN A CG  1 
ATOM   294  C CD  . GLN A 1 43  ? 3.519   -11.638 -12.985 1.00 19.15 ? 40  GLN A CD  1 
ATOM   295  O OE1 . GLN A 1 43  ? 4.069   -11.507 -14.076 1.00 25.21 ? 40  GLN A OE1 1 
ATOM   296  N NE2 . GLN A 1 43  ? 2.208   -11.366 -12.800 1.00 25.83 ? 40  GLN A NE2 1 
ATOM   297  N N   . GLU A 1 44  ? 7.902   -14.112 -10.921 1.00 9.72  ? 41  GLU A N   1 
ATOM   298  C CA  . GLU A 1 44  ? 9.199   -14.681 -11.275 1.00 10.28 ? 41  GLU A CA  1 
ATOM   299  C C   . GLU A 1 44  ? 9.777   -13.894 -12.446 1.00 9.03  ? 41  GLU A C   1 
ATOM   300  O O   . GLU A 1 44  ? 9.118   -13.656 -13.466 1.00 10.20 ? 41  GLU A O   1 
ATOM   301  C CB  . GLU A 1 44  ? 9.022   -16.186 -11.695 1.00 11.30 ? 41  GLU A CB  1 
ATOM   302  C CG  . GLU A 1 44  ? 8.653   -17.060 -10.493 1.00 13.53 ? 41  GLU A CG  1 
ATOM   303  C CD  . GLU A 1 44  ? 8.240   -18.479 -10.807 1.00 21.24 ? 41  GLU A CD  1 
ATOM   304  O OE1 . GLU A 1 44  ? 7.814   -18.731 -11.952 1.00 27.49 ? 41  GLU A OE1 1 
ATOM   305  O OE2 . GLU A 1 44  ? 8.245   -19.317 -9.841  1.00 23.68 ? 41  GLU A OE2 1 
ATOM   306  N N   . GLY A 1 45  ? 11.045  -13.456 -12.288 1.00 8.68  ? 42  GLY A N   1 
ATOM   307  C CA  . GLY A 1 45  ? 11.723  -12.765 -13.260 1.00 8.15  ? 42  GLY A CA  1 
ATOM   308  C C   . GLY A 1 45  ? 11.402  -11.274 -13.475 1.00 10.43 ? 42  GLY A C   1 
ATOM   309  O O   . GLY A 1 45  ? 11.853  -10.636 -14.413 1.00 13.32 ? 42  GLY A O   1 
ATOM   310  N N   . GLU A 1 46  ? 10.586  -10.755 -12.556 1.00 10.50 ? 43  GLU A N   1 
ATOM   311  C CA  . GLU A 1 46  ? 10.144  -9.394  -12.622 1.00 11.42 ? 43  GLU A CA  1 
ATOM   312  C C   . GLU A 1 46  ? 10.815  -8.650  -11.496 1.00 10.38 ? 43  GLU A C   1 
ATOM   313  O O   . GLU A 1 46  ? 10.836  -9.177  -10.372 1.00 10.65 ? 43  GLU A O   1 
ATOM   314  C CB  . GLU A 1 46  ? 8.640   -9.421  -12.303 1.00 13.09 ? 43  GLU A CB  1 
ATOM   315  C CG  . GLU A 1 46  ? 7.933   -8.116  -12.465 1.00 13.44 ? 43  GLU A CG  1 
ATOM   316  C CD  . GLU A 1 46  ? 6.430   -8.194  -12.175 1.00 10.88 ? 43  GLU A CD  1 
ATOM   317  O OE1 . GLU A 1 46  ? 5.756   -7.639  -13.051 1.00 14.10 ? 43  GLU A OE1 1 
ATOM   318  O OE2 . GLU A 1 46  ? 5.960   -8.719  -11.114 1.00 11.17 ? 43  GLU A OE2 1 
ATOM   319  N N   . THR A 1 47  ? 11.228  -7.397  -11.720 1.00 10.41 ? 44  THR A N   1 
ATOM   320  C CA  . THR A 1 47  ? 11.693  -6.607  -10.585 1.00 9.46  ? 44  THR A CA  1 
ATOM   321  C C   . THR A 1 47  ? 10.549  -6.140  -9.677  1.00 8.61  ? 44  THR A C   1 
ATOM   322  O O   . THR A 1 47  ? 9.408   -6.053  -10.094 1.00 9.25  ? 44  THR A O   1 
ATOM   323  C CB  . THR A 1 47  ? 12.494  -5.355  -10.984 1.00 10.62 ? 44  THR A CB  1 
ATOM   324  O OG1 . THR A 1 47  ? 11.627  -4.507  -11.707 1.00 13.18 ? 44  THR A OG1 1 
ATOM   325  C CG2 . THR A 1 47  ? 13.592  -5.765  -11.876 1.00 12.72 ? 44  THR A CG2 1 
ATOM   326  N N   . ILE A 1 48  ? 10.902  -5.785  -8.464  1.00 8.23  ? 45  ILE A N   1 
ATOM   327  C CA  . ILE A 1 48  ? 9.880   -5.267  -7.512  1.00 8.83  ? 45  ILE A CA  1 
ATOM   328  C C   . ILE A 1 48  ? 9.163   -4.024  -8.076  1.00 8.55  ? 45  ILE A C   1 
ATOM   329  O O   . ILE A 1 48  ? 7.911   -3.942  -8.074  1.00 7.78  ? 45  ILE A O   1 
ATOM   330  C CB  . ILE A 1 48  ? 10.439  -5.038  -6.120  1.00 8.39  ? 45  ILE A CB  1 
ATOM   331  C CG1 . ILE A 1 48  ? 10.933  -6.332  -5.494  1.00 9.95  ? 45  ILE A CG1 1 
ATOM   332  C CG2 . ILE A 1 48  ? 9.379   -4.389  -5.231  1.00 8.99  ? 45  ILE A CG2 1 
ATOM   333  C CD1 . ILE A 1 48  ? 11.679  -6.161  -4.195  1.00 10.47 ? 45  ILE A CD1 1 
ATOM   334  N N   . GLU A 1 49  ? 9.951   -3.090  -8.615  1.00 9.62  ? 46  GLU A N   1 
ATOM   335  C CA  . GLU A 1 49  ? 9.385   -1.878  -9.173  1.00 10.76 ? 46  GLU A CA  1 
ATOM   336  C C   . GLU A 1 49  ? 8.526   -2.183  -10.394 1.00 9.50  ? 46  GLU A C   1 
ATOM   337  O O   . GLU A 1 49  ? 7.439   -1.582  -10.594 1.00 8.76  ? 46  GLU A O   1 
ATOM   338  C CB  . GLU A 1 49  ? 10.498  -0.884  -9.532  1.00 13.14 ? 46  GLU A CB  1 
ATOM   339  C CG  . GLU A 1 49  ? 9.900   0.419   -9.977  1.00 17.92 ? 46  GLU A CG  1 
ATOM   340  C CD  . GLU A 1 49  ? 10.929  1.522   -10.209 1.00 22.26 ? 46  GLU A CD  1 
ATOM   341  O OE1 . GLU A 1 49  ? 12.092  1.321   -9.792  1.00 26.22 ? 46  GLU A OE1 1 
ATOM   342  O OE2 . GLU A 1 49  ? 10.538  2.559   -10.799 1.00 27.54 ? 46  GLU A OE2 1 
ATOM   343  N N   . ASP A 1 50  ? 8.957   -3.112  -11.264 1.00 9.07  ? 47  ASP A N   1 
ATOM   344  C CA  . ASP A 1 50  ? 8.125   -3.436  -12.365 1.00 10.74 ? 47  ASP A CA  1 
ATOM   345  C C   . ASP A 1 50  ? 6.820   -4.100  -11.917 1.00 8.95  ? 47  ASP A C   1 
ATOM   346  O O   . ASP A 1 50  ? 5.757   -3.836  -12.516 1.00 9.45  ? 47  ASP A O   1 
ATOM   347  C CB  . ASP A 1 50  ? 8.860   -4.307  -13.442 1.00 12.15 ? 47  ASP A CB  1 
ATOM   348  C CG  . ASP A 1 50  ? 9.949   -3.537  -14.193 1.00 15.62 ? 47  ASP A CG  1 
ATOM   349  O OD1 . ASP A 1 50  ? 10.056  -2.311  -14.132 1.00 22.09 ? 47  ASP A OD1 1 
ATOM   350  O OD2 . ASP A 1 50  ? 10.709  -4.236  -14.860 1.00 21.82 ? 47  ASP A OD2 1 
ATOM   351  N N   . GLY A 1 51  ? 6.868   -4.926  -10.855 1.00 7.58  ? 48  GLY A N   1 
ATOM   352  C CA  . GLY A 1 51  ? 5.662   -5.467  -10.255 1.00 7.27  ? 48  GLY A CA  1 
ATOM   353  C C   . GLY A 1 51  ? 4.706   -4.409  -9.769  1.00 6.84  ? 48  GLY A C   1 
ATOM   354  O O   . GLY A 1 51  ? 3.448   -4.513  -9.935  1.00 6.97  ? 48  GLY A O   1 
ATOM   355  N N   . ALA A 1 52  ? 5.295   -3.392  -9.119  1.00 6.42  ? 49  ALA A N   1 
ATOM   356  C CA  . ALA A 1 52  ? 4.476   -2.263  -8.594  1.00 6.52  ? 49  ALA A CA  1 
ATOM   357  C C   . ALA A 1 52  ? 3.722   -1.544  -9.710  1.00 6.75  ? 49  ALA A C   1 
ATOM   358  O O   . ALA A 1 52  ? 2.535   -1.245  -9.591  1.00 7.46  ? 49  ALA A O   1 
ATOM   359  C CB  . ALA A 1 52  ? 5.367   -1.341  -7.739  1.00 6.65  ? 49  ALA A CB  1 
ATOM   360  N N   . ARG A 1 53  ? 4.425   -1.269  -10.791 1.00 7.06  ? 50  ARG A N   1 
ATOM   361  C CA  . ARG A 1 53  ? 3.844   -0.581  -11.929 1.00 8.08  ? 50  ARG A CA  1 
ATOM   362  C C   . ARG A 1 53  ? 2.721   -1.403  -12.580 1.00 7.67  ? 50  ARG A C   1 
ATOM   363  O O   . ARG A 1 53  ? 1.660   -0.880  -12.901 1.00 8.08  ? 50  ARG A O   1 
ATOM   364  C CB  . ARG A 1 53  ? 4.976   -0.212  -12.884 1.00 11.12 ? 50  ARG A CB  1 
ATOM   365  C CG  . ARG A 1 53  ? 4.505   0.416   -14.142 1.00 13.84 ? 50  ARG A CG  1 
ATOM   366  C CD  . ARG A 1 53  ? 5.686   0.807   -15.088 1.00 15.98 ? 50  ARG A CD  1 
ATOM   367  N NE  . ARG A 1 53  ? 6.627   1.603   -14.331 1.00 18.18 ? 50  ARG A NE  1 
ATOM   368  C CZ  . ARG A 1 53  ? 7.788   1.231   -13.867 1.00 19.33 ? 50  ARG A CZ  1 
ATOM   369  N NH1 . ARG A 1 53  ? 8.273   0.021   -14.058 1.00 25.20 ? 50  ARG A NH1 1 
ATOM   370  N NH2 . ARG A 1 53  ? 8.461   2.109   -13.171 1.00 22.55 ? 50  ARG A NH2 1 
ATOM   371  N N   . ARG A 1 54  ? 3.015   -2.700  -12.759 1.00 7.85  ? 51  ARG A N   1 
ATOM   372  C CA  . ARG A 1 54  ? 2.053   -3.631  -13.321 1.00 8.14  ? 51  ARG A CA  1 
ATOM   373  C C   . ARG A 1 54  ? 0.802   -3.677  -12.495 1.00 8.68  ? 51  ARG A C   1 
ATOM   374  O O   . ARG A 1 54  ? -0.305  -3.595  -13.004 1.00 8.51  ? 51  ARG A O   1 
ATOM   375  C CB  . ARG A 1 54  ? 2.634   -5.039  -13.533 1.00 8.70  ? 51  ARG A CB  1 
ATOM   376  C CG  . ARG A 1 54  ? 1.648   -6.057  -13.970 1.00 9.20  ? 51  ARG A CG  1 
ATOM   377  C CD  . ARG A 1 54  ? 2.244   -7.461  -14.113 1.00 11.24 ? 51  ARG A CD  1 
ATOM   378  N NE  . ARG A 1 54  ? 2.926   -7.866  -12.905 1.00 10.34 ? 51  ARG A NE  1 
ATOM   379  C CZ  . ARG A 1 54  ? 2.357   -8.209  -11.761 1.00 11.72 ? 51  ARG A CZ  1 
ATOM   380  N NH1 . ARG A 1 54  ? 1.034   -8.293  -11.643 1.00 12.69 ? 51  ARG A NH1 1 
ATOM   381  N NH2 . ARG A 1 54  ? 3.113   -8.495  -10.697 1.00 11.21 ? 51  ARG A NH2 1 
ATOM   382  N N   . GLU A 1 55  ? 0.959   -3.857  -11.161 1.00 8.64  ? 52  GLU A N   1 
ATOM   383  C CA  . GLU A 1 55  ? -0.220  -3.927  -10.290 1.00 9.73  ? 52  GLU A CA  1 
ATOM   384  C C   . GLU A 1 55  ? -1.027  -2.638  -10.206 1.00 8.05  ? 52  GLU A C   1 
ATOM   385  O O   . GLU A 1 55  ? -2.213  -2.677  -10.050 1.00 8.52  ? 52  GLU A O   1 
ATOM   386  C CB  . GLU A 1 55  ? 0.158   -4.365  -8.906  1.00 11.38 ? 52  GLU A CB  1 
ATOM   387  C CG  . GLU A 1 55  ? 0.593   -5.831  -8.900  1.00 14.07 ? 52  GLU A CG  1 
ATOM   388  C CD  . GLU A 1 55  ? -0.545  -6.797  -8.894  1.00 16.43 ? 52  GLU A CD  1 
ATOM   389  O OE1 . GLU A 1 55  ? -1.767  -6.496  -8.861  1.00 21.92 ? 52  GLU A OE1 1 
ATOM   390  O OE2 . GLU A 1 55  ? -0.175  -8.024  -8.934  1.00 25.47 ? 52  GLU A OE2 1 
ATOM   391  N N   . LEU A 1 56  ? -0.352  -1.477  -10.197 1.00 7.19  ? 53  LEU A N   1 
ATOM   392  C CA  . LEU A 1 56  ? -1.125  -0.230  -10.274 1.00 7.92  ? 53  LEU A CA  1 
ATOM   393  C C   . LEU A 1 56  ? -2.061  -0.264  -11.501 1.00 8.21  ? 53  LEU A C   1 
ATOM   394  O O   . LEU A 1 56  ? -3.241  0.057   -11.386 1.00 8.02  ? 53  LEU A O   1 
ATOM   395  C CB  . LEU A 1 56  ? -0.191  0.982   -10.363 1.00 8.47  ? 53  LEU A CB  1 
ATOM   396  C CG  . LEU A 1 56  ? -0.977  2.306   -10.382 1.00 8.58  ? 53  LEU A CG  1 
ATOM   397  C CD1 . LEU A 1 56  ? -1.693  2.546   -9.057  1.00 9.71  ? 53  LEU A CD1 1 
ATOM   398  C CD2 . LEU A 1 56  ? 0.043   3.395   -10.627 1.00 9.29  ? 53  LEU A CD2 1 
ATOM   399  N N   . GLN A 1 57  ? -1.546  -0.695  -12.673 1.00 9.08  ? 54  GLN A N   1 
ATOM   400  C CA  . GLN A 1 57  ? -2.412  -0.728  -13.865 1.00 10.10 ? 54  GLN A CA  1 
ATOM   401  C C   . GLN A 1 57  ? -3.553  -1.727  -13.739 1.00 10.99 ? 54  GLN A C   1 
ATOM   402  O O   . GLN A 1 57  ? -4.693  -1.374  -14.003 1.00 11.82 ? 54  GLN A O   1 
ATOM   403  C CB  . GLN A 1 57  ? -1.596  -1.016  -15.106 1.00 11.85 ? 54  GLN A CB  1 
ATOM   404  C CG  . GLN A 1 57  ? -2.407  -1.348  -16.396 1.00 14.62 ? 54  GLN A CG  1 
ATOM   405  C CD  . GLN A 1 57  ? -3.262  -0.282  -16.838 1.00 18.12 ? 54  GLN A CD  1 
ATOM   406  O OE1 . GLN A 1 57  ? -2.811  0.900   -16.997 1.00 21.31 ? 54  GLN A OE1 1 
ATOM   407  N NE2 . GLN A 1 57  ? -4.543  -0.662  -17.139 1.00 16.66 ? 54  GLN A NE2 1 
ATOM   408  N N   . GLU A 1 58  ? -3.246  -2.913  -13.229 1.00 11.22 ? 55  GLU A N   1 
ATOM   409  C CA  . GLU A 1 58  ? -4.225  -3.977  -13.129 1.00 11.05 ? 55  GLU A CA  1 
ATOM   410  C C   . GLU A 1 58  ? -5.357  -3.589  -12.226 1.00 11.35 ? 55  GLU A C   1 
ATOM   411  O O   . GLU A 1 58  ? -6.531  -3.860  -12.535 1.00 12.99 ? 55  GLU A O   1 
ATOM   412  C CB  . GLU A 1 58  ? -3.579  -5.297  -12.639 1.00 12.44 ? 55  GLU A CB  1 
ATOM   413  C CG  . GLU A 1 58  ? -2.629  -5.904  -13.649 1.00 15.66 ? 55  GLU A CG  1 
ATOM   414  C CD  . GLU A 1 58  ? -2.035  -7.251  -13.182 1.00 19.71 ? 55  GLU A CD  1 
ATOM   415  O OE1 . GLU A 1 58  ? -2.505  -7.744  -12.118 1.00 24.02 ? 55  GLU A OE1 1 
ATOM   416  O OE2 . GLU A 1 58  ? -1.124  -7.809  -13.852 1.00 22.22 ? 55  GLU A OE2 1 
ATOM   417  N N   . GLU A 1 59  ? -5.037  -2.887  -11.146 1.00 10.01 ? 56  GLU A N   1 
ATOM   418  C CA  . GLU A 1 59  ? -5.989  -2.635  -10.083 1.00 10.99 ? 56  GLU A CA  1 
ATOM   419  C C   . GLU A 1 59  ? -6.664  -1.252  -10.178 1.00 10.44 ? 56  GLU A C   1 
ATOM   420  O O   . GLU A 1 59  ? -7.838  -1.099  -9.669  1.00 10.67 ? 56  GLU A O   1 
ATOM   421  C CB  . GLU A 1 59  ? -5.312  -2.802  -8.731  1.00 12.66 ? 56  GLU A CB  1 
ATOM   422  C CG  . GLU A 1 59  ? -4.741  -4.194  -8.328  1.00 14.25 ? 56  GLU A CG  1 
ATOM   423  C CD  . GLU A 1 59  ? -4.788  -4.307  -6.834  1.00 18.79 ? 56  GLU A CD  1 
ATOM   424  O OE1 . GLU A 1 59  ? -4.341  -3.391  -6.174  1.00 16.70 ? 56  GLU A OE1 1 
ATOM   425  O OE2 . GLU A 1 59  ? -5.322  -5.276  -6.173  1.00 20.75 ? 56  GLU A OE2 1 
ATOM   426  N N   . SER A 1 60  ? -6.014  -0.249  -10.826 1.00 9.85  ? 57  SER A N   1 
ATOM   427  C CA  . SER A 1 60  ? -6.595  1.095   -10.893 1.00 9.33  ? 57  SER A CA  1 
ATOM   428  C C   . SER A 1 60  ? -6.793  1.584   -12.279 1.00 10.40 ? 57  SER A C   1 
ATOM   429  O O   . SER A 1 60  ? -7.480  2.637   -12.417 1.00 11.21 ? 57  SER A O   1 
ATOM   430  C CB  . SER A 1 60  ? -5.753  2.151   -10.147 1.00 8.99  ? 57  SER A CB  1 
ATOM   431  O OG  . SER A 1 60  ? -4.587  2.411   -10.836 1.00 8.10  ? 57  SER A OG  1 
ATOM   432  N N   . GLY A 1 61  ? -6.202  0.963   -13.302 1.00 10.76 ? 58  GLY A N   1 
ATOM   433  C CA  . GLY A 1 61  ? -6.263  1.553   -14.640 1.00 10.91 ? 58  GLY A CA  1 
ATOM   434  C C   . GLY A 1 61  ? -5.241  2.573   -15.002 1.00 11.57 ? 58  GLY A C   1 
ATOM   435  O O   . GLY A 1 61  ? -5.236  3.074   -16.139 1.00 11.48 ? 58  GLY A O   1 
ATOM   436  N N   . LEU A 1 62  ? -4.432  2.948   -14.048 1.00 10.54 ? 59  LEU A N   1 
ATOM   437  C CA  . LEU A 1 62  ? -3.498  4.040   -14.186 1.00 9.68  ? 59  LEU A CA  1 
ATOM   438  C C   . LEU A 1 62  ? -2.112  3.617   -14.607 1.00 9.45  ? 59  LEU A C   1 
ATOM   439  O O   . LEU A 1 62  ? -1.584  2.572   -14.167 1.00 9.45  ? 59  LEU A O   1 
ATOM   440  C CB  . LEU A 1 62  ? -3.320  4.831   -12.855 1.00 9.37  ? 59  LEU A CB  1 
ATOM   441  C CG  . LEU A 1 62  ? -4.550  5.558   -12.307 1.00 10.24 ? 59  LEU A CG  1 
ATOM   442  C CD1 . LEU A 1 62  ? -4.247  6.189   -10.938 1.00 11.04 ? 59  LEU A CD1 1 
ATOM   443  C CD2 . LEU A 1 62  ? -5.140  6.605   -13.278 1.00 10.80 ? 59  LEU A CD2 1 
ATOM   444  N N   . THR A 1 63  ? -1.492  4.418   -15.457 1.00 9.19  ? 60  THR A N   1 
ATOM   445  C CA  . THR A 1 63  ? -0.134  4.208   -15.883 1.00 9.15  ? 60  THR A CA  1 
ATOM   446  C C   . THR A 1 63  ? 0.807   5.125   -15.136 1.00 10.31 ? 60  THR A C   1 
ATOM   447  O O   . THR A 1 63  ? 0.629   6.349   -15.144 1.00 9.82  ? 60  THR A O   1 
ATOM   448  C CB  . THR A 1 63  ? -0.008  4.542   -17.402 1.00 9.80  ? 60  THR A CB  1 
ATOM   449  O OG1 . THR A 1 63  ? -0.849  3.626   -18.140 1.00 12.41 ? 60  THR A OG1 1 
ATOM   450  C CG2 . THR A 1 63  ? 1.417   4.330   -17.825 1.00 10.42 ? 60  THR A CG2 1 
ATOM   451  N N   . VAL A 1 64  ? 1.794   4.548   -14.467 1.00 10.02 ? 61  VAL A N   1 
ATOM   452  C CA  . VAL A 1 64  ? 2.867   5.338   -13.811 1.00 11.42 ? 61  VAL A CA  1 
ATOM   453  C C   . VAL A 1 64  ? 4.192   5.090   -14.598 1.00 14.08 ? 61  VAL A C   1 
ATOM   454  O O   . VAL A 1 64  ? 4.531   3.932   -14.981 1.00 16.58 ? 61  VAL A O   1 
ATOM   455  C CB  . VAL A 1 64  ? 2.939   4.981   -12.292 1.00 12.26 ? 61  VAL A CB  1 
ATOM   456  C CG1 . VAL A 1 64  ? 3.399   3.571   -12.048 1.00 12.39 ? 61  VAL A CG1 1 
ATOM   457  C CG2 . VAL A 1 64  ? 3.882   5.902   -11.539 1.00 12.83 ? 61  VAL A CG2 1 
ATOM   458  N N   . ASP A 1 65  ? 5.032   6.100   -14.652 1.00 20.60 ? 62  ASP A N   1 
ATOM   459  C CA  . ASP A 1 65  ? 6.428   5.893   -15.047 1.00 23.87 ? 62  ASP A CA  1 
ATOM   460  C C   . ASP A 1 65  ? 7.270   5.710   -13.770 1.00 25.45 ? 62  ASP A C   1 
ATOM   461  O O   . ASP A 1 65  ? 7.422   4.542   -13.259 1.00 24.70 ? 62  ASP A O   1 
ATOM   462  C CB  . ASP A 1 65  ? 6.907   7.060   -15.891 1.00 25.53 ? 62  ASP A CB  1 
ATOM   463  C CG  . ASP A 1 65  ? 6.185   7.131   -17.221 1.00 26.87 ? 62  ASP A CG  1 
ATOM   464  O OD1 . ASP A 1 65  ? 5.686   6.091   -17.750 1.00 24.57 ? 62  ASP A OD1 1 
ATOM   465  O OD2 . ASP A 1 65  ? 6.110   8.260   -17.696 1.00 29.93 ? 62  ASP A OD2 1 
ATOM   466  N N   . ALA A 1 66  ? 7.721   6.828   -13.214 1.00 30.36 ? 63  ALA A N   1 
ATOM   467  C CA  . ALA A 1 66  ? 8.729   6.817   -12.117 1.00 29.09 ? 63  ALA A CA  1 
ATOM   468  C C   . ALA A 1 66  ? 7.992   6.570   -10.773 1.00 19.93 ? 63  ALA A C   1 
ATOM   469  O O   . ALA A 1 66  ? 7.029   7.254   -10.478 1.00 21.34 ? 63  ALA A O   1 
ATOM   470  C CB  . ALA A 1 66  ? 9.460   8.167   -12.051 1.00 31.50 ? 63  ALA A CB  1 
ATOM   471  N N   . LEU A 1 67  ? 8.452   5.556   -10.069 1.00 19.70 ? 64  LEU A N   1 
ATOM   472  C CA  . LEU A 1 67  ? 7.952   5.273   -8.732  1.00 15.16 ? 64  LEU A CA  1 
ATOM   473  C C   . LEU A 1 67  ? 9.030   5.622   -7.774  1.00 15.19 ? 64  LEU A C   1 
ATOM   474  O O   . LEU A 1 67  ? 10.208  5.357   -8.015  1.00 19.91 ? 64  LEU A O   1 
ATOM   475  C CB  . LEU A 1 67  ? 7.568   3.803   -8.596  1.00 16.09 ? 64  LEU A CB  1 
ATOM   476  C CG  . LEU A 1 67  ? 6.239   3.472   -9.187  1.00 16.36 ? 64  LEU A CG  1 
ATOM   477  C CD1 . LEU A 1 67  ? 6.126   1.973   -9.278  1.00 18.70 ? 64  LEU A CD1 1 
ATOM   478  C CD2 . LEU A 1 67  ? 5.041   4.020   -8.432  1.00 15.91 ? 64  LEU A CD2 1 
ATOM   479  N N   . HIS A 1 68  ? 8.661   6.159   -6.638  1.00 9.29  ? 65  HIS A N   1 
ATOM   480  C CA  . HIS A 1 68  ? 9.609   6.446   -5.620  1.00 10.49 ? 65  HIS A CA  1 
ATOM   481  C C   . HIS A 1 68  ? 9.439   5.456   -4.450  1.00 9.91  ? 65  HIS A C   1 
ATOM   482  O O   . HIS A 1 68  ? 8.342   5.244   -3.983  1.00 8.84  ? 65  HIS A O   1 
ATOM   483  C CB  . HIS A 1 68  ? 9.420   7.878   -5.143  1.00 12.23 ? 65  HIS A CB  1 
ATOM   484  C CG  . HIS A 1 68  ? 9.676   8.848   -6.274  1.00 18.84 ? 65  HIS A CG  1 
ATOM   485  N ND1 . HIS A 1 68  ? 8.672   9.537   -6.943  1.00 23.31 ? 65  HIS A ND1 1 
ATOM   486  C CD2 . HIS A 1 68  ? 10.828  9.129   -6.942  1.00 20.80 ? 65  HIS A CD2 1 
ATOM   487  C CE1 . HIS A 1 68  ? 9.207   10.253  -7.927  1.00 21.58 ? 65  HIS A CE1 1 
ATOM   488  N NE2 . HIS A 1 68  ? 10.500  9.993   -7.977  1.00 22.69 ? 65  HIS A NE2 1 
ATOM   489  N N   . LYS A 1 69  ? 10.546  4.878   -3.975  1.00 10.17 ? 66  LYS A N   1 
ATOM   490  C CA  . LYS A 1 69  ? 10.515  4.038   -2.712  1.00 11.20 ? 66  LYS A CA  1 
ATOM   491  C C   . LYS A 1 69  ? 10.174  4.836   -1.507  1.00 9.40  ? 66  LYS A C   1 
ATOM   492  O O   . LYS A 1 69  ? 10.843  5.879   -1.234  1.00 11.89 ? 66  LYS A O   1 
ATOM   493  C CB  . LYS A 1 69  ? 11.932  3.409   -2.511  1.00 13.70 ? 66  LYS A CB  1 
ATOM   494  C CG  . LYS A 1 69  ? 12.192  2.416   -3.590  1.00 16.60 ? 66  LYS A CG  1 
ATOM   495  C CD  . LYS A 1 69  ? 13.412  1.644   -3.167  1.00 21.52 ? 66  LYS A CD  1 
ATOM   496  C CE  . LYS A 1 69  ? 14.152  1.134   -4.354  1.00 28.91 ? 66  LYS A CE  1 
ATOM   497  N NZ  . LYS A 1 69  ? 15.541  1.681   -4.240  1.00 36.44 ? 66  LYS A NZ  1 
ATOM   498  N N   A VAL A 1 70  ? 9.208   4.414   -0.733  0.50 7.48  ? 67  VAL A N   1 
ATOM   499  N N   B VAL A 1 70  ? 9.141   4.421   -0.775  0.50 7.37  ? 67  VAL A N   1 
ATOM   500  C CA  A VAL A 1 70  ? 8.965   5.079   0.514   0.50 7.25  ? 67  VAL A CA  1 
ATOM   501  C CA  B VAL A 1 70  ? 8.625   5.028   0.468   0.50 6.99  ? 67  VAL A CA  1 
ATOM   502  C C   A VAL A 1 70  ? 8.996   4.217   1.745   0.50 6.70  ? 67  VAL A C   1 
ATOM   503  C C   B VAL A 1 70  ? 9.036   4.202   1.681   0.50 6.57  ? 67  VAL A C   1 
ATOM   504  O O   A VAL A 1 70  ? 9.171   4.766   2.834   0.50 6.67  ? 67  VAL A O   1 
ATOM   505  O O   B VAL A 1 70  ? 9.506   4.721   2.667   0.50 6.37  ? 67  VAL A O   1 
ATOM   506  C CB  A VAL A 1 70  ? 7.695   5.922   0.443   0.50 7.04  ? 67  VAL A CB  1 
ATOM   507  C CB  B VAL A 1 70  ? 7.056   5.099   0.497   0.50 6.82  ? 67  VAL A CB  1 
ATOM   508  C CG1 A VAL A 1 70  ? 7.848   6.859   -0.720  0.50 7.33  ? 67  VAL A CG1 1 
ATOM   509  C CG1 B VAL A 1 70  ? 6.497   5.460   1.865   0.50 6.69  ? 67  VAL A CG1 1 
ATOM   510  C CG2 A VAL A 1 70  ? 6.469   5.048   0.283   0.50 7.03  ? 67  VAL A CG2 1 
ATOM   511  C CG2 B VAL A 1 70  ? 6.534   6.089   -0.487  0.50 6.76  ? 67  VAL A CG2 1 
ATOM   512  N N   . GLY A 1 71  ? 8.858   2.884   1.611   1.00 6.02  ? 68  GLY A N   1 
ATOM   513  C CA  . GLY A 1 71  ? 8.980   2.083   2.791   1.00 5.88  ? 68  GLY A CA  1 
ATOM   514  C C   . GLY A 1 71  ? 9.071   0.613   2.522   1.00 5.99  ? 68  GLY A C   1 
ATOM   515  O O   . GLY A 1 71  ? 8.824   0.125   1.408   1.00 5.41  ? 68  GLY A O   1 
ATOM   516  N N   . GLN A 1 72  ? 9.367   -0.129  3.597   1.00 6.28  ? 69  GLN A N   1 
ATOM   517  C CA  . GLN A 1 72  ? 9.284   -1.600  3.588   1.00 7.15  ? 69  GLN A CA  1 
ATOM   518  C C   . GLN A 1 72  ? 8.526   -1.920  4.860   1.00 6.74  ? 69  GLN A C   1 
ATOM   519  O O   . GLN A 1 72  ? 8.970   -1.440  5.918   1.00 7.28  ? 69  GLN A O   1 
ATOM   520  C CB  . GLN A 1 72  ? 10.639  -2.246  3.525   1.00 9.15  ? 69  GLN A CB  1 
ATOM   521  C CG  . GLN A 1 72  ? 10.640  -3.736  3.525   1.00 12.76 ? 69  GLN A CG  1 
ATOM   522  C CD  . GLN A 1 72  ? 12.046  -4.251  3.313   1.00 19.54 ? 69  GLN A CD  1 
ATOM   523  O OE1 . GLN A 1 72  ? 13.044  -3.579  3.684   1.00 28.39 ? 69  GLN A OE1 1 
ATOM   524  N NE2 . GLN A 1 72  ? 12.156  -5.440  2.808   1.00 19.68 ? 69  GLN A NE2 1 
ATOM   525  N N   . ILE A 1 73  ? 7.503   -2.747  4.778   1.00 5.83  ? 70  ILE A N   1 
ATOM   526  C CA  . ILE A 1 73  ? 6.782   -3.175  5.966   1.00 6.33  ? 70  ILE A CA  1 
ATOM   527  C C   . ILE A 1 73  ? 6.645   -4.671  5.890   1.00 6.48  ? 70  ILE A C   1 
ATOM   528  O O   . ILE A 1 73  ? 6.162   -5.202  4.893   1.00 7.78  ? 70  ILE A O   1 
ATOM   529  C CB  . ILE A 1 73  ? 5.395   -2.603  6.113   1.00 7.61  ? 70  ILE A CB  1 
ATOM   530  C CG1 . ILE A 1 73  ? 5.324   -1.102  5.941   1.00 8.42  ? 70  ILE A CG1 1 
ATOM   531  C CG2 . ILE A 1 73  ? 4.821   -2.975  7.473   1.00 8.06  ? 70  ILE A CG2 1 
ATOM   532  C CD1 . ILE A 1 73  ? 3.922   -0.497  5.773   1.00 10.14 ? 70  ILE A CD1 1 
ATOM   533  N N   . VAL A 1 74  ? 7.023   -5.354  6.971   1.00 6.27  ? 71  VAL A N   1 
ATOM   534  C CA  . VAL A 1 74  ? 6.857   -6.816  7.066   1.00 6.17  ? 71  VAL A CA  1 
ATOM   535  C C   . VAL A 1 74  ? 5.651   -7.103  7.970   1.00 6.06  ? 71  VAL A C   1 
ATOM   536  O O   . VAL A 1 74  ? 5.520   -6.533  9.078   1.00 6.76  ? 71  VAL A O   1 
ATOM   537  C CB  . VAL A 1 74  ? 8.096   -7.426  7.695   1.00 7.60  ? 71  VAL A CB  1 
ATOM   538  C CG1 . VAL A 1 74  ? 7.908   -8.914  7.873   1.00 7.79  ? 71  VAL A CG1 1 
ATOM   539  C CG2 . VAL A 1 74  ? 9.285   -7.191  6.814   1.00 8.61  ? 71  VAL A CG2 1 
ATOM   540  N N   . PHE A 1 75  ? 4.724   -7.864  7.439   1.00 5.50  ? 72  PHE A N   1 
ATOM   541  C CA  . PHE A 1 75  ? 3.508   -8.256  8.218   1.00 5.62  ? 72  PHE A CA  1 
ATOM   542  C C   . PHE A 1 75  ? 3.585   -9.753  8.596   1.00 6.22  ? 72  PHE A C   1 
ATOM   543  O O   . PHE A 1 75  ? 3.847   -10.618 7.692   1.00 6.37  ? 72  PHE A O   1 
ATOM   544  C CB  . PHE A 1 75  ? 2.242   -7.988  7.440   1.00 5.69  ? 72  PHE A CB  1 
ATOM   545  C CG  . PHE A 1 75  ? 2.016   -6.540  7.113   1.00 6.06  ? 72  PHE A CG  1 
ATOM   546  C CD1 . PHE A 1 75  ? 1.634   -5.653  8.112   1.00 6.36  ? 72  PHE A CD1 1 
ATOM   547  C CD2 . PHE A 1 75  ? 2.157   -6.045  5.816   1.00 6.50  ? 72  PHE A CD2 1 
ATOM   548  C CE1 . PHE A 1 75  ? 1.487   -4.305  7.833   1.00 6.34  ? 72  PHE A CE1 1 
ATOM   549  C CE2 . PHE A 1 75  ? 1.986   -4.705  5.555   1.00 6.27  ? 72  PHE A CE2 1 
ATOM   550  C CZ  . PHE A 1 75  ? 1.615   -3.854  6.555   1.00 5.71  ? 72  PHE A CZ  1 
ATOM   551  N N   . GLU A 1 76  ? 3.345   -10.025 9.859   1.00 5.72  ? 73  GLU A N   1 
ATOM   552  C CA  . GLU A 1 76  ? 3.206   -11.354 10.422  1.00 6.33  ? 73  GLU A CA  1 
ATOM   553  C C   . GLU A 1 76  ? 1.799   -11.571 10.859  1.00 6.69  ? 73  GLU A C   1 
ATOM   554  O O   . GLU A 1 76  ? 1.256   -10.698 11.535  1.00 7.75  ? 73  GLU A O   1 
ATOM   555  C CB  . GLU A 1 76  ? 4.172   -11.493 11.556  1.00 7.06  ? 73  GLU A CB  1 
ATOM   556  C CG  . GLU A 1 76  ? 4.003   -12.818 12.334  1.00 8.73  ? 73  GLU A CG  1 
ATOM   557  C CD  . GLU A 1 76  ? 4.843   -12.879 13.565  1.00 10.56 ? 73  GLU A CD  1 
ATOM   558  O OE1 . GLU A 1 76  ? 5.839   -12.121 13.752  1.00 15.99 ? 73  GLU A OE1 1 
ATOM   559  O OE2 . GLU A 1 76  ? 4.490   -13.762 14.393  1.00 12.77 ? 73  GLU A OE2 1 
ATOM   560  N N   . PHE A 1 77  ? 1.168   -12.666 10.473  1.00 6.45  ? 74  PHE A N   1 
ATOM   561  C CA  . PHE A 1 77  ? -0.100  -13.103 11.083  1.00 7.29  ? 74  PHE A CA  1 
ATOM   562  C C   . PHE A 1 77  ? 0.265   -14.276 11.978  1.00 9.14  ? 74  PHE A C   1 
ATOM   563  O O   . PHE A 1 77  ? 0.850   -15.268 11.490  1.00 9.52  ? 74  PHE A O   1 
ATOM   564  C CB  . PHE A 1 77  ? -1.096  -13.484 10.017  1.00 8.02  ? 74  PHE A CB  1 
ATOM   565  C CG  . PHE A 1 77  ? -1.619  -12.309 9.219   1.00 8.15  ? 74  PHE A CG  1 
ATOM   566  C CD1 . PHE A 1 77  ? -2.632  -11.549 9.738   1.00 8.19  ? 74  PHE A CD1 1 
ATOM   567  C CD2 . PHE A 1 77  ? -1.125  -11.997 7.995   1.00 9.72  ? 74  PHE A CD2 1 
ATOM   568  C CE1 . PHE A 1 77  ? -3.110  -10.449 9.052   1.00 8.77  ? 74  PHE A CE1 1 
ATOM   569  C CE2 . PHE A 1 77  ? -1.599  -10.930 7.293   1.00 10.21 ? 74  PHE A CE2 1 
ATOM   570  C CZ  . PHE A 1 77  ? -2.592  -10.128 7.852   1.00 9.99  ? 74  PHE A CZ  1 
ATOM   571  N N   . VAL A 1 78  ? -0.077  -14.174 13.255  1.00 9.94  ? 75  VAL A N   1 
ATOM   572  C CA  . VAL A 1 78  ? 0.241   -15.332 14.154  1.00 11.17 ? 75  VAL A CA  1 
ATOM   573  C C   . VAL A 1 78  ? -0.403  -16.596 13.665  1.00 13.13 ? 75  VAL A C   1 
ATOM   574  O O   . VAL A 1 78  ? -1.476  -16.589 13.226  1.00 12.94 ? 75  VAL A O   1 
ATOM   575  C CB  . VAL A 1 78  ? -0.137  -15.010 15.626  1.00 14.03 ? 75  VAL A CB  1 
ATOM   576  C CG1 . VAL A 1 78  ? 0.623   -13.845 16.095  1.00 15.59 ? 75  VAL A CG1 1 
ATOM   577  C CG2 . VAL A 1 78  ? -1.578  -14.825 15.808  1.00 14.86 ? 75  VAL A CG2 1 
ATOM   578  N N   . GLY A 1 79  ? 0.375   -17.673 13.666  1.00 16.98 ? 76  GLY A N   1 
ATOM   579  C CA  . GLY A 1 79  ? -0.100  -18.922 13.114  1.00 22.40 ? 76  GLY A CA  1 
ATOM   580  C C   . GLY A 1 79  ? 0.035   -19.193 11.637  1.00 20.90 ? 76  GLY A C   1 
ATOM   581  O O   . GLY A 1 79  ? -0.433  -20.270 11.159  1.00 21.93 ? 76  GLY A O   1 
ATOM   582  N N   . GLU A 1 80  ? 0.507   -18.208 10.875  1.00 13.29 ? 77  GLU A N   1 
ATOM   583  C CA  . GLU A 1 80  ? 0.692   -18.342 9.470   1.00 12.03 ? 77  GLU A CA  1 
ATOM   584  C C   . GLU A 1 80  ? 2.196   -18.285 9.188   1.00 10.88 ? 77  GLU A C   1 
ATOM   585  O O   . GLU A 1 80  ? 2.925   -17.402 9.664   1.00 9.58  ? 77  GLU A O   1 
ATOM   586  C CB  . GLU A 1 80  ? -0.006  -17.246 8.700   1.00 13.55 ? 77  GLU A CB  1 
ATOM   587  C CG  . GLU A 1 80  ? -1.557  -17.277 8.902   1.00 18.19 ? 77  GLU A CG  1 
ATOM   588  C CD  . GLU A 1 80  ? -2.326  -16.350 7.959   1.00 25.86 ? 77  GLU A CD  1 
ATOM   589  O OE1 . GLU A 1 80  ? -1.695  -15.704 7.077   1.00 28.31 ? 77  GLU A OE1 1 
ATOM   590  O OE2 . GLU A 1 80  ? -3.594  -16.282 8.045   1.00 38.09 ? 77  GLU A OE2 1 
ATOM   591  N N   . PRO A 1 81  ? 2.700   -19.308 8.468   1.00 9.53  ? 78  PRO A N   1 
ATOM   592  C CA  . PRO A 1 81  ? 4.153   -19.345 8.327   1.00 9.21  ? 78  PRO A CA  1 
ATOM   593  C C   . PRO A 1 81  ? 4.748   -18.220 7.474   1.00 8.42  ? 78  PRO A C   1 
ATOM   594  O O   . PRO A 1 81  ? 5.913   -17.806 7.762   1.00 9.46  ? 78  PRO A O   1 
ATOM   595  C CB  . PRO A 1 81  ? 4.446   -20.672 7.623   1.00 11.41 ? 78  PRO A CB  1 
ATOM   596  C CG  . PRO A 1 81  ? 3.190   -21.160 7.171   1.00 13.75 ? 78  PRO A CG  1 
ATOM   597  C CD  . PRO A 1 81  ? 2.049   -20.536 7.976   1.00 10.98 ? 78  PRO A CD  1 
ATOM   598  N N   . GLU A 1 82  ? 4.058   -17.758 6.428   1.00 8.57  ? 79  GLU A N   1 
ATOM   599  C CA  . GLU A 1 82  ? 4.687   -16.858 5.519   1.00 9.98  ? 79  GLU A CA  1 
ATOM   600  C C   . GLU A 1 82  ? 4.492   -15.368 5.946   1.00 9.54  ? 79  GLU A C   1 
ATOM   601  O O   . GLU A 1 82  ? 3.379   -14.988 6.266   1.00 10.36 ? 79  GLU A O   1 
ATOM   602  C CB  . GLU A 1 82  ? 4.230   -17.077 4.135   1.00 14.17 ? 79  GLU A CB  1 
ATOM   603  C CG  . GLU A 1 82  ? 5.251   -16.526 3.163   1.00 19.69 ? 79  GLU A CG  1 
ATOM   604  C CD  . GLU A 1 82  ? 6.608   -17.334 2.954   1.00 27.09 ? 79  GLU A CD  1 
ATOM   605  O OE1 . GLU A 1 82  ? 7.412   -16.832 2.097   1.00 31.36 ? 79  GLU A OE1 1 
ATOM   606  O OE2 . GLU A 1 82  ? 6.923   -18.398 3.579   1.00 28.33 ? 79  GLU A OE2 1 
ATOM   607  N N   . LEU A 1 83  ? 5.597   -14.661 6.046   1.00 8.46  ? 80  LEU A N   1 
ATOM   608  C CA  . LEU A 1 83  ? 5.613   -13.187 6.265   1.00 8.13  ? 80  LEU A CA  1 
ATOM   609  C C   . LEU A 1 83  ? 5.385   -12.478 4.965   1.00 8.36  ? 80  LEU A C   1 
ATOM   610  O O   . LEU A 1 83  ? 5.833   -12.952 3.912   1.00 9.04  ? 80  LEU A O   1 
ATOM   611  C CB  . LEU A 1 83  ? 6.883   -12.712 6.829   1.00 8.34  ? 80  LEU A CB  1 
ATOM   612  C CG  . LEU A 1 83  ? 7.424   -13.371 8.139   1.00 9.03  ? 80  LEU A CG  1 
ATOM   613  C CD1 . LEU A 1 83  ? 8.731   -12.803 8.562   1.00 10.16 ? 80  LEU A CD1 1 
ATOM   614  C CD2 . LEU A 1 83  ? 6.434   -13.103 9.270   1.00 9.31  ? 80  LEU A CD2 1 
ATOM   615  N N   . MET A 1 84  ? 4.609   -11.364 5.011   1.00 6.09  ? 81  MET A N   1 
ATOM   616  C CA  . MET A 1 84  ? 4.463   -10.509 3.830   1.00 6.43  ? 81  MET A CA  1 
ATOM   617  C C   . MET A 1 84  ? 5.500   -9.441  3.872   1.00 6.96  ? 81  MET A C   1 
ATOM   618  O O   . MET A 1 84  ? 5.517   -8.664  4.815   1.00 7.54  ? 81  MET A O   1 
ATOM   619  C CB  . MET A 1 84  ? 3.071   -9.880  3.751   1.00 7.32  ? 81  MET A CB  1 
ATOM   620  C CG  . MET A 1 84  ? 1.944   -10.917 3.709   1.00 8.60  ? 81  MET A CG  1 
ATOM   621  S SD  . MET A 1 84  ? 0.270   -10.147 3.660   1.00 10.87 ? 81  MET A SD  1 
ATOM   622  C CE  . MET A 1 84  ? 0.325   -9.202  2.147   1.00 11.54 ? 81  MET A CE  1 
ATOM   623  N N   . ASP A 1 85  ? 6.368   -9.365  2.832   1.00 6.29  ? 82  ASP A N   1 
ATOM   624  C CA  . ASP A 1 85  ? 7.396   -8.353  2.746   1.00 6.57  ? 82  ASP A CA  1 
ATOM   625  C C   . ASP A 1 85  ? 6.929   -7.308  1.728   1.00 6.30  ? 82  ASP A C   1 
ATOM   626  O O   . ASP A 1 85  ? 7.098   -7.498  0.529   1.00 6.12  ? 82  ASP A O   1 
ATOM   627  C CB  . ASP A 1 85  ? 8.703   -8.995  2.338   1.00 8.66  ? 82  ASP A CB  1 
ATOM   628  C CG  . ASP A 1 85  ? 9.794   -8.000  2.117   1.00 13.55 ? 82  ASP A CG  1 
ATOM   629  O OD1 . ASP A 1 85  ? 9.727   -6.880  2.546   1.00 13.59 ? 82  ASP A OD1 1 
ATOM   630  O OD2 . ASP A 1 85  ? 10.844  -8.432  1.535   1.00 18.46 ? 82  ASP A OD2 1 
ATOM   631  N N   . VAL A 1 86  ? 6.302   -6.234  2.234   1.00 5.34  ? 83  VAL A N   1 
ATOM   632  C CA  . VAL A 1 86  ? 5.592   -5.256  1.364   1.00 5.75  ? 83  VAL A CA  1 
ATOM   633  C C   . VAL A 1 86  ? 6.539   -4.088  1.098   1.00 5.14  ? 83  VAL A C   1 
ATOM   634  O O   . VAL A 1 86  ? 6.952   -3.369  1.993   1.00 6.04  ? 83  VAL A O   1 
ATOM   635  C CB  . VAL A 1 86  ? 4.280   -4.806  2.026   1.00 5.94  ? 83  VAL A CB  1 
ATOM   636  C CG1 . VAL A 1 86  ? 3.601   -3.797  1.145   1.00 6.54  ? 83  VAL A CG1 1 
ATOM   637  C CG2 . VAL A 1 86  ? 3.369   -6.012  2.273   1.00 6.05  ? 83  VAL A CG2 1 
ATOM   638  N N   . HIS A 1 87  ? 6.809   -3.842  -0.156  1.00 5.29  ? 84  HIS A N   1 
ATOM   639  C CA  . HIS A 1 87  ? 7.548   -2.709  -0.624  1.00 5.31  ? 84  HIS A CA  1 
ATOM   640  C C   . HIS A 1 87  ? 6.622   -1.614  -1.087  1.00 5.01  ? 84  HIS A C   1 
ATOM   641  O O   . HIS A 1 87  ? 5.817   -1.806  -1.990  1.00 5.19  ? 84  HIS A O   1 
ATOM   642  C CB  . HIS A 1 87  ? 8.430   -3.238  -1.789  1.00 5.91  ? 84  HIS A CB  1 
ATOM   643  C CG  . HIS A 1 87  ? 9.581   -4.042  -1.317  1.00 7.28  ? 84  HIS A CG  1 
ATOM   644  N ND1 . HIS A 1 87  ? 9.519   -5.311  -0.769  1.00 11.20 ? 84  HIS A ND1 1 
ATOM   645  C CD2 . HIS A 1 87  ? 10.882  -3.720  -1.333  1.00 8.62  ? 84  HIS A CD2 1 
ATOM   646  C CE1 . HIS A 1 87  ? 10.744  -5.709  -0.428  1.00 8.73  ? 84  HIS A CE1 1 
ATOM   647  N NE2 . HIS A 1 87  ? 11.566  -4.775  -0.788  1.00 12.29 ? 84  HIS A NE2 1 
ATOM   648  N N   . VAL A 1 88  ? 6.638   -0.492  -0.366  1.00 4.92  ? 85  VAL A N   1 
ATOM   649  C CA  . VAL A 1 88  ? 5.711   0.605   -0.584  1.00 4.72  ? 85  VAL A CA  1 
ATOM   650  C C   . VAL A 1 88  ? 6.336   1.689   -1.429  1.00 5.31  ? 85  VAL A C   1 
ATOM   651  O O   . VAL A 1 88  ? 7.515   2.060   -1.200  1.00 5.65  ? 85  VAL A O   1 
ATOM   652  C CB  . VAL A 1 88  ? 5.252   1.225   0.757   1.00 5.20  ? 85  VAL A CB  1 
ATOM   653  C CG1 . VAL A 1 88  ? 4.146   2.268   0.502   1.00 5.20  ? 85  VAL A CG1 1 
ATOM   654  C CG2 . VAL A 1 88  ? 4.865   0.165   1.797   1.00 6.05  ? 85  VAL A CG2 1 
ATOM   655  N N   . PHE A 1 89  ? 5.577   2.155   -2.419  1.00 5.25  ? 86  PHE A N   1 
ATOM   656  C CA  . PHE A 1 89  ? 5.999   3.195   -3.366  1.00 5.86  ? 86  PHE A CA  1 
ATOM   657  C C   . PHE A 1 89  ? 4.992   4.299   -3.422  1.00 6.22  ? 86  PHE A C   1 
ATOM   658  O O   . PHE A 1 89  ? 3.811   4.086   -3.103  1.00 5.53  ? 86  PHE A O   1 
ATOM   659  C CB  . PHE A 1 89  ? 6.118   2.600   -4.783  1.00 6.29  ? 86  PHE A CB  1 
ATOM   660  C CG  . PHE A 1 89  ? 7.140   1.510   -4.917  1.00 7.45  ? 86  PHE A CG  1 
ATOM   661  C CD1 . PHE A 1 89  ? 6.819   0.206   -4.644  1.00 7.38  ? 86  PHE A CD1 1 
ATOM   662  C CD2 . PHE A 1 89  ? 8.444   1.804   -5.357  1.00 8.24  ? 86  PHE A CD2 1 
ATOM   663  C CE1 . PHE A 1 89  ? 7.764   -0.794  -4.790  1.00 7.94  ? 86  PHE A CE1 1 
ATOM   664  C CE2 . PHE A 1 89  ? 9.363   0.804   -5.516  1.00 9.23  ? 86  PHE A CE2 1 
ATOM   665  C CZ  . PHE A 1 89  ? 9.038   -0.493  -5.217  1.00 8.72  ? 86  PHE A CZ  1 
ATOM   666  N N   A CYS A 1 90  ? 5.457   5.491   -3.827  0.50 7.38  ? 87  CYS A N   1 
ATOM   667  N N   B CYS A 1 90  ? 5.420   5.498   -3.822  0.50 6.22  ? 87  CYS A N   1 
ATOM   668  C CA  A CYS A 1 90  ? 4.599   6.671   -4.097  0.50 9.48  ? 87  CYS A CA  1 
ATOM   669  C CA  B CYS A 1 90  ? 4.467   6.594   -4.124  0.50 7.11  ? 87  CYS A CA  1 
ATOM   670  C C   A CYS A 1 90  ? 4.821   7.201   -5.497  0.50 9.07  ? 87  CYS A C   1 
ATOM   671  C C   B CYS A 1 90  ? 4.801   7.212   -5.467  0.50 7.75  ? 87  CYS A C   1 
ATOM   672  O O   A CYS A 1 90  ? 5.889   7.039   -6.065  0.50 7.61  ? 87  CYS A O   1 
ATOM   673  O O   B CYS A 1 90  ? 5.904   7.106   -5.970  0.50 6.64  ? 87  CYS A O   1 
ATOM   674  C CB  A CYS A 1 90  ? 4.918   7.825   -3.139  0.50 11.85 ? 87  CYS A CB  1 
ATOM   675  C CB  B CYS A 1 90  ? 4.478   7.697   -3.055  0.50 7.60  ? 87  CYS A CB  1 
ATOM   676  S SG  A CYS A 1 90  ? 4.043   7.612   -1.614  0.50 19.82 ? 87  CYS A SG  1 
ATOM   677  S SG  B CYS A 1 90  ? 6.020   8.622   -2.971  0.50 8.69  ? 87  CYS A SG  1 
ATOM   678  N N   . THR A 1 91  ? 3.797   7.877   -6.017  1.00 8.50  ? 88  THR A N   1 
ATOM   679  C CA  . THR A 1 91  ? 3.934   8.668   -7.230  1.00 10.29 ? 88  THR A CA  1 
ATOM   680  C C   . THR A 1 91  ? 2.973   9.829   -7.140  1.00 12.01 ? 88  THR A C   1 
ATOM   681  O O   . THR A 1 91  ? 1.895   9.747   -6.500  1.00 10.88 ? 88  THR A O   1 
ATOM   682  C CB  . THR A 1 91  ? 3.665   7.841   -8.490  1.00 11.60 ? 88  THR A CB  1 
ATOM   683  O OG1 . THR A 1 91  ? 3.908   8.692   -9.656  1.00 16.10 ? 88  THR A OG1 1 
ATOM   684  C CG2 . THR A 1 91  ? 2.239   7.228   -8.462  1.00 13.40 ? 88  THR A CG2 1 
ATOM   685  N N   . ASP A 1 92  ? 3.329   10.964  -7.805  1.00 14.15 ? 89  ASP A N   1 
ATOM   686  C CA  . ASP A 1 92  ? 2.381   12.049  -7.929  1.00 16.63 ? 89  ASP A CA  1 
ATOM   687  C C   . ASP A 1 92  ? 1.867   12.195  -9.339  1.00 20.26 ? 89  ASP A C   1 
ATOM   688  O O   . ASP A 1 92  ? 0.920   12.991  -9.576  1.00 24.97 ? 89  ASP A O   1 
ATOM   689  C CB  . ASP A 1 92  ? 2.925   13.370  -7.352  1.00 18.03 ? 89  ASP A CB  1 
ATOM   690  C CG  . ASP A 1 92  ? 4.095   13.878  -8.061  1.00 24.15 ? 89  ASP A CG  1 
ATOM   691  O OD1 . ASP A 1 92  ? 4.609   13.314  -9.110  1.00 28.12 ? 89  ASP A OD1 1 
ATOM   692  O OD2 . ASP A 1 92  ? 4.544   14.932  -7.564  1.00 33.68 ? 89  ASP A OD2 1 
ATOM   693  N N   . SER A 1 93  ? 2.437   11.450  -10.255 1.00 20.07 ? 90  SER A N   1 
ATOM   694  C CA  . SER A 1 93  ? 2.180   11.692  -11.691 1.00 22.08 ? 90  SER A CA  1 
ATOM   695  C C   . SER A 1 93  ? 1.808   10.411  -12.340 1.00 18.32 ? 90  SER A C   1 
ATOM   696  O O   . SER A 1 93  ? 2.579   9.491   -12.452 1.00 20.26 ? 90  SER A O   1 
ATOM   697  C CB  . SER A 1 93  ? 3.334   12.299  -12.419 1.00 27.28 ? 90  SER A CB  1 
ATOM   698  O OG  . SER A 1 93  ? 4.424   11.493  -12.244 1.00 34.37 ? 90  SER A OG  1 
ATOM   699  N N   . ILE A 1 94  ? 0.625   10.452  -12.846 1.00 16.00 ? 91  ILE A N   1 
ATOM   700  C CA  . ILE A 1 94  ? 0.028   9.311   -13.428 1.00 14.77 ? 91  ILE A CA  1 
ATOM   701  C C   . ILE A 1 94  ? -0.610  9.723   -14.771 1.00 13.50 ? 91  ILE A C   1 
ATOM   702  O O   . ILE A 1 94  ? -0.862  10.925  -14.999 1.00 15.66 ? 91  ILE A O   1 
ATOM   703  C CB  . ILE A 1 94  ? -0.983  8.735   -12.464 1.00 16.89 ? 91  ILE A CB  1 
ATOM   704  C CG1 . ILE A 1 94  ? -1.771  9.884   -11.815 1.00 21.50 ? 91  ILE A CG1 1 
ATOM   705  C CG2 . ILE A 1 94  ? -0.238  7.926   -11.368 1.00 17.40 ? 91  ILE A CG2 1 
ATOM   706  C CD1 . ILE A 1 94  ? -3.244  9.690   -11.804 1.00 26.56 ? 91  ILE A CD1 1 
ATOM   707  N N   . GLN A 1 95  ? -0.915  8.747   -15.621 1.00 12.16 ? 92  GLN A N   1 
ATOM   708  C CA  . GLN A 1 95  ? -1.795  8.921   -16.776 1.00 11.87 ? 92  GLN A CA  1 
ATOM   709  C C   . GLN A 1 95  ? -2.949  7.992   -16.739 1.00 12.96 ? 92  GLN A C   1 
ATOM   710  O O   . GLN A 1 95  ? -2.865  6.897   -16.169 1.00 12.62 ? 92  GLN A O   1 
ATOM   711  C CB  . GLN A 1 95  ? -0.962  8.561   -18.052 1.00 12.50 ? 92  GLN A CB  1 
ATOM   712  C CG  . GLN A 1 95  ? 0.088   9.582   -18.311 1.00 12.69 ? 92  GLN A CG  1 
ATOM   713  C CD  . GLN A 1 95  ? 1.069   9.205   -19.427 1.00 15.43 ? 92  GLN A CD  1 
ATOM   714  O OE1 . GLN A 1 95  ? 0.940   9.688   -20.575 1.00 20.56 ? 92  GLN A OE1 1 
ATOM   715  N NE2 . GLN A 1 95  ? 2.026   8.436   -19.105 1.00 14.05 ? 92  GLN A NE2 1 
ATOM   716  N N   . GLY A 1 96  ? -4.058  8.379   -17.370 1.00 13.06 ? 93  GLY A N   1 
ATOM   717  C CA  . GLY A 1 96  ? -5.256  7.632   -17.312 1.00 13.24 ? 93  GLY A CA  1 
ATOM   718  C C   . GLY A 1 96  ? -6.205  8.206   -16.247 1.00 12.72 ? 93  GLY A C   1 
ATOM   719  O O   . GLY A 1 96  ? -5.819  9.143   -15.503 1.00 13.71 ? 93  GLY A O   1 
ATOM   720  N N   . THR A 1 97  ? -7.426  7.693   -16.232 1.00 13.83 ? 94  THR A N   1 
ATOM   721  C CA  . THR A 1 97  ? -8.428  8.023   -15.193 1.00 13.34 ? 94  THR A CA  1 
ATOM   722  C C   . THR A 1 97  ? -8.660  6.767   -14.424 1.00 11.68 ? 94  THR A C   1 
ATOM   723  O O   . THR A 1 97  ? -8.694  5.689   -15.011 1.00 13.12 ? 94  THR A O   1 
ATOM   724  C CB  . THR A 1 97  ? -9.751  8.403   -15.858 1.00 16.48 ? 94  THR A CB  1 
ATOM   725  O OG1 . THR A 1 97  ? -9.478  9.562   -16.633 1.00 24.91 ? 94  THR A OG1 1 
ATOM   726  C CG2 . THR A 1 97  ? -10.857 8.663   -14.781 1.00 18.94 ? 94  THR A CG2 1 
ATOM   727  N N   . PRO A 1 98  ? -8.840  6.875   -13.088 1.00 10.11 ? 95  PRO A N   1 
ATOM   728  C CA  . PRO A 1 98  ? -9.072  5.596   -12.338 1.00 9.97  ? 95  PRO A CA  1 
ATOM   729  C C   . PRO A 1 98  ? -10.284 4.847   -12.806 1.00 10.62 ? 95  PRO A C   1 
ATOM   730  O O   . PRO A 1 98  ? -11.245 5.473   -13.160 1.00 13.48 ? 95  PRO A O   1 
ATOM   731  C CB  . PRO A 1 98  ? -9.216  6.088   -10.876 1.00 10.63 ? 95  PRO A CB  1 
ATOM   732  C CG  . PRO A 1 98  ? -8.600  7.455   -10.848 1.00 11.04 ? 95  PRO A CG  1 
ATOM   733  C CD  . PRO A 1 98  ? -8.860  8.035   -12.186 1.00 10.69 ? 95  PRO A CD  1 
ATOM   734  N N   . VAL A 1 99  ? -10.173 3.523   -12.864 1.00 11.33 ? 96  VAL A N   1 
ATOM   735  C CA  . VAL A 1 99  ? -11.190 2.620   -13.428 1.00 11.75 ? 96  VAL A CA  1 
ATOM   736  C C   . VAL A 1 99  ? -11.806 1.834   -12.267 1.00 9.75  ? 96  VAL A C   1 
ATOM   737  O O   . VAL A 1 99  ? -11.050 1.184   -11.531 1.00 10.70 ? 96  VAL A O   1 
ATOM   738  C CB  . VAL A 1 99  ? -10.532 1.641   -14.413 1.00 13.57 ? 96  VAL A CB  1 
ATOM   739  C CG1 . VAL A 1 99  ? -11.466 0.459   -14.762 1.00 15.54 ? 96  VAL A CG1 1 
ATOM   740  C CG2 . VAL A 1 99  ? -9.995  2.364   -15.634 1.00 17.59 ? 96  VAL A CG2 1 
ATOM   741  N N   . GLU A 1 100 ? -13.108 1.819   -12.131 1.00 9.19  ? 97  GLU A N   1 
ATOM   742  C CA  . GLU A 1 100 ? -13.807 0.894   -11.226 1.00 9.28  ? 97  GLU A CA  1 
ATOM   743  C C   . GLU A 1 100 ? -13.998 -0.426  -11.961 1.00 8.95  ? 97  GLU A C   1 
ATOM   744  O O   . GLU A 1 100 ? -14.501 -0.453  -13.134 1.00 9.65  ? 97  GLU A O   1 
ATOM   745  C CB  . GLU A 1 100 ? -15.178 1.388   -10.730 1.00 9.94  ? 97  GLU A CB  1 
ATOM   746  C CG  . GLU A 1 100 ? -15.854 0.337   -9.845  1.00 11.38 ? 97  GLU A CG  1 
ATOM   747  C CD  . GLU A 1 100 ? -17.092 0.795   -9.026  1.00 12.47 ? 97  GLU A CD  1 
ATOM   748  O OE1 . GLU A 1 100 ? -17.506 1.830   -9.372  1.00 13.12 ? 97  GLU A OE1 1 
ATOM   749  O OE2 . GLU A 1 100 ? -17.609 0.011   -8.197  1.00 14.03 ? 97  GLU A OE2 1 
ATOM   750  N N   . SER A 1 101 ? -13.663 -1.529  -11.294 1.00 9.54  ? 98  SER A N   1 
ATOM   751  C CA  . SER A 1 101 ? -13.788 -2.884  -11.877 1.00 9.66  ? 98  SER A CA  1 
ATOM   752  C C   . SER A 1 101 ? -14.498 -3.783  -10.864 1.00 10.17 ? 98  SER A C   1 
ATOM   753  O O   . SER A 1 101 ? -14.864 -3.383  -9.743  1.00 10.36 ? 98  SER A O   1 
ATOM   754  C CB  . SER A 1 101 ? -12.447 -3.445  -12.214 1.00 10.71 ? 98  SER A CB  1 
ATOM   755  O OG  . SER A 1 101 ? -11.676 -3.630  -11.010 1.00 11.03 ? 98  SER A OG  1 
ATOM   756  N N   . ASP A 1 102 ? -14.679 -5.031  -11.248 1.00 11.91 ? 99  ASP A N   1 
ATOM   757  C CA  . ASP A 1 102 ? -15.203 -6.043  -10.354 1.00 13.55 ? 99  ASP A CA  1 
ATOM   758  C C   . ASP A 1 102 ? -14.318 -6.230  -9.140  1.00 14.49 ? 99  ASP A C   1 
ATOM   759  O O   . ASP A 1 102 ? -14.776 -6.790  -8.145  1.00 15.97 ? 99  ASP A O   1 
ATOM   760  C CB  . ASP A 1 102 ? -15.285 -7.434  -11.070 1.00 14.07 ? 99  ASP A CB  1 
ATOM   761  C CG  . ASP A 1 102 ? -13.922 -7.977  -11.574 1.00 15.42 ? 99  ASP A CG  1 
ATOM   762  O OD1 . ASP A 1 102 ? -13.011 -7.226  -11.974 1.00 13.91 ? 99  ASP A OD1 1 
ATOM   763  O OD2 . ASP A 1 102 ? -13.748 -9.262  -11.541 1.00 20.04 ? 99  ASP A OD2 1 
ATOM   764  N N   . GLU A 1 103 ? -13.052 -5.853  -9.204  1.00 11.78 ? 100 GLU A N   1 
ATOM   765  C CA  . GLU A 1 103 ? -12.137 -6.110  -8.110  1.00 13.22 ? 100 GLU A CA  1 
ATOM   766  C C   . GLU A 1 103 ? -11.967 -4.929  -7.168  1.00 11.47 ? 100 GLU A C   1 
ATOM   767  O O   . GLU A 1 103 ? -11.653 -5.084  -6.036  1.00 11.21 ? 100 GLU A O   1 
ATOM   768  C CB  . GLU A 1 103 ? -10.737 -6.417  -8.620  1.00 16.97 ? 100 GLU A CB  1 
ATOM   769  C CG  . GLU A 1 103 ? -10.554 -7.761  -9.347  1.00 25.34 ? 100 GLU A CG  1 
ATOM   770  C CD  . GLU A 1 103 ? -10.595 -8.979  -8.380  1.00 32.14 ? 100 GLU A CD  1 
ATOM   771  O OE1 . GLU A 1 103 ? -10.275 -8.808  -7.165  1.00 43.73 ? 100 GLU A OE1 1 
ATOM   772  O OE2 . GLU A 1 103 ? -10.953 -10.111 -8.822  1.00 42.58 ? 100 GLU A OE2 1 
ATOM   773  N N   . MET A 1 104 ? -12.145 -3.718  -7.686  1.00 9.79  ? 101 MET A N   1 
ATOM   774  C CA  . MET A 1 104 ? -11.691 -2.527  -6.965  1.00 9.53  ? 101 MET A CA  1 
ATOM   775  C C   . MET A 1 104 ? -12.517 -1.287  -7.330  1.00 8.78  ? 101 MET A C   1 
ATOM   776  O O   . MET A 1 104 ? -12.815 -1.044  -8.538  1.00 9.11  ? 101 MET A O   1 
ATOM   777  C CB  . MET A 1 104 ? -10.244 -2.295  -7.412  1.00 11.73 ? 101 MET A CB  1 
ATOM   778  C CG  . MET A 1 104 ? -9.517  -1.289  -6.631  1.00 11.42 ? 101 MET A CG  1 
ATOM   779  S SD  . MET A 1 104 ? -9.132  -1.817  -4.929  1.00 12.25 ? 101 MET A SD  1 
ATOM   780  C CE  . MET A 1 104 ? -7.757  -2.938  -5.176  1.00 15.21 ? 101 MET A CE  1 
ATOM   781  N N   . ARG A 1 105 ? -12.816 -0.477  -6.349  1.00 7.58  ? 102 ARG A N   1 
ATOM   782  C CA  . ARG A 1 105 ? -13.476 0.820   -6.545  1.00 7.97  ? 102 ARG A CA  1 
ATOM   783  C C   . ARG A 1 105 ? -12.557 1.969   -6.075  1.00 8.22  ? 102 ARG A C   1 
ATOM   784  O O   . ARG A 1 105 ? -12.464 2.240   -4.915  1.00 7.34  ? 102 ARG A O   1 
ATOM   785  C CB  . ARG A 1 105 ? -14.813 0.868   -5.777  1.00 9.19  ? 102 ARG A CB  1 
ATOM   786  C CG  . ARG A 1 105 ? -15.660 2.151   -5.908  1.00 10.04 ? 102 ARG A CG  1 
ATOM   787  C CD  . ARG A 1 105 ? -17.035 1.939   -5.279  1.00 10.70 ? 102 ARG A CD  1 
ATOM   788  N NE  . ARG A 1 105 ? -17.090 1.704   -3.851  1.00 12.11 ? 102 ARG A NE  1 
ATOM   789  C CZ  . ARG A 1 105 ? -17.175 2.600   -2.844  1.00 14.26 ? 102 ARG A CZ  1 
ATOM   790  N NH1 . ARG A 1 105 ? -17.203 3.862   -3.119  1.00 15.25 ? 102 ARG A NH1 1 
ATOM   791  N NH2 . ARG A 1 105 ? -17.248 2.198   -1.556  1.00 19.34 ? 102 ARG A NH2 1 
ATOM   792  N N   . PRO A 1 106 ? -11.873 2.610   -7.000  1.00 8.42  ? 103 PRO A N   1 
ATOM   793  C CA  . PRO A 1 106 ? -10.972 3.784   -6.643  1.00 8.45  ? 103 PRO A CA  1 
ATOM   794  C C   . PRO A 1 106 ? -11.767 5.040   -6.304  1.00 8.77  ? 103 PRO A C   1 
ATOM   795  O O   . PRO A 1 106 ? -12.727 5.348   -6.979  1.00 11.15 ? 103 PRO A O   1 
ATOM   796  C CB  . PRO A 1 106 ? -10.136 4.005   -7.890  1.00 9.12  ? 103 PRO A CB  1 
ATOM   797  C CG  . PRO A 1 106 ? -10.223 2.752   -8.682  1.00 10.25 ? 103 PRO A CG  1 
ATOM   798  C CD  . PRO A 1 106 ? -11.615 2.245   -8.449  1.00 9.46  ? 103 PRO A CD  1 
ATOM   799  N N   A CYS A 1 107 ? -11.316 5.790   -5.289  0.50 8.18  ? 104 CYS A N   1 
ATOM   800  N N   B CYS A 1 107 ? -11.233 5.829   -5.366  0.50 8.41  ? 104 CYS A N   1 
ATOM   801  C CA  A CYS A 1 107 ? -11.789 7.132   -5.012  0.50 8.25  ? 104 CYS A CA  1 
ATOM   802  C CA  B CYS A 1 107 ? -11.741 7.128   -5.058  0.50 8.76  ? 104 CYS A CA  1 
ATOM   803  C C   A CYS A 1 107 ? -10.637 8.020   -4.526  0.50 7.98  ? 104 CYS A C   1 
ATOM   804  C C   B CYS A 1 107 ? -10.624 8.021   -4.531  0.50 8.24  ? 104 CYS A C   1 
ATOM   805  O O   A CYS A 1 107 ? -9.761  7.540   -3.822  0.50 7.42  ? 104 CYS A O   1 
ATOM   806  O O   B CYS A 1 107 ? -9.761  7.547   -3.808  0.50 7.66  ? 104 CYS A O   1 
ATOM   807  C CB  A CYS A 1 107 ? -12.829 7.103   -3.917  0.50 9.04  ? 104 CYS A CB  1 
ATOM   808  C CB  B CYS A 1 107 ? -12.778 6.993   -3.988  0.50 9.96  ? 104 CYS A CB  1 
ATOM   809  S SG  A CYS A 1 107 ? -14.445 6.367   -4.322  0.50 12.68 ? 104 CYS A SG  1 
ATOM   810  S SG  B CYS A 1 107 ? -13.850 8.410   -3.790  0.50 15.51 ? 104 CYS A SG  1 
ATOM   811  N N   . TRP A 1 108 ? -10.685 9.303   -4.886  1.00 8.13  ? 105 TRP A N   1 
ATOM   812  C CA  . TRP A 1 108 ? -9.783  10.333  -4.296  1.00 8.29  ? 105 TRP A CA  1 
ATOM   813  C C   . TRP A 1 108 ? -10.283 10.756  -2.917  1.00 9.11  ? 105 TRP A C   1 
ATOM   814  O O   . TRP A 1 108 ? -11.507 10.932  -2.725  1.00 13.10 ? 105 TRP A O   1 
ATOM   815  C CB  . TRP A 1 108 ? -9.707  11.500  -5.269  1.00 8.05  ? 105 TRP A CB  1 
ATOM   816  C CG  . TRP A 1 108 ? -9.069  11.304  -6.546  1.00 7.78  ? 105 TRP A CG  1 
ATOM   817  C CD1 . TRP A 1 108 ? -9.646  11.152  -7.729  1.00 8.45  ? 105 TRP A CD1 1 
ATOM   818  C CD2 . TRP A 1 108 ? -7.670  11.196  -6.786  1.00 8.02  ? 105 TRP A CD2 1 
ATOM   819  N NE1 . TRP A 1 108 ? -8.775  10.998  -8.714  1.00 9.27  ? 105 TRP A NE1 1 
ATOM   820  C CE2 . TRP A 1 108 ? -7.511  10.976  -8.156  1.00 8.84  ? 105 TRP A CE2 1 
ATOM   821  C CE3 . TRP A 1 108 ? -6.543  11.220  -5.951  1.00 7.81  ? 105 TRP A CE3 1 
ATOM   822  C CZ2 . TRP A 1 108 ? -6.273  10.870  -8.752  1.00 9.13  ? 105 TRP A CZ2 1 
ATOM   823  C CZ3 . TRP A 1 108 ? -5.317  11.105  -6.563  1.00 8.49  ? 105 TRP A CZ3 1 
ATOM   824  C CH2 . TRP A 1 108 ? -5.191  10.922  -7.915  1.00 8.52  ? 105 TRP A CH2 1 
ATOM   825  N N   . PHE A 1 109 ? -9.354  10.971  -2.006  1.00 9.29  ? 106 PHE A N   1 
ATOM   826  C CA  . PHE A 1 109 ? -9.580  11.494  -0.697  1.00 8.64  ? 106 PHE A CA  1 
ATOM   827  C C   . PHE A 1 109 ? -8.782  12.748  -0.446  1.00 9.44  ? 106 PHE A C   1 
ATOM   828  O O   . PHE A 1 109 ? -7.600  12.778  -0.656  1.00 9.64  ? 106 PHE A O   1 
ATOM   829  C CB  . PHE A 1 109 ? -9.263  10.467  0.395   1.00 8.49  ? 106 PHE A CB  1 
ATOM   830  C CG  . PHE A 1 109 ? -10.178 9.262   0.349   1.00 8.24  ? 106 PHE A CG  1 
ATOM   831  C CD1 . PHE A 1 109 ? -9.923  8.192   -0.501  1.00 8.09  ? 106 PHE A CD1 1 
ATOM   832  C CD2 . PHE A 1 109 ? -11.291 9.194   1.190   1.00 8.49  ? 106 PHE A CD2 1 
ATOM   833  C CE1 . PHE A 1 109 ? -10.802 7.133   -0.552  1.00 7.39  ? 106 PHE A CE1 1 
ATOM   834  C CE2 . PHE A 1 109 ? -12.115 8.126   1.170   1.00 8.20  ? 106 PHE A CE2 1 
ATOM   835  C CZ  . PHE A 1 109 ? -11.865 7.069   0.293   1.00 8.34  ? 106 PHE A CZ  1 
ATOM   836  N N   . GLN A 1 110 ? -9.449  13.798  0.065   1.00 11.02 ? 107 GLN A N   1 
ATOM   837  C CA  . GLN A 1 110 ? -8.668  14.862  0.655   1.00 12.56 ? 107 GLN A CA  1 
ATOM   838  C C   . GLN A 1 110 ? -7.825  14.390  1.830   1.00 11.98 ? 107 GLN A C   1 
ATOM   839  O O   . GLN A 1 110 ? -8.242  13.476  2.527   1.00 12.79 ? 107 GLN A O   1 
ATOM   840  C CB  . GLN A 1 110 ? -9.662  15.956  1.157   1.00 16.24 ? 107 GLN A CB  1 
ATOM   841  C CG  . GLN A 1 110 ? -10.501 16.587  0.043   1.00 20.05 ? 107 GLN A CG  1 
ATOM   842  C CD  . GLN A 1 110 ? -9.669  17.241  -1.061  1.00 28.39 ? 107 GLN A CD  1 
ATOM   843  O OE1 . GLN A 1 110 ? -9.567  16.731  -2.180  1.00 34.82 ? 107 GLN A OE1 1 
ATOM   844  N NE2 . GLN A 1 110 ? -9.012  18.347  -0.733  1.00 32.10 ? 107 GLN A NE2 1 
ATOM   845  N N   . LEU A 1 111 ? -6.684  15.014  2.069   1.00 12.73 ? 108 LEU A N   1 
ATOM   846  C CA  . LEU A 1 111 ? -5.706  14.499  3.038   1.00 13.81 ? 108 LEU A CA  1 
ATOM   847  C C   . LEU A 1 111 ? -6.187  14.589  4.466   1.00 17.07 ? 108 LEU A C   1 
ATOM   848  O O   . LEU A 1 111 ? -5.771  13.794  5.289   1.00 21.97 ? 108 LEU A O   1 
ATOM   849  C CB  . LEU A 1 111 ? -4.351  15.142  2.821   1.00 15.40 ? 108 LEU A CB  1 
ATOM   850  C CG  . LEU A 1 111 ? -3.757  15.018  1.405   1.00 16.53 ? 108 LEU A CG  1 
ATOM   851  C CD1 . LEU A 1 111 ? -2.412  15.680  1.353   1.00 20.18 ? 108 LEU A CD1 1 
ATOM   852  C CD2 . LEU A 1 111 ? -3.640  13.585  0.912   1.00 17.07 ? 108 LEU A CD2 1 
ATOM   853  N N   . ASP A 1 112 ? -7.144  15.450  4.774   1.00 19.07 ? 109 ASP A N   1 
ATOM   854  C CA  . ASP A 1 112 ? -7.745  15.439  6.137   1.00 22.22 ? 109 ASP A CA  1 
ATOM   855  C C   . ASP A 1 112 ? -8.946  14.552  6.278   1.00 21.00 ? 109 ASP A C   1 
ATOM   856  O O   . ASP A 1 112 ? -9.569  14.547  7.314   1.00 23.54 ? 109 ASP A O   1 
ATOM   857  C CB  . ASP A 1 112 ? -8.129  16.884  6.525   1.00 25.31 ? 109 ASP A CB  1 
ATOM   858  C CG  . ASP A 1 112 ? -9.083  17.563  5.546   1.00 36.11 ? 109 ASP A CG  1 
ATOM   859  O OD1 . ASP A 1 112 ? -9.918  16.939  4.801   1.00 39.96 ? 109 ASP A OD1 1 
ATOM   860  O OD2 . ASP A 1 112 ? -9.001  18.808  5.525   1.00 45.87 ? 109 ASP A OD2 1 
ATOM   861  N N   . GLN A 1 113 ? -9.292  13.762  5.250   1.00 17.02 ? 110 GLN A N   1 
ATOM   862  C CA  . GLN A 1 113 ? -10.417 12.890  5.279   1.00 15.31 ? 110 GLN A CA  1 
ATOM   863  C C   . GLN A 1 113 ? -10.019 11.431  4.897   1.00 12.42 ? 110 GLN A C   1 
ATOM   864  O O   . GLN A 1 113 ? -10.830 10.649  4.452   1.00 13.13 ? 110 GLN A O   1 
ATOM   865  C CB  . GLN A 1 113 ? -11.467 13.369  4.336   1.00 21.07 ? 110 GLN A CB  1 
ATOM   866  C CG  . GLN A 1 113 ? -11.982 14.748  4.726   1.00 25.98 ? 110 GLN A CG  1 
ATOM   867  C CD  . GLN A 1 113 ? -13.120 15.190  3.857   1.00 36.10 ? 110 GLN A CD  1 
ATOM   868  O OE1 . GLN A 1 113 ? -12.985 15.373  2.631   1.00 42.22 ? 110 GLN A OE1 1 
ATOM   869  N NE2 . GLN A 1 113 ? -14.273 15.357  4.480   1.00 42.29 ? 110 GLN A NE2 1 
ATOM   870  N N   . ILE A 1 114 ? -8.811  11.068  5.231   1.00 10.95 ? 111 ILE A N   1 
ATOM   871  C CA  . ILE A 1 114 ? -8.331  9.675   4.962   1.00 10.90 ? 111 ILE A CA  1 
ATOM   872  C C   . ILE A 1 114 ? -9.096  8.740   5.865   1.00 8.89  ? 111 ILE A C   1 
ATOM   873  O O   . ILE A 1 114 ? -9.182  9.019   7.099   1.00 9.60  ? 111 ILE A O   1 
ATOM   874  C CB  . ILE A 1 114 ? -6.824  9.621   5.158   1.00 12.04 ? 111 ILE A CB  1 
ATOM   875  C CG1 . ILE A 1 114 ? -6.172  10.456  3.991   1.00 14.28 ? 111 ILE A CG1 1 
ATOM   876  C CG2 . ILE A 1 114 ? -6.291  8.171   5.160   1.00 11.66 ? 111 ILE A CG2 1 
ATOM   877  C CD1 . ILE A 1 114 ? -4.738  10.659  4.189   1.00 17.09 ? 111 ILE A CD1 1 
ATOM   878  N N   . PRO A 1 115 ? -9.705  7.654   5.324   1.00 8.01  ? 112 PRO A N   1 
ATOM   879  C CA  . PRO A 1 115 ? -10.680 6.876   6.017   1.00 8.28  ? 112 PRO A CA  1 
ATOM   880  C C   . PRO A 1 115 ? -10.038 5.784   6.918   1.00 8.48  ? 112 PRO A C   1 
ATOM   881  O O   . PRO A 1 115 ? -10.263 4.582   6.715   1.00 8.43  ? 112 PRO A O   1 
ATOM   882  C CB  . PRO A 1 115 ? -11.506 6.274   4.872   1.00 9.03  ? 112 PRO A CB  1 
ATOM   883  C CG  . PRO A 1 115 ? -10.494 6.058   3.813   1.00 9.47  ? 112 PRO A CG  1 
ATOM   884  C CD  . PRO A 1 115 ? -9.641  7.264   3.899   1.00 9.08  ? 112 PRO A CD  1 
ATOM   885  N N   . PHE A 1 116 ? -9.210  6.220   7.893   1.00 8.10  ? 113 PHE A N   1 
ATOM   886  C CA  . PHE A 1 116 ? -8.468  5.235   8.713   1.00 9.12  ? 113 PHE A CA  1 
ATOM   887  C C   . PHE A 1 116 ? -9.280  4.096   9.336   1.00 9.48  ? 113 PHE A C   1 
ATOM   888  O O   . PHE A 1 116 ? -8.807  2.967   9.440   1.00 10.89 ? 113 PHE A O   1 
ATOM   889  C CB  . PHE A 1 116 ? -7.629  5.917   9.785   1.00 9.65  ? 113 PHE A CB  1 
ATOM   890  C CG  . PHE A 1 116 ? -6.502  6.703   9.188   1.00 10.50 ? 113 PHE A CG  1 
ATOM   891  C CD1 . PHE A 1 116 ? -5.407  6.038   8.643   1.00 11.34 ? 113 PHE A CD1 1 
ATOM   892  C CD2 . PHE A 1 116 ? -6.495  8.095   9.178   1.00 11.85 ? 113 PHE A CD2 1 
ATOM   893  C CE1 . PHE A 1 116 ? -4.392  6.758   8.088   1.00 11.58 ? 113 PHE A CE1 1 
ATOM   894  C CE2 . PHE A 1 116 ? -5.466  8.835   8.670   1.00 13.38 ? 113 PHE A CE2 1 
ATOM   895  C CZ  . PHE A 1 116 ? -4.396  8.155   8.090   1.00 13.10 ? 113 PHE A CZ  1 
ATOM   896  N N   . LYS A 1 117 ? -10.500 4.400   9.787   1.00 10.66 ? 114 LYS A N   1 
ATOM   897  C CA  . LYS A 1 117 ? -11.365 3.378   10.414  1.00 13.64 ? 114 LYS A CA  1 
ATOM   898  C C   . LYS A 1 117 ? -11.699 2.222   9.462   1.00 11.42 ? 114 LYS A C   1 
ATOM   899  O O   . LYS A 1 117 ? -11.981 1.106   9.881   1.00 13.20 ? 114 LYS A O   1 
ATOM   900  C CB  . LYS A 1 117 ? -12.681 4.001   10.962  1.00 17.49 ? 114 LYS A CB  1 
ATOM   901  C CG  . LYS A 1 117 ? -13.751 4.309   9.875   1.00 25.52 ? 114 LYS A CG  1 
ATOM   902  C CD  . LYS A 1 117 ? -14.121 5.786   9.569   1.00 30.42 ? 114 LYS A CD  1 
ATOM   903  C CE  . LYS A 1 117 ? -13.009 6.540   8.770   1.00 28.73 ? 114 LYS A CE  1 
ATOM   904  N NZ  . LYS A 1 117 ? -11.954 7.131   9.657   1.00 25.10 ? 114 LYS A NZ  1 
ATOM   905  N N   . ASP A 1 118 ? -11.641 2.469   8.143   1.00 10.16 ? 115 ASP A N   1 
ATOM   906  C CA  . ASP A 1 118 ? -11.980 1.524   7.100   1.00 9.71  ? 115 ASP A CA  1 
ATOM   907  C C   . ASP A 1 118 ? -10.744 1.182   6.270   1.00 8.06  ? 115 ASP A C   1 
ATOM   908  O O   . ASP A 1 118 ? -10.857 0.786   5.103   1.00 8.51  ? 115 ASP A O   1 
ATOM   909  C CB  . ASP A 1 118 ? -13.055 2.147   6.150   1.00 12.74 ? 115 ASP A CB  1 
ATOM   910  C CG  . ASP A 1 118 ? -14.420 2.228   6.801   1.00 20.36 ? 115 ASP A CG  1 
ATOM   911  O OD1 . ASP A 1 118 ? -14.776 1.299   7.533   1.00 23.54 ? 115 ASP A OD1 1 
ATOM   912  O OD2 . ASP A 1 118 ? -15.120 3.259   6.541   1.00 23.22 ? 115 ASP A OD2 1 
ATOM   913  N N   . MET A 1 119 ? -9.585  1.258   6.907   1.00 6.26  ? 116 MET A N   1 
ATOM   914  C CA  . MET A 1 119 ? -8.262  0.823   6.298   1.00 6.44  ? 116 MET A CA  1 
ATOM   915  C C   . MET A 1 119 ? -7.667  -0.253  7.227   1.00 6.45  ? 116 MET A C   1 
ATOM   916  O O   . MET A 1 119 ? -8.099  -0.389  8.416   1.00 7.04  ? 116 MET A O   1 
ATOM   917  C CB  . MET A 1 119 ? -7.292  2.017   6.137   1.00 6.85  ? 116 MET A CB  1 
ATOM   918  C CG  . MET A 1 119 ? -7.817  3.014   5.141   1.00 7.45  ? 116 MET A CG  1 
ATOM   919  S SD  . MET A 1 119 ? -7.141  4.646   5.169   1.00 8.74  ? 116 MET A SD  1 
ATOM   920  C CE  . MET A 1 119 ? -5.541  4.404   4.407   1.00 8.93  ? 116 MET A CE  1 
ATOM   921  N N   . TRP A 1 120 ? -6.635  -0.961  6.771   1.00 6.31  ? 117 TRP A N   1 
ATOM   922  C CA  . TRP A 1 120 ? -5.901  -1.804  7.707   1.00 6.42  ? 117 TRP A CA  1 
ATOM   923  C C   . TRP A 1 120 ? -5.349  -0.972  8.878   1.00 6.13  ? 117 TRP A C   1 
ATOM   924  O O   . TRP A 1 120 ? -4.959  0.172   8.715   1.00 6.21  ? 117 TRP A O   1 
ATOM   925  C CB  . TRP A 1 120 ? -4.739  -2.546  6.979   1.00 6.82  ? 117 TRP A CB  1 
ATOM   926  C CG  . TRP A 1 120 ? -5.092  -3.576  6.001   1.00 6.71  ? 117 TRP A CG  1 
ATOM   927  C CD1 . TRP A 1 120 ? -5.233  -3.431  4.647   1.00 7.01  ? 117 TRP A CD1 1 
ATOM   928  C CD2 . TRP A 1 120 ? -5.209  -4.990  6.263   1.00 7.17  ? 117 TRP A CD2 1 
ATOM   929  N NE1 . TRP A 1 120 ? -5.477  -4.640  4.067   1.00 7.59  ? 117 TRP A NE1 1 
ATOM   930  C CE2 . TRP A 1 120 ? -5.463  -5.612  5.029   1.00 7.30  ? 117 TRP A CE2 1 
ATOM   931  C CE3 . TRP A 1 120 ? -5.078  -5.755  7.397   1.00 7.97  ? 117 TRP A CE3 1 
ATOM   932  C CZ2 . TRP A 1 120 ? -5.663  -6.983  4.898   1.00 8.29  ? 117 TRP A CZ2 1 
ATOM   933  C CZ3 . TRP A 1 120 ? -5.234  -7.126  7.304   1.00 8.67  ? 117 TRP A CZ3 1 
ATOM   934  C CH2 . TRP A 1 120 ? -5.544  -7.743  6.070   1.00 9.79  ? 117 TRP A CH2 1 
ATOM   935  N N   . PRO A 1 121 ? -5.359  -1.536  10.087  1.00 7.03  ? 118 PRO A N   1 
ATOM   936  C CA  . PRO A 1 121 ? -5.116  -0.648  11.215  1.00 6.93  ? 118 PRO A CA  1 
ATOM   937  C C   . PRO A 1 121 ? -3.694  -0.150  11.353  1.00 7.08  ? 118 PRO A C   1 
ATOM   938  O O   . PRO A 1 121 ? -3.438  0.880   11.975  1.00 7.56  ? 118 PRO A O   1 
ATOM   939  C CB  . PRO A 1 121 ? -5.453  -1.504  12.391  1.00 7.63  ? 118 PRO A CB  1 
ATOM   940  C CG  . PRO A 1 121 ? -5.487  -2.881  11.947  1.00 7.92  ? 118 PRO A CG  1 
ATOM   941  C CD  . PRO A 1 121 ? -5.889  -2.869  10.459  1.00 7.05  ? 118 PRO A CD  1 
ATOM   942  N N   . ASP A 1 122 ? -2.706  -0.818  10.717  1.00 5.80  ? 119 ASP A N   1 
ATOM   943  C CA  . ASP A 1 122 ? -1.358  -0.319  10.724  1.00 5.89  ? 119 ASP A CA  1 
ATOM   944  C C   . ASP A 1 122 ? -1.233  1.051   10.057  1.00 5.82  ? 119 ASP A C   1 
ATOM   945  O O   . ASP A 1 122 ? -0.299  1.820   10.277  1.00 6.12  ? 119 ASP A O   1 
ATOM   946  C CB  . ASP A 1 122 ? -0.450  -1.359  10.048  1.00 6.15  ? 119 ASP A CB  1 
ATOM   947  C CG  . ASP A 1 122 ? -0.898  -1.704  8.673   1.00 6.84  ? 119 ASP A CG  1 
ATOM   948  O OD1 . ASP A 1 122 ? -1.982  -2.322  8.584   1.00 6.98  ? 119 ASP A OD1 1 
ATOM   949  O OD2 . ASP A 1 122 ? -0.142  -1.409  7.717   1.00 6.33  ? 119 ASP A OD2 1 
ATOM   950  N N   . ASP A 1 123 ? -2.139  1.318   9.112   1.00 5.78  ? 120 ASP A N   1 
ATOM   951  C CA  . ASP A 1 123 ? -1.985  2.496   8.248   1.00 6.04  ? 120 ASP A CA  1 
ATOM   952  C C   . ASP A 1 123 ? -2.021  3.794   9.086   1.00 6.62  ? 120 ASP A C   1 
ATOM   953  O O   . ASP A 1 123 ? -1.378  4.760   8.719   1.00 5.73  ? 120 ASP A O   1 
ATOM   954  C CB  . ASP A 1 123 ? -3.038  2.582   7.161   1.00 6.38  ? 120 ASP A CB  1 
ATOM   955  C CG  . ASP A 1 123 ? -3.018  1.453   6.186   1.00 7.54  ? 120 ASP A CG  1 
ATOM   956  O OD1 . ASP A 1 123 ? -2.316  0.437   6.419   1.00 7.71  ? 120 ASP A OD1 1 
ATOM   957  O OD2 . ASP A 1 123 ? -3.619  1.621   5.092   1.00 8.81  ? 120 ASP A OD2 1 
ATOM   958  N N   A SER A 1 124 ? -2.756  3.775   10.187  0.50 6.70  ? 121 SER A N   1 
ATOM   959  N N   B SER A 1 124 ? -2.737  3.824   10.200  0.50 6.72  ? 121 SER A N   1 
ATOM   960  C CA  A SER A 1 124 ? -2.802  4.916   11.142  0.50 7.57  ? 121 SER A CA  1 
ATOM   961  C CA  B SER A 1 124 ? -2.746  5.079   11.034  0.50 7.58  ? 121 SER A CA  1 
ATOM   962  C C   A SER A 1 124 ? -1.397  5.317   11.580  0.50 7.32  ? 121 SER A C   1 
ATOM   963  C C   B SER A 1 124 ? -1.370  5.344   11.631  0.50 7.32  ? 121 SER A C   1 
ATOM   964  O O   A SER A 1 124 ? -1.115  6.487   11.799  0.50 8.11  ? 121 SER A O   1 
ATOM   965  O O   B SER A 1 124 ? -1.083  6.446   12.083  0.50 7.82  ? 121 SER A O   1 
ATOM   966  C CB  A SER A 1 124 ? -3.671  4.523   12.311  0.50 7.94  ? 121 SER A CB  1 
ATOM   967  C CB  B SER A 1 124 ? -3.797  5.011   12.104  0.50 8.00  ? 121 SER A CB  1 
ATOM   968  O OG  A SER A 1 124 ? -5.017  4.356   11.881  0.50 8.76  ? 121 SER A OG  1 
ATOM   969  O OG  B SER A 1 124 ? -3.555  3.916   12.957  0.50 8.83  ? 121 SER A OG  1 
ATOM   970  N N   . TYR A 1 125 ? -0.487  4.343   11.647  1.00 6.83  ? 122 TYR A N   1 
ATOM   971  C CA  . TYR A 1 125 ? 0.882   4.555   12.087  1.00 7.32  ? 122 TYR A CA  1 
ATOM   972  C C   . TYR A 1 125 ? 1.840   5.070   11.037  1.00 7.16  ? 122 TYR A C   1 
ATOM   973  O O   . TYR A 1 125 ? 2.533   6.052   11.261  1.00 7.85  ? 122 TYR A O   1 
ATOM   974  C CB  . TYR A 1 125 ? 1.464   3.280   12.677  1.00 8.06  ? 122 TYR A CB  1 
ATOM   975  C CG  . TYR A 1 125 ? 0.872   2.838   13.943  1.00 9.55  ? 122 TYR A CG  1 
ATOM   976  C CD1 . TYR A 1 125 ? 1.306   3.430   15.113  1.00 12.17 ? 122 TYR A CD1 1 
ATOM   977  C CD2 . TYR A 1 125 ? -0.141  1.950   13.976  1.00 10.80 ? 122 TYR A CD2 1 
ATOM   978  C CE1 . TYR A 1 125 ? 0.745   3.049   16.301  1.00 14.84 ? 122 TYR A CE1 1 
ATOM   979  C CE2 . TYR A 1 125 ? -0.735  1.512   15.172  1.00 13.61 ? 122 TYR A CE2 1 
ATOM   980  C CZ  . TYR A 1 125 ? -0.297  2.114   16.305  1.00 16.18 ? 122 TYR A CZ  1 
ATOM   981  O OH  . TYR A 1 125 ? -0.844  1.745   17.510  1.00 21.07 ? 122 TYR A OH  1 
ATOM   982  N N   . TRP A 1 126 ? 1.809   4.526   9.815   1.00 6.26  ? 123 TRP A N   1 
ATOM   983  C CA  . TRP A 1 126 ? 2.760   4.900   8.778   1.00 6.51  ? 123 TRP A CA  1 
ATOM   984  C C   . TRP A 1 126 ? 2.263   5.873   7.759   1.00 7.39  ? 123 TRP A C   1 
ATOM   985  O O   . TRP A 1 126 ? 3.074   6.565   7.111   1.00 6.99  ? 123 TRP A O   1 
ATOM   986  C CB  . TRP A 1 126 ? 3.381   3.672   8.087   1.00 6.48  ? 123 TRP A CB  1 
ATOM   987  C CG  . TRP A 1 126 ? 2.394   2.741   7.354   1.00 6.04  ? 123 TRP A CG  1 
ATOM   988  C CD1 . TRP A 1 126 ? 1.848   1.541   7.847   1.00 6.38  ? 123 TRP A CD1 1 
ATOM   989  C CD2 . TRP A 1 126 ? 1.903   2.879   6.049   1.00 6.06  ? 123 TRP A CD2 1 
ATOM   990  N NE1 . TRP A 1 126 ? 1.060   0.997   6.939   1.00 6.30  ? 123 TRP A NE1 1 
ATOM   991  C CE2 . TRP A 1 126 ? 1.063   1.749   5.804   1.00 6.65  ? 123 TRP A CE2 1 
ATOM   992  C CE3 . TRP A 1 126 ? 2.084   3.817   5.044   1.00 6.77  ? 123 TRP A CE3 1 
ATOM   993  C CZ2 . TRP A 1 126 ? 0.409   1.549   4.577   1.00 7.41  ? 123 TRP A CZ2 1 
ATOM   994  C CZ3 . TRP A 1 126 ? 1.464   3.635   3.875   1.00 7.40  ? 123 TRP A CZ3 1 
ATOM   995  C CH2 . TRP A 1 126 ? 0.574   2.530   3.638   1.00 7.57  ? 123 TRP A CH2 1 
ATOM   996  N N   . PHE A 1 127 ? 0.940   5.976   7.562   1.00 7.28  ? 124 PHE A N   1 
ATOM   997  C CA  . PHE A 1 127 ? 0.438   6.916   6.536   1.00 9.57  ? 124 PHE A CA  1 
ATOM   998  C C   . PHE A 1 127 ? 0.853   8.352   6.887   1.00 9.73  ? 124 PHE A C   1 
ATOM   999  O O   . PHE A 1 127 ? 1.201   9.078   5.953   1.00 9.36  ? 124 PHE A O   1 
ATOM   1000 C CB  . PHE A 1 127 ? -1.114  6.796   6.382   1.00 12.03 ? 124 PHE A CB  1 
ATOM   1001 C CG  . PHE A 1 127 ? -1.601  6.765   5.005   1.00 12.71 ? 124 PHE A CG  1 
ATOM   1002 C CD1 . PHE A 1 127 ? -1.723  5.607   4.250   1.00 16.21 ? 124 PHE A CD1 1 
ATOM   1003 C CD2 . PHE A 1 127 ? -2.008  7.940   4.456   1.00 15.59 ? 124 PHE A CD2 1 
ATOM   1004 C CE1 . PHE A 1 127 ? -2.305  5.670   2.974   1.00 14.78 ? 124 PHE A CE1 1 
ATOM   1005 C CE2 . PHE A 1 127 ? -2.492  8.027   3.139   1.00 17.63 ? 124 PHE A CE2 1 
ATOM   1006 C CZ  . PHE A 1 127 ? -2.617  6.861   2.388   1.00 17.28 ? 124 PHE A CZ  1 
ATOM   1007 N N   . PRO A 1 128 ? 0.820   8.788   8.169   1.00 9.41  ? 125 PRO A N   1 
ATOM   1008 C CA  . PRO A 1 128 ? 1.291   10.168  8.564   1.00 11.03 ? 125 PRO A CA  1 
ATOM   1009 C C   . PRO A 1 128 ? 2.712   10.427  8.120   1.00 10.55 ? 125 PRO A C   1 
ATOM   1010 O O   . PRO A 1 128 ? 3.039   11.550  7.751   1.00 10.77 ? 125 PRO A O   1 
ATOM   1011 C CB  . PRO A 1 128 ? 1.138   10.194  10.073  1.00 11.75 ? 125 PRO A CB  1 
ATOM   1012 C CG  . PRO A 1 128 ? -0.073  9.289   10.271  1.00 11.79 ? 125 PRO A CG  1 
ATOM   1013 C CD  . PRO A 1 128 ? 0.112   8.144   9.316   1.00 10.12 ? 125 PRO A CD  1 
ATOM   1014 N N   . LEU A 1 129 ? 3.577   9.386   8.143   1.00 8.36  ? 126 LEU A N   1 
ATOM   1015 C CA  . LEU A 1 129 ? 4.990   9.506   7.656   1.00 8.80  ? 126 LEU A CA  1 
ATOM   1016 C C   . LEU A 1 129 ? 5.001   9.677   6.160   1.00 8.30  ? 126 LEU A C   1 
ATOM   1017 O O   . LEU A 1 129 ? 5.710   10.553  5.618   1.00 8.54  ? 126 LEU A O   1 
ATOM   1018 C CB  . LEU A 1 129 ? 5.790   8.300   8.087   1.00 8.45  ? 126 LEU A CB  1 
ATOM   1019 C CG  . LEU A 1 129 ? 5.753   7.900   9.550   1.00 9.75  ? 126 LEU A CG  1 
ATOM   1020 C CD1 . LEU A 1 129 ? 6.683   6.724   9.807   1.00 10.00 ? 126 LEU A CD1 1 
ATOM   1021 C CD2 . LEU A 1 129 ? 6.128   9.046   10.473  1.00 11.59 ? 126 LEU A CD2 1 
ATOM   1022 N N   . LEU A 1 130 ? 4.221   8.863   5.420   1.00 8.92  ? 127 LEU A N   1 
ATOM   1023 C CA  . LEU A 1 130 ? 4.093   9.015   3.948   1.00 9.35  ? 127 LEU A CA  1 
ATOM   1024 C C   . LEU A 1 130 ? 3.634   10.475  3.582   1.00 8.65  ? 127 LEU A C   1 
ATOM   1025 O O   . LEU A 1 130 ? 4.198   11.116  2.659   1.00 9.62  ? 127 LEU A O   1 
ATOM   1026 C CB  . LEU A 1 130 ? 3.145   7.949   3.421   1.00 11.62 ? 127 LEU A CB  1 
ATOM   1027 C CG  . LEU A 1 130 ? 2.566   8.160   2.065   1.00 15.08 ? 127 LEU A CG  1 
ATOM   1028 C CD1 . LEU A 1 130 ? 3.462   7.454   1.165   1.00 16.11 ? 127 LEU A CD1 1 
ATOM   1029 C CD2 . LEU A 1 130 ? 1.088   7.750   1.902   1.00 17.21 ? 127 LEU A CD2 1 
ATOM   1030 N N   . LEU A 1 131 ? 2.695   11.005  4.351   1.00 8.84  ? 128 LEU A N   1 
ATOM   1031 C CA  . LEU A 1 131 ? 2.138   12.343  4.043   1.00 9.53  ? 128 LEU A CA  1 
ATOM   1032 C C   . LEU A 1 131 ? 3.140   13.445  4.246   1.00 10.33 ? 128 LEU A C   1 
ATOM   1033 O O   . LEU A 1 131 ? 2.986   14.504  3.601   1.00 11.80 ? 128 LEU A O   1 
ATOM   1034 C CB  . LEU A 1 131 ? 0.874   12.628  4.884   1.00 10.69 ? 128 LEU A CB  1 
ATOM   1035 C CG  . LEU A 1 131 ? -0.333  11.745  4.579   1.00 11.25 ? 128 LEU A CG  1 
ATOM   1036 C CD1 . LEU A 1 131 ? -1.453  12.072  5.545   1.00 13.39 ? 128 LEU A CD1 1 
ATOM   1037 C CD2 . LEU A 1 131 ? -0.764  11.734  3.150   1.00 12.34 ? 128 LEU A CD2 1 
ATOM   1038 N N   . GLN A 1 132 ? 4.120   13.250  5.132   1.00 9.35  ? 129 GLN A N   1 
ATOM   1039 C CA  . GLN A 1 132 ? 5.187   14.189  5.341   1.00 8.72  ? 129 GLN A CA  1 
ATOM   1040 C C   . GLN A 1 132 ? 6.444   13.853  4.606   1.00 9.14  ? 129 GLN A C   1 
ATOM   1041 O O   . GLN A 1 132 ? 7.503   14.346  4.942   1.00 10.89 ? 129 GLN A O   1 
ATOM   1042 C CB  . GLN A 1 132 ? 5.409   14.398  6.831   1.00 9.27  ? 129 GLN A CB  1 
ATOM   1043 C CG  . GLN A 1 132 ? 4.224   15.163  7.448   1.00 9.95  ? 129 GLN A CG  1 
ATOM   1044 C CD  . GLN A 1 132 ? 4.430   15.487  8.936   1.00 12.36 ? 129 GLN A CD  1 
ATOM   1045 O OE1 . GLN A 1 132 ? 5.302   14.899  9.617   1.00 11.06 ? 129 GLN A OE1 1 
ATOM   1046 N NE2 . GLN A 1 132 ? 3.545   16.372  9.489   1.00 12.06 ? 129 GLN A NE2 1 
ATOM   1047 N N   . LYS A 1 133 ? 6.352   12.963  3.613   1.00 9.73  ? 130 LYS A N   1 
ATOM   1048 C CA  . LYS A 1 133 ? 7.470   12.590  2.739   1.00 10.46 ? 130 LYS A CA  1 
ATOM   1049 C C   . LYS A 1 133 ? 8.603   11.955  3.472   1.00 10.04 ? 130 LYS A C   1 
ATOM   1050 O O   . LYS A 1 133 ? 9.809   12.153  3.109   1.00 11.33 ? 130 LYS A O   1 
ATOM   1051 C CB  . LYS A 1 133 ? 7.970   13.795  1.908   1.00 12.48 ? 130 LYS A CB  1 
ATOM   1052 C CG  . LYS A 1 133 ? 6.868   14.569  1.218   1.00 16.74 ? 130 LYS A CG  1 
ATOM   1053 C CD  . LYS A 1 133 ? 5.970   13.915  0.235   1.00 22.72 ? 130 LYS A CD  1 
ATOM   1054 C CE  . LYS A 1 133 ? 4.870   14.913  -0.263  1.00 27.04 ? 130 LYS A CE  1 
ATOM   1055 N NZ  . LYS A 1 133 ? 3.612   14.430  -0.943  1.00 26.88 ? 130 LYS A NZ  1 
ATOM   1056 N N   . LYS A 1 134 ? 8.316   11.168  4.490   1.00 8.98  ? 131 LYS A N   1 
ATOM   1057 C CA  . LYS A 1 134 ? 9.344   10.426  5.186   1.00 9.82  ? 131 LYS A CA  1 
ATOM   1058 C C   . LYS A 1 134 ? 9.412   8.976   4.667   1.00 10.79 ? 131 LYS A C   1 
ATOM   1059 O O   . LYS A 1 134 ? 8.457   8.508   4.006   1.00 12.93 ? 131 LYS A O   1 
ATOM   1060 C CB  . LYS A 1 134 ? 9.056   10.433  6.689   1.00 10.08 ? 131 LYS A CB  1 
ATOM   1061 C CG  . LYS A 1 134 ? 8.801   11.775  7.305   1.00 12.88 ? 131 LYS A CG  1 
ATOM   1062 C CD  . LYS A 1 134 ? 10.099  12.522  7.184   1.00 16.71 ? 131 LYS A CD  1 
ATOM   1063 C CE  . LYS A 1 134 ? 10.135  13.828  7.889   1.00 22.30 ? 131 LYS A CE  1 
ATOM   1064 N NZ  . LYS A 1 134 ? 11.500  14.356  7.712   1.00 21.96 ? 131 LYS A NZ  1 
ATOM   1065 N N   . LYS A 1 135 ? 10.539  8.304   4.895   1.00 9.40  ? 132 LYS A N   1 
ATOM   1066 C CA  . LYS A 1 135 ? 10.697  6.922   4.475   1.00 8.54  ? 132 LYS A CA  1 
ATOM   1067 C C   . LYS A 1 135 ? 10.786  6.095   5.723   1.00 7.61  ? 132 LYS A C   1 
ATOM   1068 O O   . LYS A 1 135 ? 11.229  6.566   6.758   1.00 7.76  ? 132 LYS A O   1 
ATOM   1069 C CB  . LYS A 1 135 ? 11.984  6.797   3.668   1.00 9.57  ? 132 LYS A CB  1 
ATOM   1070 C CG  . LYS A 1 135 ? 11.849  7.460   2.304   1.00 13.31 ? 132 LYS A CG  1 
ATOM   1071 C CD  . LYS A 1 135 ? 13.115  7.481   1.559   1.00 16.95 ? 132 LYS A CD  1 
ATOM   1072 C CE  . LYS A 1 135 ? 12.896  8.432   0.380   1.00 23.70 ? 132 LYS A CE  1 
ATOM   1073 N NZ  . LYS A 1 135 ? 14.186  8.604   -0.337  1.00 32.81 ? 132 LYS A NZ  1 
ATOM   1074 N N   . PHE A 1 136 ? 10.435  4.783   5.640   1.00 6.77  ? 133 PHE A N   1 
ATOM   1075 C CA  . PHE A 1 136 ? 10.330  4.004   6.855   1.00 6.53  ? 133 PHE A CA  1 
ATOM   1076 C C   . PHE A 1 136 ? 10.514  2.499   6.658   1.00 6.03  ? 133 PHE A C   1 
ATOM   1077 O O   . PHE A 1 136 ? 10.391  2.021   5.553   1.00 5.43  ? 133 PHE A O   1 
ATOM   1078 C CB  . PHE A 1 136 ? 8.997   4.296   7.537   1.00 7.34  ? 133 PHE A CB  1 
ATOM   1079 C CG  . PHE A 1 136 ? 7.800   4.001   6.645   1.00 8.00  ? 133 PHE A CG  1 
ATOM   1080 C CD1 . PHE A 1 136 ? 7.313   2.690   6.465   1.00 8.26  ? 133 PHE A CD1 1 
ATOM   1081 C CD2 . PHE A 1 136 ? 7.156   5.031   5.968   1.00 9.65  ? 133 PHE A CD2 1 
ATOM   1082 C CE1 . PHE A 1 136 ? 6.253   2.436   5.613   1.00 9.03  ? 133 PHE A CE1 1 
ATOM   1083 C CE2 . PHE A 1 136 ? 6.078   4.743   5.170   1.00 9.77  ? 133 PHE A CE2 1 
ATOM   1084 C CZ  . PHE A 1 136 ? 5.668   3.466   4.960   1.00 9.20  ? 133 PHE A CZ  1 
ATOM   1085 N N   . HIS A 1 137 ? 10.885  1.821   7.735   1.00 5.91  ? 134 HIS A N   1 
ATOM   1086 C CA  . HIS A 1 137 ? 10.859  0.381   7.871   1.00 6.62  ? 134 HIS A CA  1 
ATOM   1087 C C   . HIS A 1 137 ? 9.927   0.073   8.995   1.00 7.34  ? 134 HIS A C   1 
ATOM   1088 O O   . HIS A 1 137 ? 10.119  0.558   10.137  1.00 6.86  ? 134 HIS A O   1 
ATOM   1089 C CB  . HIS A 1 137 ? 12.235  -0.237  8.163   1.00 7.68  ? 134 HIS A CB  1 
ATOM   1090 C CG  . HIS A 1 137 ? 13.188  -0.198  7.008   1.00 9.01  ? 134 HIS A CG  1 
ATOM   1091 N ND1 . HIS A 1 137 ? 14.480  -0.665  7.111   1.00 12.28 ? 134 HIS A ND1 1 
ATOM   1092 C CD2 . HIS A 1 137 ? 13.029  0.126   5.703   1.00 9.82  ? 134 HIS A CD2 1 
ATOM   1093 C CE1 . HIS A 1 137 ? 15.103  -0.490  5.970   1.00 13.25 ? 134 HIS A CE1 1 
ATOM   1094 N NE2 . HIS A 1 137 ? 14.219  -0.128  5.066   1.00 13.05 ? 134 HIS A NE2 1 
ATOM   1095 N N   . GLY A 1 138 ? 8.998   -0.861  8.762   1.00 7.11  ? 135 GLY A N   1 
ATOM   1096 C CA  . GLY A 1 138 ? 8.082   -1.266  9.787   1.00 7.68  ? 135 GLY A CA  1 
ATOM   1097 C C   . GLY A 1 138 ? 7.980   -2.812  9.851   1.00 7.11  ? 135 GLY A C   1 
ATOM   1098 O O   . GLY A 1 138 ? 8.268   -3.513  8.913   1.00 6.32  ? 135 GLY A O   1 
ATOM   1099 N N   . TYR A 1 139 ? 7.457   -3.255  11.012  1.00 7.94  ? 136 TYR A N   1 
ATOM   1100 C CA  . TYR A 1 139 ? 7.063   -4.674  11.213  1.00 7.88  ? 136 TYR A CA  1 
ATOM   1101 C C   . TYR A 1 139 ? 5.815   -4.631  12.073  1.00 7.35  ? 136 TYR A C   1 
ATOM   1102 O O   . TYR A 1 139 ? 5.821   -4.020  13.124  1.00 9.14  ? 136 TYR A O   1 
ATOM   1103 C CB  . TYR A 1 139 ? 8.218   -5.412  11.962  1.00 9.34  ? 136 TYR A CB  1 
ATOM   1104 C CG  . TYR A 1 139 ? 8.046   -6.920  12.006  1.00 12.69 ? 136 TYR A CG  1 
ATOM   1105 C CD1 . TYR A 1 139 ? 7.166   -7.478  12.756  1.00 14.85 ? 136 TYR A CD1 1 
ATOM   1106 C CD2 . TYR A 1 139 ? 8.841   -7.739  11.224  1.00 16.32 ? 136 TYR A CD2 1 
ATOM   1107 C CE1 . TYR A 1 139 ? 6.961   -8.860  12.792  1.00 12.49 ? 136 TYR A CE1 1 
ATOM   1108 C CE2 . TYR A 1 139 ? 8.694   -9.135  11.208  1.00 16.07 ? 136 TYR A CE2 1 
ATOM   1109 C CZ  . TYR A 1 139 ? 7.730   -9.674  12.058  1.00 17.14 ? 136 TYR A CZ  1 
ATOM   1110 O OH  . TYR A 1 139 ? 7.621   -11.066 12.161  1.00 18.72 ? 136 TYR A OH  1 
ATOM   1111 N N   . PHE A 1 140 ? 4.777   -5.318  11.663  1.00 5.64  ? 137 PHE A N   1 
ATOM   1112 C CA  . PHE A 1 140 ? 3.576   -5.410  12.427  1.00 5.83  ? 137 PHE A CA  1 
ATOM   1113 C C   . PHE A 1 140 ? 3.160   -6.862  12.569  1.00 6.05  ? 137 PHE A C   1 
ATOM   1114 O O   . PHE A 1 140 ? 3.026   -7.581  11.563  1.00 6.37  ? 137 PHE A O   1 
ATOM   1115 C CB  . PHE A 1 140 ? 2.411   -4.643  11.758  1.00 6.41  ? 137 PHE A CB  1 
ATOM   1116 C CG  . PHE A 1 140 ? 2.599   -3.145  11.726  1.00 6.29  ? 137 PHE A CG  1 
ATOM   1117 C CD1 . PHE A 1 140 ? 3.411   -2.536  10.752  1.00 6.57  ? 137 PHE A CD1 1 
ATOM   1118 C CD2 . PHE A 1 140 ? 1.949   -2.319  12.670  1.00 6.53  ? 137 PHE A CD2 1 
ATOM   1119 C CE1 . PHE A 1 140 ? 3.605   -1.135  10.762  1.00 6.77  ? 137 PHE A CE1 1 
ATOM   1120 C CE2 . PHE A 1 140 ? 2.215   -0.910  12.662  1.00 6.38  ? 137 PHE A CE2 1 
ATOM   1121 C CZ  . PHE A 1 140 ? 3.018   -0.364  11.737  1.00 6.64  ? 137 PHE A CZ  1 
ATOM   1122 N N   . LYS A 1 141 ? 2.897   -7.248  13.808  1.00 6.48  ? 138 LYS A N   1 
ATOM   1123 C CA  . LYS A 1 141 ? 2.432   -8.635  14.113  1.00 7.07  ? 138 LYS A CA  1 
ATOM   1124 C C   . LYS A 1 141 ? 0.953   -8.554  14.399  1.00 6.85  ? 138 LYS A C   1 
ATOM   1125 O O   . LYS A 1 141 ? 0.565   -7.848  15.376  1.00 7.13  ? 138 LYS A O   1 
ATOM   1126 C CB  . LYS A 1 141 ? 3.142   -9.153  15.352  1.00 8.19  ? 138 LYS A CB  1 
ATOM   1127 C CG  . LYS A 1 141 ? 2.765   -10.544 15.847  1.00 9.80  ? 138 LYS A CG  1 
ATOM   1128 C CD  . LYS A 1 141 ? 3.556   -10.997 17.043  1.00 13.25 ? 138 LYS A CD  1 
ATOM   1129 C CE  . LYS A 1 141 ? 3.094   -12.352 17.483  1.00 19.82 ? 138 LYS A CE  1 
ATOM   1130 N NZ  . LYS A 1 141 ? 3.821   -12.764 18.730  1.00 24.65 ? 138 LYS A NZ  1 
ATOM   1131 N N   . PHE A 1 142 ? 0.145   -9.243  13.607  1.00 6.00  ? 139 PHE A N   1 
ATOM   1132 C CA  . PHE A 1 142 ? -1.278  -9.246  13.720  1.00 6.66  ? 139 PHE A CA  1 
ATOM   1133 C C   . PHE A 1 142 ? -1.827  -10.551 14.274  1.00 8.09  ? 139 PHE A C   1 
ATOM   1134 O O   . PHE A 1 142 ? -1.268  -11.593 14.021  1.00 7.51  ? 139 PHE A O   1 
ATOM   1135 C CB  . PHE A 1 142 ? -1.933  -9.127  12.306  1.00 7.10  ? 139 PHE A CB  1 
ATOM   1136 C CG  . PHE A 1 142 ? -2.091  -7.718  11.770  1.00 6.85  ? 139 PHE A CG  1 
ATOM   1137 C CD1 . PHE A 1 142 ? -1.013  -6.967  11.247  1.00 7.79  ? 139 PHE A CD1 1 
ATOM   1138 C CD2 . PHE A 1 142 ? -3.373  -7.143  11.710  1.00 8.77  ? 139 PHE A CD2 1 
ATOM   1139 C CE1 . PHE A 1 142 ? -1.229  -5.684  10.762  1.00 7.39  ? 139 PHE A CE1 1 
ATOM   1140 C CE2 . PHE A 1 142 ? -3.567  -5.837  11.246  1.00 8.73  ? 139 PHE A CE2 1 
ATOM   1141 C CZ  . PHE A 1 142 ? -2.479  -5.133  10.737  1.00 7.73  ? 139 PHE A CZ  1 
ATOM   1142 N N   . GLN A 1 143 ? -2.928  -10.439 15.000  1.00 7.96  ? 140 GLN A N   1 
ATOM   1143 C CA  . GLN A 1 143 ? -3.771  -11.610 15.311  1.00 10.53 ? 140 GLN A CA  1 
ATOM   1144 C C   . GLN A 1 143 ? -5.078  -11.397 14.618  1.00 10.95 ? 140 GLN A C   1 
ATOM   1145 O O   . GLN A 1 143 ? -5.833  -10.493 14.926  1.00 12.33 ? 140 GLN A O   1 
ATOM   1146 C CB  . GLN A 1 143 ? -3.972  -11.778 16.816  1.00 12.69 ? 140 GLN A CB  1 
ATOM   1147 C CG  . GLN A 1 143 ? -4.810  -13.046 17.119  1.00 15.86 ? 140 GLN A CG  1 
ATOM   1148 C CD  . GLN A 1 143 ? -5.029  -13.218 18.575  1.00 23.07 ? 140 GLN A CD  1 
ATOM   1149 O OE1 . GLN A 1 143 ? -5.709  -12.353 19.213  1.00 23.54 ? 140 GLN A OE1 1 
ATOM   1150 N NE2 . GLN A 1 143 ? -4.478  -14.314 19.133  1.00 26.17 ? 140 GLN A NE2 1 
ATOM   1151 N N   . GLY A 1 144 ? -5.315  -12.214 13.617  1.00 10.42 ? 141 GLY A N   1 
ATOM   1152 C CA  . GLY A 1 144 ? -6.402  -11.967 12.733  1.00 10.96 ? 141 GLY A CA  1 
ATOM   1153 C C   . GLY A 1 144 ? -6.183  -10.697 11.898  1.00 10.74 ? 141 GLY A C   1 
ATOM   1154 O O   . GLY A 1 144 ? -5.060  -10.236 11.836  1.00 12.48 ? 141 GLY A O   1 
ATOM   1155 N N   . GLN A 1 145 ? -7.217  -10.152 11.327  1.00 10.46 ? 142 GLN A N   1 
ATOM   1156 C CA  . GLN A 1 145 ? -7.045  -8.950  10.480  1.00 11.14 ? 142 GLN A CA  1 
ATOM   1157 C C   . GLN A 1 145 ? -7.292  -7.655  11.164  1.00 10.52 ? 142 GLN A C   1 
ATOM   1158 O O   . GLN A 1 145 ? -7.141  -6.591  10.540  1.00 9.28  ? 142 GLN A O   1 
ATOM   1159 C CB  . GLN A 1 145 ? -7.887  -9.111  9.223   1.00 13.07 ? 142 GLN A CB  1 
ATOM   1160 C CG  . GLN A 1 145 ? -7.444  -10.306 8.385   1.00 15.36 ? 142 GLN A CG  1 
ATOM   1161 C CD  . GLN A 1 145 ? -8.070  -10.372 6.983   1.00 18.79 ? 142 GLN A CD  1 
ATOM   1162 O OE1 . GLN A 1 145 ? -8.937  -9.636  6.639   1.00 20.32 ? 142 GLN A OE1 1 
ATOM   1163 N NE2 . GLN A 1 145 ? -7.562  -11.277 6.177   1.00 27.91 ? 142 GLN A NE2 1 
ATOM   1164 N N   . ASP A 1 146 ? -7.692  -7.644  12.447  1.00 10.86 ? 143 ASP A N   1 
ATOM   1165 C CA  . ASP A 1 146 ? -8.118  -6.422  13.126  1.00 12.26 ? 143 ASP A CA  1 
ATOM   1166 C C   . ASP A 1 146 ? -7.291  -6.026  14.317  1.00 11.65 ? 143 ASP A C   1 
ATOM   1167 O O   . ASP A 1 146 ? -7.445  -4.902  14.760  1.00 14.12 ? 143 ASP A O   1 
ATOM   1168 C CB  . ASP A 1 146 ? -9.550  -6.594  13.603  1.00 14.12 ? 143 ASP A CB  1 
ATOM   1169 C CG  . ASP A 1 146 ? -10.503 -6.820  12.486  1.00 20.59 ? 143 ASP A CG  1 
ATOM   1170 O OD1 . ASP A 1 146 ? -10.253 -6.423  11.337  1.00 20.16 ? 143 ASP A OD1 1 
ATOM   1171 O OD2 . ASP A 1 146 ? -11.520 -7.505  12.754  1.00 24.56 ? 143 ASP A OD2 1 
ATOM   1172 N N   . THR A 1 147 ? -6.395  -6.896  14.821  1.00 8.59  ? 144 THR A N   1 
ATOM   1173 C CA  . THR A 1 147 ? -5.678  -6.604  16.041  1.00 8.26  ? 144 THR A CA  1 
ATOM   1174 C C   . THR A 1 147 ? -4.158  -6.607  15.809  1.00 7.08  ? 144 THR A C   1 
ATOM   1175 O O   . THR A 1 147 ? -3.625  -7.619  15.294  1.00 7.62  ? 144 THR A O   1 
ATOM   1176 C CB  . THR A 1 147 ? -6.007  -7.669  17.089  1.00 9.45  ? 144 THR A CB  1 
ATOM   1177 O OG1 . THR A 1 147 ? -7.433  -7.665  17.243  1.00 11.15 ? 144 THR A OG1 1 
ATOM   1178 C CG2 . THR A 1 147 ? -5.286  -7.387  18.443  1.00 10.10 ? 144 THR A CG2 1 
ATOM   1179 N N   . ILE A 1 148 ? -3.543  -5.489  16.150  1.00 6.03  ? 145 ILE A N   1 
ATOM   1180 C CA  . ILE A 1 148 ? -2.061  -5.450  16.195  1.00 6.72  ? 145 ILE A CA  1 
ATOM   1181 C C   . ILE A 1 148 ? -1.567  -5.836  17.562  1.00 7.09  ? 145 ILE A C   1 
ATOM   1182 O O   . ILE A 1 148 ? -1.818  -5.146  18.525  1.00 8.29  ? 145 ILE A O   1 
ATOM   1183 C CB  . ILE A 1 148 ? -1.551  -4.052  15.837  1.00 6.58  ? 145 ILE A CB  1 
ATOM   1184 C CG1 . ILE A 1 148 ? -2.024  -3.653  14.407  1.00 7.87  ? 145 ILE A CG1 1 
ATOM   1185 C CG2 . ILE A 1 148 ? -0.038  -3.960  15.961  1.00 6.53  ? 145 ILE A CG2 1 
ATOM   1186 C CD1 . ILE A 1 148 ? -1.798  -2.217  14.070  1.00 8.21  ? 145 ILE A CD1 1 
ATOM   1187 N N   . LEU A 1 149 ? -0.862  -6.952  17.622  1.00 6.87  ? 146 LEU A N   1 
ATOM   1188 C CA  . LEU A 1 149 ? -0.284  -7.370  18.909  1.00 7.47  ? 146 LEU A CA  1 
ATOM   1189 C C   . LEU A 1 149 ? 0.964   -6.610  19.317  1.00 8.02  ? 146 LEU A C   1 
ATOM   1190 O O   . LEU A 1 149 ? 1.160   -6.263  20.499  1.00 8.50  ? 146 LEU A O   1 
ATOM   1191 C CB  . LEU A 1 149 ? 0.066   -8.867  18.853  1.00 7.87  ? 146 LEU A CB  1 
ATOM   1192 C CG  . LEU A 1 149 ? -1.060  -9.865  18.603  1.00 8.46  ? 146 LEU A CG  1 
ATOM   1193 C CD1 . LEU A 1 149 ? -0.470  -11.248 18.505  1.00 10.61 ? 146 LEU A CD1 1 
ATOM   1194 C CD2 . LEU A 1 149 ? -2.101  -9.855  19.733  1.00 9.92  ? 146 LEU A CD2 1 
ATOM   1195 N N   . ASP A 1 150 ? 1.810   -6.282  18.344  1.00 7.71  ? 147 ASP A N   1 
ATOM   1196 C CA  . ASP A 1 150 ? 3.086   -5.643  18.558  1.00 9.06  ? 147 ASP A CA  1 
ATOM   1197 C C   . ASP A 1 150 ? 3.549   -5.050  17.237  1.00 7.73  ? 147 ASP A C   1 
ATOM   1198 O O   . ASP A 1 150 ? 3.174   -5.568  16.163  1.00 7.63  ? 147 ASP A O   1 
ATOM   1199 C CB  . ASP A 1 150 ? 4.226   -6.580  19.015  1.00 12.75 ? 147 ASP A CB  1 
ATOM   1200 C CG  . ASP A 1 150 ? 3.932   -7.407  20.206  1.00 18.69 ? 147 ASP A CG  1 
ATOM   1201 O OD1 . ASP A 1 150 ? 3.454   -8.582  20.033  1.00 22.10 ? 147 ASP A OD1 1 
ATOM   1202 O OD2 . ASP A 1 150 ? 4.341   -6.907  21.314  1.00 21.02 ? 147 ASP A OD2 1 
ATOM   1203 N N   . TYR A 1 151 ? 4.401   -4.034  17.289  1.00 8.50  ? 148 TYR A N   1 
ATOM   1204 C CA  . TYR A 1 151 ? 4.946   -3.471  16.068  1.00 8.52  ? 148 TYR A CA  1 
ATOM   1205 C C   . TYR A 1 151 ? 6.205   -2.688  16.334  1.00 8.11  ? 148 TYR A C   1 
ATOM   1206 O O   . TYR A 1 151 ? 6.483   -2.315  17.489  1.00 9.68  ? 148 TYR A O   1 
ATOM   1207 C CB  . TYR A 1 151 ? 3.911   -2.514  15.388  1.00 8.16  ? 148 TYR A CB  1 
ATOM   1208 C CG  . TYR A 1 151 ? 3.828   -1.127  16.021  1.00 9.26  ? 148 TYR A CG  1 
ATOM   1209 C CD1 . TYR A 1 151 ? 3.073   -0.956  17.165  1.00 11.39 ? 148 TYR A CD1 1 
ATOM   1210 C CD2 . TYR A 1 151 ? 4.501   -0.083  15.488  1.00 9.89  ? 148 TYR A CD2 1 
ATOM   1211 C CE1 . TYR A 1 151 ? 3.042   0.283   17.783  1.00 13.56 ? 148 TYR A CE1 1 
ATOM   1212 C CE2 . TYR A 1 151 ? 4.477   1.158   16.077  1.00 12.05 ? 148 TYR A CE2 1 
ATOM   1213 C CZ  . TYR A 1 151 ? 3.733   1.334   17.204  1.00 15.00 ? 148 TYR A CZ  1 
ATOM   1214 O OH  . TYR A 1 151 ? 3.740   2.607   17.763  1.00 16.76 ? 148 TYR A OH  1 
ATOM   1215 N N   . THR A 1 152 ? 6.973   -2.500  15.297  1.00 8.13  ? 149 THR A N   1 
ATOM   1216 C CA  . THR A 1 152 ? 8.041   -1.515  15.303  1.00 9.85  ? 149 THR A CA  1 
ATOM   1217 C C   . THR A 1 152 ? 7.955   -0.677  14.060  1.00 8.90  ? 149 THR A C   1 
ATOM   1218 O O   . THR A 1 152 ? 7.548   -1.168  13.021  1.00 8.64  ? 149 THR A O   1 
ATOM   1219 C CB  . THR A 1 152 ? 9.438   -2.158  15.383  1.00 11.69 ? 149 THR A CB  1 
ATOM   1220 O OG1 . THR A 1 152 ? 9.639   -2.999  14.250  1.00 15.49 ? 149 THR A OG1 1 
ATOM   1221 C CG2 . THR A 1 152 ? 9.597   -2.986  16.619  1.00 13.50 ? 149 THR A CG2 1 
ATOM   1222 N N   . LEU A 1 153 ? 8.333   0.596   14.148  1.00 9.11  ? 150 LEU A N   1 
ATOM   1223 C CA  . LEU A 1 153 ? 8.285   1.496   12.990  1.00 8.48  ? 150 LEU A CA  1 
ATOM   1224 C C   . LEU A 1 153 ? 9.354   2.514   13.156  1.00 9.71  ? 150 LEU A C   1 
ATOM   1225 O O   . LEU A 1 153 ? 9.340   3.194   14.196  1.00 13.95 ? 150 LEU A O   1 
ATOM   1226 C CB  . LEU A 1 153 ? 6.903   2.151   12.825  1.00 8.68  ? 150 LEU A CB  1 
ATOM   1227 C CG  . LEU A 1 153 ? 6.672   3.058   11.617  1.00 9.23  ? 150 LEU A CG  1 
ATOM   1228 C CD1 . LEU A 1 153 ? 6.886   2.284   10.343  1.00 9.72  ? 150 LEU A CD1 1 
ATOM   1229 C CD2 . LEU A 1 153 ? 5.282   3.646   11.712  1.00 10.21 ? 150 LEU A CD2 1 
ATOM   1230 N N   . ARG A 1 154 ? 10.252  2.634   12.209  1.00 9.27  ? 151 ARG A N   1 
ATOM   1231 C CA  . ARG A 1 154 ? 11.358  3.613   12.307  1.00 11.44 ? 151 ARG A CA  1 
ATOM   1232 C C   . ARG A 1 154 ? 11.522  4.302   10.988  1.00 10.35 ? 151 ARG A C   1 
ATOM   1233 O O   . ARG A 1 154 ? 11.394  3.685   9.903   1.00 9.86  ? 151 ARG A O   1 
ATOM   1234 C CB  . ARG A 1 154 ? 12.617  3.046   12.822  1.00 16.34 ? 151 ARG A CB  1 
ATOM   1235 C CG  . ARG A 1 154 ? 13.501  2.327   11.860  1.00 19.43 ? 151 ARG A CG  1 
ATOM   1236 C CD  . ARG A 1 154 ? 14.888  1.894   12.436  1.00 24.39 ? 151 ARG A CD  1 
ATOM   1237 N NE  . ARG A 1 154 ? 15.436  0.872   11.499  1.00 31.21 ? 151 ARG A NE  1 
ATOM   1238 C CZ  . ARG A 1 154 ? 16.415  1.037   10.572  1.00 36.27 ? 151 ARG A CZ  1 
ATOM   1239 N NH1 . ARG A 1 154 ? 17.076  2.184   10.495  1.00 41.47 ? 151 ARG A NH1 1 
ATOM   1240 N NH2 . ARG A 1 154 ? 16.768  0.020   9.724   1.00 37.25 ? 151 ARG A NH2 1 
ATOM   1241 N N   . GLU A 1 155 ? 11.764  5.619   11.061  1.00 9.08  ? 152 GLU A N   1 
ATOM   1242 C CA  . GLU A 1 155 ? 12.176  6.339   9.849   1.00 9.29  ? 152 GLU A CA  1 
ATOM   1243 C C   . GLU A 1 155 ? 13.608  6.004   9.420   1.00 8.65  ? 152 GLU A C   1 
ATOM   1244 O O   . GLU A 1 155 ? 14.503  5.669   10.298  1.00 10.06 ? 152 GLU A O   1 
ATOM   1245 C CB  . GLU A 1 155 ? 12.097  7.842   10.019  1.00 10.78 ? 152 GLU A CB  1 
ATOM   1246 C CG  . GLU A 1 155 ? 10.690  8.250   10.396  1.00 12.55 ? 152 GLU A CG  1 
ATOM   1247 C CD  . GLU A 1 155 ? 10.474  9.748   10.544  1.00 15.72 ? 152 GLU A CD  1 
ATOM   1248 O OE1 . GLU A 1 155 ? 11.281  10.548  10.182  1.00 17.17 ? 152 GLU A OE1 1 
ATOM   1249 O OE2 . GLU A 1 155 ? 9.375   10.086  11.020  1.00 15.16 ? 152 GLU A OE2 1 
ATOM   1250 N N   . VAL A 1 156 ? 13.828  5.986   8.113   1.00 7.76  ? 153 VAL A N   1 
ATOM   1251 C CA  . VAL A 1 156 ? 15.104  5.631   7.498   1.00 8.19  ? 153 VAL A CA  1 
ATOM   1252 C C   . VAL A 1 156 ? 15.469  6.629   6.403   1.00 8.51  ? 153 VAL A C   1 
ATOM   1253 O O   . VAL A 1 156 ? 14.583  7.304   5.840   1.00 8.70  ? 153 VAL A O   1 
ATOM   1254 C CB  . VAL A 1 156 ? 15.140  4.229   6.921   1.00 8.30  ? 153 VAL A CB  1 
ATOM   1255 C CG1 . VAL A 1 156 ? 14.897  3.205   8.059   1.00 9.27  ? 153 VAL A CG1 1 
ATOM   1256 C CG2 . VAL A 1 156 ? 14.167  4.088   5.796   1.00 9.31  ? 153 VAL A CG2 1 
ATOM   1257 N N   . ASP A 1 157 ? 16.767  6.718   6.085   1.00 10.08 ? 154 ASP A N   1 
ATOM   1258 C CA  . ASP A 1 157 ? 17.155  7.499   4.905   1.00 12.25 ? 154 ASP A CA  1 
ATOM   1259 C C   . ASP A 1 157 ? 17.155  6.709   3.587   1.00 11.89 ? 154 ASP A C   1 
ATOM   1260 O O   . ASP A 1 157 ? 17.049  7.305   2.520   1.00 16.36 ? 154 ASP A O   1 
ATOM   1261 C CB  . ASP A 1 157 ? 18.528  8.104   5.179   1.00 12.78 ? 154 ASP A CB  1 
ATOM   1262 C CG  . ASP A 1 157 ? 18.495  9.156   6.294   1.00 16.64 ? 154 ASP A CG  1 
ATOM   1263 O OD1 . ASP A 1 157 ? 17.589  9.989   6.415   1.00 21.00 ? 154 ASP A OD1 1 
ATOM   1264 O OD2 . ASP A 1 157 ? 19.465  9.172   7.034   1.00 24.04 ? 154 ASP A OD2 1 
ATOM   1265 N N   . THR A 1 158 ? 17.347  5.411   3.684   1.00 14.07 ? 155 THR A N   1 
ATOM   1266 C CA  . THR A 1 158 ? 17.462  4.566   2.486   1.00 14.88 ? 155 THR A CA  1 
ATOM   1267 C C   . THR A 1 158 ? 16.442  3.462   2.768   1.00 13.42 ? 155 THR A C   1 
ATOM   1268 O O   . THR A 1 158 ? 16.518  2.792   3.750   1.00 15.27 ? 155 THR A O   1 
ATOM   1269 C CB  . THR A 1 158 ? 18.881  3.871   2.414   1.00 17.09 ? 155 THR A CB  1 
ATOM   1270 O OG1 . THR A 1 158 ? 19.852  4.891   2.478   1.00 25.62 ? 155 THR A OG1 1 
ATOM   1271 C CG2 . THR A 1 158 ? 18.969  3.240   1.149   1.00 20.46 ? 155 THR A CG2 1 
ATOM   1272 N N   . VAL A 1 159 ? 15.503  3.231   1.857   1.00 12.05 ? 156 VAL A N   1 
ATOM   1273 C CA  . VAL A 1 159 ? 14.586  2.119   2.055   1.00 13.26 ? 156 VAL A CA  1 
ATOM   1274 C C   . VAL A 1 159 ? 15.246  0.783   1.784   1.00 16.25 ? 156 VAL A C   1 
ATOM   1275 O O   . VAL A 1 159 ? 14.988  -0.226  2.537   1.00 17.24 ? 156 VAL A O   1 
ATOM   1276 C CB  . VAL A 1 159 ? 13.331  2.296   1.145   1.00 12.47 ? 156 VAL A CB  1 
ATOM   1277 C CG1 . VAL A 1 159 ? 12.407  1.118   1.290   1.00 13.64 ? 156 VAL A CG1 1 
ATOM   1278 C CG2 . VAL A 1 159 ? 12.615  3.578   1.447   1.00 14.00 ? 156 VAL A CG2 1 
ATOM   1279 O OXT . VAL A 1 159 ? 16.017  0.660   0.791   1.00 16.03 ? 156 VAL A OXT 1 
HETATM 1280 C C10 . KYR B 2 .   ? -1.364  -7.371  5.822   1.00 8.48  ? 201 KYR A C10 1 
HETATM 1281 C C13 . KYR B 2 .   ? -0.413  -4.594  1.249   1.00 8.87  ? 201 KYR A C13 1 
HETATM 1282 C C15 . KYR B 2 .   ? -1.094  -6.126  -0.501  1.00 8.55  ? 201 KYR A C15 1 
HETATM 1283 C C17 . KYR B 2 .   ? -2.241  -6.104  1.627   1.00 8.56  ? 201 KYR A C17 1 
HETATM 1284 N N01 . KYR B 2 .   ? -1.651  -3.129  3.465   1.00 7.16  ? 201 KYR A N01 1 
HETATM 1285 C C02 . KYR B 2 .   ? -1.552  -4.487  3.405   1.00 7.46  ? 201 KYR A C02 1 
HETATM 1286 C C03 . KYR B 2 .   ? -1.576  -5.261  4.599   1.00 7.33  ? 201 KYR A C03 1 
HETATM 1287 C C04 . KYR B 2 .   ? -1.656  -4.569  5.796   1.00 6.98  ? 201 KYR A C04 1 
HETATM 1288 N N05 . KYR B 2 .   ? -1.760  -3.204  5.765   1.00 7.29  ? 201 KYR A N05 1 
HETATM 1289 C C06 . KYR B 2 .   ? -1.746  -2.481  4.672   1.00 7.61  ? 201 KYR A C06 1 
HETATM 1290 O O07 . KYR B 2 .   ? -1.872  -1.209  4.598   1.00 9.69  ? 201 KYR A O07 1 
HETATM 1291 C C08 . KYR B 2 .   ? -1.656  -5.298  6.976   1.00 7.58  ? 201 KYR A C08 1 
HETATM 1292 C C09 . KYR B 2 .   ? -1.501  -6.652  7.051   1.00 7.82  ? 201 KYR A C09 1 
HETATM 1293 C C11 . KYR B 2 .   ? -1.427  -6.676  4.641   1.00 7.77  ? 201 KYR A C11 1 
HETATM 1294 C C12 . KYR B 2 .   ? -1.399  -5.082  2.072   1.00 8.05  ? 201 KYR A C12 1 
HETATM 1295 C C14 . KYR B 2 .   ? -0.257  -5.172  -0.013  1.00 8.96  ? 201 KYR A C14 1 
HETATM 1296 C C16 . KYR B 2 .   ? -2.108  -6.629  0.306   1.00 8.98  ? 201 KYR A C16 1 
HETATM 1297 C C18 . KYR B 2 .   ? -0.829  -6.566  -1.919  1.00 8.94  ? 201 KYR A C18 1 
HETATM 1298 S S   . SO4 C 3 .   ? 13.687  6.555   -5.363  1.00 38.64 ? 202 SO4 A S   1 
HETATM 1299 O O1  . SO4 C 3 .   ? 14.759  6.446   -4.314  1.00 47.58 ? 202 SO4 A O1  1 
HETATM 1300 O O2  . SO4 C 3 .   ? 14.297  6.325   -6.726  1.00 48.95 ? 202 SO4 A O2  1 
HETATM 1301 O O3  . SO4 C 3 .   ? 13.036  7.917   -5.407  1.00 38.95 ? 202 SO4 A O3  1 
HETATM 1302 O O4  . SO4 C 3 .   ? 12.908  5.368   -5.106  1.00 32.49 ? 202 SO4 A O4  1 
HETATM 1303 O O   . HOH D 4 .   ? 22.149  4.537   2.495   1.00 20.05 ? 301 HOH A O   1 
HETATM 1304 O O   . HOH D 4 .   ? 15.121  -1.688  10.316  1.00 34.49 ? 302 HOH A O   1 
HETATM 1305 O O   . HOH D 4 .   ? 12.844  -7.606  0.349   1.00 24.52 ? 303 HOH A O   1 
HETATM 1306 O O   . HOH D 4 .   ? 7.769   -1.590  -15.880 1.00 32.74 ? 304 HOH A O   1 
HETATM 1307 O O   . HOH D 4 .   ? 2.765   7.851   -16.757 1.00 27.57 ? 305 HOH A O   1 
HETATM 1308 O O   . HOH D 4 .   ? 4.665   9.097   -19.597 1.00 24.10 ? 306 HOH A O   1 
HETATM 1309 O O   . HOH D 4 .   ? -11.275 -7.498  -5.241  1.00 36.46 ? 307 HOH A O   1 
HETATM 1310 O O   . HOH D 4 .   ? -8.689  10.932  8.703   1.00 33.95 ? 308 HOH A O   1 
HETATM 1311 O O   . HOH D 4 .   ? 8.764   12.570  11.012  1.00 13.42 ? 309 HOH A O   1 
HETATM 1312 O O   . HOH D 4 .   ? -0.916  -6.985  -16.277 1.00 22.25 ? 310 HOH A O   1 
HETATM 1313 O O   . HOH D 4 .   ? 6.328   -6.511  -15.291 1.00 27.04 ? 311 HOH A O   1 
HETATM 1314 O O   . HOH D 4 .   ? -6.440  17.995  1.083   1.00 26.86 ? 312 HOH A O   1 
HETATM 1315 O O   . HOH D 4 .   ? 1.429   -4.346  22.228  1.00 28.56 ? 313 HOH A O   1 
HETATM 1316 O O   . HOH D 4 .   ? -8.869  -3.086  13.569  1.00 32.38 ? 314 HOH A O   1 
HETATM 1317 O O   . HOH D 4 .   ? -10.265 14.531  -3.393  1.00 30.07 ? 315 HOH A O   1 
HETATM 1318 O O   . HOH D 4 .   ? 5.540   -12.441 -4.683  1.00 16.07 ? 316 HOH A O   1 
HETATM 1319 O O   . HOH D 4 .   ? -11.097 -7.166  -13.750 1.00 16.27 ? 317 HOH A O   1 
HETATM 1320 O O   . HOH D 4 .   ? -3.292  -7.869  -5.321  1.00 29.29 ? 318 HOH A O   1 
HETATM 1321 O O   . HOH D 4 .   ? 16.674  2.167   -1.270  1.00 22.87 ? 319 HOH A O   1 
HETATM 1322 O O   . HOH D 4 .   ? -5.515  -6.608  -0.586  1.00 31.96 ? 320 HOH A O   1 
HETATM 1323 O O   . HOH D 4 .   ? -10.071 -1.272  -11.079 1.00 15.41 ? 321 HOH A O   1 
HETATM 1324 O O   . HOH D 4 .   ? 11.095  -6.829  -14.464 1.00 22.56 ? 322 HOH A O   1 
HETATM 1325 O O   . HOH D 4 .   ? -11.456 -10.297 -12.384 1.00 27.01 ? 323 HOH A O   1 
HETATM 1326 O O   . HOH D 4 .   ? -3.873  17.882  -5.053  1.00 21.68 ? 324 HOH A O   1 
HETATM 1327 O O   . HOH D 4 .   ? 12.894  -2.262  -12.419 1.00 24.92 ? 325 HOH A O   1 
HETATM 1328 O O   . HOH D 4 .   ? -8.338  -9.565  14.670  1.00 14.60 ? 326 HOH A O   1 
HETATM 1329 O O   . HOH D 4 .   ? 2.434   -14.377 1.823   1.00 17.33 ? 327 HOH A O   1 
HETATM 1330 O O   . HOH D 4 .   ? 5.473   10.355  0.417   1.00 18.74 ? 328 HOH A O   1 
HETATM 1331 O O   . HOH D 4 .   ? 13.659  6.348   -1.704  1.00 26.30 ? 329 HOH A O   1 
HETATM 1332 O O   . HOH D 4 .   ? -7.619  4.501   -17.174 1.00 24.53 ? 330 HOH A O   1 
HETATM 1333 O O   . HOH D 4 .   ? -16.930 0.343   -13.976 1.00 26.30 ? 331 HOH A O   1 
HETATM 1334 O O   . HOH D 4 .   ? 13.425  10.775  8.564   1.00 18.04 ? 332 HOH A O   1 
HETATM 1335 O O   . HOH D 4 .   ? -12.286 13.559  0.760   1.00 18.95 ? 333 HOH A O   1 
HETATM 1336 O O   . HOH D 4 .   ? -14.294 4.261   -8.894  1.00 24.02 ? 334 HOH A O   1 
HETATM 1337 O O   . HOH D 4 .   ? -2.919  4.874   -4.665  1.00 8.31  ? 335 HOH A O   1 
HETATM 1338 O O   . HOH D 4 .   ? 17.708  1.649   5.898   1.00 21.13 ? 336 HOH A O   1 
HETATM 1339 O O   . HOH D 4 .   ? -5.476  -0.259  4.203   1.00 5.54  ? 337 HOH A O   1 
HETATM 1340 O O   . HOH D 4 .   ? -3.024  2.677   2.333   1.00 21.28 ? 338 HOH A O   1 
HETATM 1341 O O   . HOH D 4 .   ? 8.123   -18.051 -14.560 1.00 11.87 ? 339 HOH A O   1 
HETATM 1342 O O   . HOH D 4 .   ? 7.524   -15.255 -14.984 1.00 19.94 ? 340 HOH A O   1 
HETATM 1343 O O   . HOH D 4 .   ? -10.484 14.827  -6.140  1.00 30.21 ? 341 HOH A O   1 
HETATM 1344 O O   . HOH D 4 .   ? -17.484 -0.969  -3.409  1.00 17.87 ? 342 HOH A O   1 
HETATM 1345 O O   . HOH D 4 .   ? 10.603  -11.251 0.563   1.00 27.12 ? 343 HOH A O   1 
HETATM 1346 O O   . HOH D 4 .   ? 1.064   1.623   -13.945 1.00 9.69  ? 344 HOH A O   1 
HETATM 1347 O O   . HOH D 4 .   ? 4.940   12.122  -1.749  1.00 24.50 ? 345 HOH A O   1 
HETATM 1348 O O   . HOH D 4 .   ? -8.729  -5.326  18.014  1.00 22.32 ? 346 HOH A O   1 
HETATM 1349 O O   . HOH D 4 .   ? -1.800  -10.257 -11.151 1.00 26.23 ? 347 HOH A O   1 
HETATM 1350 O O   . HOH D 4 .   ? -7.545  -10.517 18.208  1.00 30.92 ? 348 HOH A O   1 
HETATM 1351 O O   . HOH D 4 .   ? 7.817   9.374   1.436   1.00 17.83 ? 349 HOH A O   1 
HETATM 1352 O O   . HOH D 4 .   ? 5.632   -3.258  -15.243 1.00 16.36 ? 350 HOH A O   1 
HETATM 1353 O O   . HOH D 4 .   ? -15.069 4.879   4.266   1.00 28.46 ? 351 HOH A O   1 
HETATM 1354 O O   . HOH D 4 .   ? -6.884  5.901   13.275  1.00 32.73 ? 352 HOH A O   1 
HETATM 1355 O O   . HOH D 4 .   ? -11.356 -7.380  8.951   1.00 35.14 ? 353 HOH A O   1 
HETATM 1356 O O   . HOH D 4 .   ? 2.793   -14.572 8.977   1.00 9.92  ? 354 HOH A O   1 
HETATM 1357 O O   . HOH D 4 .   ? -5.986  2.561   9.776   1.00 8.80  ? 355 HOH A O   1 
HETATM 1358 O O   . HOH D 4 .   ? 13.401  13.480  9.589   1.00 26.41 ? 356 HOH A O   1 
HETATM 1359 O O   . HOH D 4 .   ? 13.563  -6.394  -7.793  1.00 23.96 ? 357 HOH A O   1 
HETATM 1360 O O   . HOH D 4 .   ? -4.852  1.775   14.241  1.00 16.60 ? 358 HOH A O   1 
HETATM 1361 O O   . HOH D 4 .   ? 1.344   -14.522 4.375   1.00 24.51 ? 359 HOH A O   1 
HETATM 1362 O O   . HOH D 4 .   ? 1.774   -2.042  -6.772  1.00 30.68 ? 360 HOH A O   1 
HETATM 1363 O O   . HOH D 4 .   ? -8.981  -6.910  5.921   1.00 32.55 ? 361 HOH A O   1 
HETATM 1364 O O   . HOH D 4 .   ? 9.843   0.467   -1.404  1.00 13.27 ? 362 HOH A O   1 
HETATM 1365 O O   . HOH D 4 .   ? 0.958   15.348  -0.591  1.00 26.84 ? 363 HOH A O   1 
HETATM 1366 O O   . HOH D 4 .   ? -4.024  10.734  -18.945 1.00 27.19 ? 364 HOH A O   1 
HETATM 1367 O O   . HOH D 4 .   ? 8.002   -11.836 -15.355 1.00 32.87 ? 365 HOH A O   1 
HETATM 1368 O O   . HOH D 4 .   ? -8.516  0.315   11.149  1.00 22.33 ? 366 HOH A O   1 
HETATM 1369 O O   . HOH D 4 .   ? 2.466   14.952  -3.789  1.00 29.19 ? 367 HOH A O   1 
HETATM 1370 O O   . HOH D 4 .   ? 3.659   -6.527  -7.678  1.00 14.55 ? 368 HOH A O   1 
HETATM 1371 O O   . HOH D 4 .   ? 0.077   -10.317 -14.542 1.00 45.68 ? 369 HOH A O   1 
HETATM 1372 O O   . HOH D 4 .   ? -6.960  -1.494  -2.291  1.00 17.89 ? 370 HOH A O   1 
HETATM 1373 O O   . HOH D 4 .   ? -1.258  -10.506 -6.150  1.00 19.95 ? 371 HOH A O   1 
HETATM 1374 O O   . HOH D 4 .   ? -14.561 3.046   -14.292 1.00 30.47 ? 372 HOH A O   1 
HETATM 1375 O O   . HOH D 4 .   ? -7.900  -3.287  0.707   1.00 17.94 ? 373 HOH A O   1 
HETATM 1376 O O   . HOH D 4 .   ? -9.437  -10.378 3.896   1.00 22.26 ? 374 HOH A O   1 
HETATM 1377 O O   . HOH D 4 .   ? -4.104  13.651  -11.692 1.00 25.35 ? 375 HOH A O   1 
HETATM 1378 O O   . HOH D 4 .   ? 12.846  9.604   6.054   1.00 12.88 ? 376 HOH A O   1 
HETATM 1379 O O   . HOH D 4 .   ? -3.546  -14.595 12.915  1.00 13.69 ? 377 HOH A O   1 
HETATM 1380 O O   . HOH D 4 .   ? -13.561 -1.424  6.577   1.00 27.82 ? 378 HOH A O   1 
HETATM 1381 O O   . HOH D 4 .   ? 1.199   -11.032 -9.373  1.00 32.57 ? 379 HOH A O   1 
HETATM 1382 O O   . HOH D 4 .   ? 10.947  -1.386  12.118  1.00 24.00 ? 380 HOH A O   1 
HETATM 1383 O O   . HOH D 4 .   ? -9.917  -11.178 11.616  1.00 23.93 ? 381 HOH A O   1 
HETATM 1384 O O   . HOH D 4 .   ? 10.949  -3.759  7.820   1.00 26.51 ? 382 HOH A O   1 
HETATM 1385 O O   . HOH D 4 .   ? -11.578 -1.660  8.685   1.00 27.82 ? 383 HOH A O   1 
HETATM 1386 O O   . HOH D 4 .   ? 12.228  3.388   -7.132  1.00 31.09 ? 384 HOH A O   1 
HETATM 1387 O O   . HOH D 4 .   ? 4.546   -3.096  20.046  1.00 25.37 ? 385 HOH A O   1 
HETATM 1388 O O   . HOH D 4 .   ? 3.794   11.253  -4.062  1.00 19.28 ? 386 HOH A O   1 
HETATM 1389 O O   . HOH D 4 .   ? 1.353   -18.365 5.510   1.00 18.63 ? 387 HOH A O   1 
HETATM 1390 O O   . HOH D 4 .   ? -3.129  8.542   12.299  1.00 26.54 ? 388 HOH A O   1 
HETATM 1391 O O   . HOH D 4 .   ? 11.226  14.708  2.955   1.00 26.42 ? 389 HOH A O   1 
HETATM 1392 O O   . HOH D 4 .   ? 12.910  14.155  5.151   1.00 25.38 ? 390 HOH A O   1 
HETATM 1393 O O   . HOH D 4 .   ? 5.495   -15.773 -11.247 1.00 19.99 ? 391 HOH A O   1 
HETATM 1394 O O   . HOH D 4 .   ? 19.938  11.606  8.644   1.00 41.28 ? 392 HOH A O   1 
HETATM 1395 O O   . HOH D 4 .   ? -5.555  -4.402  1.118   1.00 13.50 ? 393 HOH A O   1 
HETATM 1396 O O   . HOH D 4 .   ? 1.246   13.727  8.663   1.00 17.84 ? 394 HOH A O   1 
HETATM 1397 O O   . HOH D 4 .   ? -8.666  -1.974  -13.358 1.00 25.80 ? 395 HOH A O   1 
HETATM 1398 O O   . HOH D 4 .   ? 12.909  -2.973  -8.304  1.00 15.83 ? 396 HOH A O   1 
HETATM 1399 O O   . HOH D 4 .   ? 7.557   0.204   18.667  1.00 27.65 ? 397 HOH A O   1 
HETATM 1400 O O   . HOH D 4 .   ? 11.949  7.015   13.694  1.00 16.35 ? 398 HOH A O   1 
HETATM 1401 O O   . HOH D 4 .   ? 15.470  4.859   -0.656  1.00 17.41 ? 399 HOH A O   1 
HETATM 1402 O O   . HOH D 4 .   ? 14.680  -6.494  1.582   1.00 30.64 ? 400 HOH A O   1 
HETATM 1403 O O   . HOH D 4 .   ? -10.101 -8.992  16.901  1.00 35.07 ? 401 HOH A O   1 
HETATM 1404 O O   . HOH D 4 .   ? 1.684   18.108  7.873   1.00 19.02 ? 402 HOH A O   1 
HETATM 1405 O O   . HOH D 4 .   ? 11.520  3.518   16.255  1.00 30.33 ? 403 HOH A O   1 
HETATM 1406 O O   . HOH D 4 .   ? 8.947   1.309   17.014  1.00 24.97 ? 404 HOH A O   1 
HETATM 1407 O O   . HOH D 4 .   ? -0.616  13.235  -12.688 1.00 30.29 ? 405 HOH A O   1 
HETATM 1408 O O   . HOH D 4 .   ? 15.786  9.107   8.734   1.00 26.39 ? 406 HOH A O   1 
HETATM 1409 O O   . HOH D 4 .   ? 16.356  10.971  3.776   1.00 21.19 ? 407 HOH A O   1 
HETATM 1410 O O   . HOH D 4 .   ? 19.035  4.536   6.117   1.00 22.66 ? 408 HOH A O   1 
HETATM 1411 O O   . HOH D 4 .   ? -9.480  -5.362  -12.345 1.00 27.75 ? 409 HOH A O   1 
HETATM 1412 O O   . HOH D 4 .   ? 1.155   2.773   19.690  1.00 31.42 ? 410 HOH A O   1 
HETATM 1413 O O   . HOH D 4 .   ? -1.961  10.862  -20.700 1.00 35.28 ? 411 HOH A O   1 
HETATM 1414 O O   . HOH D 4 .   ? -8.647  -8.766  19.921  1.00 26.36 ? 412 HOH A O   1 
HETATM 1415 O O   . HOH D 4 .   ? -7.073  -12.201 -3.079  1.00 30.89 ? 413 HOH A O   1 
HETATM 1416 O O   . HOH D 4 .   ? -9.840  9.019   11.186  1.00 41.23 ? 414 HOH A O   1 
HETATM 1417 O O   . HOH D 4 .   ? 10.968  -2.347  -17.472 1.00 34.55 ? 415 HOH A O   1 
HETATM 1418 O O   . HOH D 4 .   ? -0.615  -4.099  -16.191 1.00 34.20 ? 416 HOH A O   1 
HETATM 1419 O O   . HOH D 4 .   ? 5.316   4.622   15.746  1.00 33.57 ? 417 HOH A O   1 
HETATM 1420 O O   . HOH D 4 .   ? 14.506  -1.300  -1.400  1.00 26.31 ? 418 HOH A O   1 
HETATM 1421 O O   . HOH D 4 .   ? 4.517   -14.854 -14.262 1.00 40.60 ? 419 HOH A O   1 
HETATM 1422 O O   . HOH D 4 .   ? 5.928   11.305  -5.639  1.00 31.62 ? 420 HOH A O   1 
HETATM 1423 O O   . HOH D 4 .   ? -4.261  -4.242  -2.784  1.00 30.35 ? 421 HOH A O   1 
HETATM 1424 O O   . HOH D 4 .   ? 6.354   2.712   -18.861 1.00 29.28 ? 422 HOH A O   1 
HETATM 1425 O O   . HOH D 4 .   ? 3.293   -16.723 1.182   1.00 27.89 ? 423 HOH A O   1 
HETATM 1426 O O   . HOH D 4 .   ? 11.740  -1.276  -2.313  1.00 16.30 ? 424 HOH A O   1 
HETATM 1427 O O   . HOH D 4 .   ? -11.194 -6.762  17.063  1.00 28.42 ? 425 HOH A O   1 
HETATM 1428 O O   . HOH D 4 .   ? -14.133 11.654  1.960   1.00 32.57 ? 426 HOH A O   1 
HETATM 1429 O O   . HOH D 4 .   ? 0.419   15.653  7.074   1.00 18.10 ? 427 HOH A O   1 
HETATM 1430 O O   . HOH D 4 .   ? -3.048  20.141  -5.772  1.00 46.04 ? 428 HOH A O   1 
HETATM 1431 O O   . HOH D 4 .   ? 11.905  -3.393  10.620  1.00 35.48 ? 429 HOH A O   1 
HETATM 1432 O O   . HOH D 4 .   ? 3.478   18.767  6.232   1.00 31.38 ? 430 HOH A O   1 
HETATM 1433 O O   . HOH D 4 .   ? 13.701  11.740  4.317   1.00 21.47 ? 431 HOH A O   1 
HETATM 1434 O O   . HOH D 4 .   ? 12.443  -1.464  -5.611  1.00 24.98 ? 432 HOH A O   1 
HETATM 1435 O O   . HOH D 4 .   ? -8.578  -14.114 10.498  1.00 37.67 ? 433 HOH A O   1 
HETATM 1436 O O   . HOH D 4 .   ? 7.302   12.913  -2.848  1.00 34.69 ? 434 HOH A O   1 
HETATM 1437 O O   . HOH D 4 .   ? -2.894  11.292  8.692   1.00 34.26 ? 435 HOH A O   1 
HETATM 1438 O O   . HOH D 4 .   ? 1.748   -13.855 -8.949  1.00 38.20 ? 436 HOH A O   1 
# 
loop_
_pdbx_poly_seq_scheme.asym_id 
_pdbx_poly_seq_scheme.entity_id 
_pdbx_poly_seq_scheme.seq_id 
_pdbx_poly_seq_scheme.mon_id 
_pdbx_poly_seq_scheme.ndb_seq_num 
_pdbx_poly_seq_scheme.pdb_seq_num 
_pdbx_poly_seq_scheme.auth_seq_num 
_pdbx_poly_seq_scheme.pdb_mon_id 
_pdbx_poly_seq_scheme.auth_mon_id 
_pdbx_poly_seq_scheme.pdb_strand_id 
_pdbx_poly_seq_scheme.pdb_ins_code 
_pdbx_poly_seq_scheme.hetero 
A 1 1   GLY 1   -2  ?   ?   ?   A . n 
A 1 2   SER 2   -1  ?   ?   ?   A . n 
A 1 3   HIS 3   0   ?   ?   ?   A . n 
A 1 4   MET 4   1   ?   ?   ?   A . n 
A 1 5   GLY 5   2   ?   ?   ?   A . n 
A 1 6   ALA 6   3   3   ALA ALA A . n 
A 1 7   SER 7   4   4   SER SER A . n 
A 1 8   ARG 8   5   5   ARG ARG A . n 
A 1 9   LEU 9   6   6   LEU LEU A . n 
A 1 10  TYR 10  7   7   TYR TYR A . n 
A 1 11  THR 11  8   8   THR THR A . n 
A 1 12  LEU 12  9   9   LEU LEU A . n 
A 1 13  VAL 13  10  10  VAL VAL A . n 
A 1 14  LEU 14  11  11  LEU LEU A . n 
A 1 15  VAL 15  12  12  VAL VAL A . n 
A 1 16  LEU 16  13  13  LEU LEU A . n 
A 1 17  GLN 17  14  14  GLN GLN A . n 
A 1 18  PRO 18  15  15  PRO PRO A . n 
A 1 19  GLN 19  16  16  GLN GLN A . n 
A 1 20  ARG 20  17  17  ARG ARG A . n 
A 1 21  VAL 21  18  18  VAL VAL A . n 
A 1 22  LEU 22  19  19  LEU LEU A . n 
A 1 23  LEU 23  20  20  LEU LEU A . n 
A 1 24  GLY 24  21  21  GLY GLY A . n 
A 1 25  MET 25  22  22  MET MET A . n 
A 1 26  LYS 26  23  23  LYS LYS A . n 
A 1 27  LYS 27  24  24  LYS LYS A . n 
A 1 28  ARG 28  25  25  ARG ARG A . n 
A 1 29  GLY 29  26  26  GLY GLY A . n 
A 1 30  PHE 30  27  27  PHE PHE A . n 
A 1 31  GLY 31  28  28  GLY GLY A . n 
A 1 32  ALA 32  29  29  ALA ALA A . n 
A 1 33  GLY 33  30  30  GLY GLY A . n 
A 1 34  ARG 34  31  31  ARG ARG A . n 
A 1 35  TRP 35  32  32  TRP TRP A . n 
A 1 36  ASN 36  33  33  ASN ASN A . n 
A 1 37  GLY 37  34  34  GLY GLY A . n 
A 1 38  PHE 38  35  35  PHE PHE A . n 
A 1 39  GLY 39  36  36  GLY GLY A . n 
A 1 40  GLY 40  37  37  GLY GLY A . n 
A 1 41  LYS 41  38  38  LYS LYS A . n 
A 1 42  VAL 42  39  39  VAL VAL A . n 
A 1 43  GLN 43  40  40  GLN GLN A . n 
A 1 44  GLU 44  41  41  GLU GLU A . n 
A 1 45  GLY 45  42  42  GLY GLY A . n 
A 1 46  GLU 46  43  43  GLU GLU A . n 
A 1 47  THR 47  44  44  THR THR A . n 
A 1 48  ILE 48  45  45  ILE ILE A . n 
A 1 49  GLU 49  46  46  GLU GLU A . n 
A 1 50  ASP 50  47  47  ASP ASP A . n 
A 1 51  GLY 51  48  48  GLY GLY A . n 
A 1 52  ALA 52  49  49  ALA ALA A . n 
A 1 53  ARG 53  50  50  ARG ARG A . n 
A 1 54  ARG 54  51  51  ARG ARG A . n 
A 1 55  GLU 55  52  52  GLU GLU A . n 
A 1 56  LEU 56  53  53  LEU LEU A . n 
A 1 57  GLN 57  54  54  GLN GLN A . n 
A 1 58  GLU 58  55  55  GLU GLU A . n 
A 1 59  GLU 59  56  56  GLU GLU A . n 
A 1 60  SER 60  57  57  SER SER A . n 
A 1 61  GLY 61  58  58  GLY GLY A . n 
A 1 62  LEU 62  59  59  LEU LEU A . n 
A 1 63  THR 63  60  60  THR THR A . n 
A 1 64  VAL 64  61  61  VAL VAL A . n 
A 1 65  ASP 65  62  62  ASP ASP A . n 
A 1 66  ALA 66  63  63  ALA ALA A . n 
A 1 67  LEU 67  64  64  LEU LEU A . n 
A 1 68  HIS 68  65  65  HIS HIS A . n 
A 1 69  LYS 69  66  66  LYS LYS A . n 
A 1 70  VAL 70  67  67  VAL VAL A . n 
A 1 71  GLY 71  68  68  GLY GLY A . n 
A 1 72  GLN 72  69  69  GLN GLN A . n 
A 1 73  ILE 73  70  70  ILE ILE A . n 
A 1 74  VAL 74  71  71  VAL VAL A . n 
A 1 75  PHE 75  72  72  PHE PHE A . n 
A 1 76  GLU 76  73  73  GLU GLU A . n 
A 1 77  PHE 77  74  74  PHE PHE A . n 
A 1 78  VAL 78  75  75  VAL VAL A . n 
A 1 79  GLY 79  76  76  GLY GLY A . n 
A 1 80  GLU 80  77  77  GLU GLU A . n 
A 1 81  PRO 81  78  78  PRO PRO A . n 
A 1 82  GLU 82  79  79  GLU GLU A . n 
A 1 83  LEU 83  80  80  LEU LEU A . n 
A 1 84  MET 84  81  81  MET MET A . n 
A 1 85  ASP 85  82  82  ASP ASP A . n 
A 1 86  VAL 86  83  83  VAL VAL A . n 
A 1 87  HIS 87  84  84  HIS HIS A . n 
A 1 88  VAL 88  85  85  VAL VAL A . n 
A 1 89  PHE 89  86  86  PHE PHE A . n 
A 1 90  CYS 90  87  87  CYS CYS A . n 
A 1 91  THR 91  88  88  THR THR A . n 
A 1 92  ASP 92  89  89  ASP ASP A . n 
A 1 93  SER 93  90  90  SER SER A . n 
A 1 94  ILE 94  91  91  ILE ILE A . n 
A 1 95  GLN 95  92  92  GLN GLN A . n 
A 1 96  GLY 96  93  93  GLY GLY A . n 
A 1 97  THR 97  94  94  THR THR A . n 
A 1 98  PRO 98  95  95  PRO PRO A . n 
A 1 99  VAL 99  96  96  VAL VAL A . n 
A 1 100 GLU 100 97  97  GLU GLU A . n 
A 1 101 SER 101 98  98  SER SER A . n 
A 1 102 ASP 102 99  99  ASP ASP A . n 
A 1 103 GLU 103 100 100 GLU GLU A . n 
A 1 104 MET 104 101 101 MET MET A . n 
A 1 105 ARG 105 102 102 ARG ARG A . n 
A 1 106 PRO 106 103 103 PRO PRO A . n 
A 1 107 CYS 107 104 104 CYS CYS A . n 
A 1 108 TRP 108 105 105 TRP TRP A . n 
A 1 109 PHE 109 106 106 PHE PHE A . n 
A 1 110 GLN 110 107 107 GLN GLN A . n 
A 1 111 LEU 111 108 108 LEU LEU A . n 
A 1 112 ASP 112 109 109 ASP ASP A . n 
A 1 113 GLN 113 110 110 GLN GLN A . n 
A 1 114 ILE 114 111 111 ILE ILE A . n 
A 1 115 PRO 115 112 112 PRO PRO A . n 
A 1 116 PHE 116 113 113 PHE PHE A . n 
A 1 117 LYS 117 114 114 LYS LYS A . n 
A 1 118 ASP 118 115 115 ASP ASP A . n 
A 1 119 MET 119 116 116 MET MET A . n 
A 1 120 TRP 120 117 117 TRP TRP A . n 
A 1 121 PRO 121 118 118 PRO PRO A . n 
A 1 122 ASP 122 119 119 ASP ASP A . n 
A 1 123 ASP 123 120 120 ASP ASP A . n 
A 1 124 SER 124 121 121 SER SER A . n 
A 1 125 TYR 125 122 122 TYR TYR A . n 
A 1 126 TRP 126 123 123 TRP TRP A . n 
A 1 127 PHE 127 124 124 PHE PHE A . n 
A 1 128 PRO 128 125 125 PRO PRO A . n 
A 1 129 LEU 129 126 126 LEU LEU A . n 
A 1 130 LEU 130 127 127 LEU LEU A . n 
A 1 131 LEU 131 128 128 LEU LEU A . n 
A 1 132 GLN 132 129 129 GLN GLN A . n 
A 1 133 LYS 133 130 130 LYS LYS A . n 
A 1 134 LYS 134 131 131 LYS LYS A . n 
A 1 135 LYS 135 132 132 LYS LYS A . n 
A 1 136 PHE 136 133 133 PHE PHE A . n 
A 1 137 HIS 137 134 134 HIS HIS A . n 
A 1 138 GLY 138 135 135 GLY GLY A . n 
A 1 139 TYR 139 136 136 TYR TYR A . n 
A 1 140 PHE 140 137 137 PHE PHE A . n 
A 1 141 LYS 141 138 138 LYS LYS A . n 
A 1 142 PHE 142 139 139 PHE PHE A . n 
A 1 143 GLN 143 140 140 GLN GLN A . n 
A 1 144 GLY 144 141 141 GLY GLY A . n 
A 1 145 GLN 145 142 142 GLN GLN A . n 
A 1 146 ASP 146 143 143 ASP ASP A . n 
A 1 147 THR 147 144 144 THR THR A . n 
A 1 148 ILE 148 145 145 ILE ILE A . n 
A 1 149 LEU 149 146 146 LEU LEU A . n 
A 1 150 ASP 150 147 147 ASP ASP A . n 
A 1 151 TYR 151 148 148 TYR TYR A . n 
A 1 152 THR 152 149 149 THR THR A . n 
A 1 153 LEU 153 150 150 LEU LEU A . n 
A 1 154 ARG 154 151 151 ARG ARG A . n 
A 1 155 GLU 155 152 152 GLU GLU A . n 
A 1 156 VAL 156 153 153 VAL VAL A . n 
A 1 157 ASP 157 154 154 ASP ASP A . n 
A 1 158 THR 158 155 155 THR THR A . n 
A 1 159 VAL 159 156 156 VAL VAL A . n 
# 
_pdbx_contact_author.id                 2 
_pdbx_contact_author.email              stenmark@dbb.su.se 
_pdbx_contact_author.name_first         Pal 
_pdbx_contact_author.name_last          Stenmark 
_pdbx_contact_author.name_mi            ? 
_pdbx_contact_author.role               'principal investigator/group leader' 
_pdbx_contact_author.identifier_ORCID   0000-0003-4777-3417 
# 
loop_
_pdbx_nonpoly_scheme.asym_id 
_pdbx_nonpoly_scheme.entity_id 
_pdbx_nonpoly_scheme.mon_id 
_pdbx_nonpoly_scheme.ndb_seq_num 
_pdbx_nonpoly_scheme.pdb_seq_num 
_pdbx_nonpoly_scheme.auth_seq_num 
_pdbx_nonpoly_scheme.pdb_mon_id 
_pdbx_nonpoly_scheme.auth_mon_id 
_pdbx_nonpoly_scheme.pdb_strand_id 
_pdbx_nonpoly_scheme.pdb_ins_code 
B 2 KYR 1   201 201 KYR LIG A . 
C 3 SO4 1   202 1   SO4 SO4 A . 
D 4 HOH 1   301 29  HOH HOH A . 
D 4 HOH 2   302 143 HOH HOH A . 
D 4 HOH 3   303 61  HOH HOH A . 
D 4 HOH 4   304 54  HOH HOH A . 
D 4 HOH 5   305 159 HOH HOH A . 
D 4 HOH 6   306 98  HOH HOH A . 
D 4 HOH 7   307 152 HOH HOH A . 
D 4 HOH 8   308 126 HOH HOH A . 
D 4 HOH 9   309 132 HOH HOH A . 
D 4 HOH 10  310 111 HOH HOH A . 
D 4 HOH 11  311 28  HOH HOH A . 
D 4 HOH 12  312 56  HOH HOH A . 
D 4 HOH 13  313 67  HOH HOH A . 
D 4 HOH 14  314 148 HOH HOH A . 
D 4 HOH 15  315 82  HOH HOH A . 
D 4 HOH 16  316 15  HOH HOH A . 
D 4 HOH 17  317 16  HOH HOH A . 
D 4 HOH 18  318 95  HOH HOH A . 
D 4 HOH 19  319 69  HOH HOH A . 
D 4 HOH 20  320 87  HOH HOH A . 
D 4 HOH 21  321 119 HOH HOH A . 
D 4 HOH 22  322 64  HOH HOH A . 
D 4 HOH 23  323 140 HOH HOH A . 
D 4 HOH 24  324 42  HOH HOH A . 
D 4 HOH 25  325 93  HOH HOH A . 
D 4 HOH 26  326 36  HOH HOH A . 
D 4 HOH 27  327 25  HOH HOH A . 
D 4 HOH 28  328 9   HOH HOH A . 
D 4 HOH 29  329 135 HOH HOH A . 
D 4 HOH 30  330 63  HOH HOH A . 
D 4 HOH 31  331 83  HOH HOH A . 
D 4 HOH 32  332 21  HOH HOH A . 
D 4 HOH 33  333 3   HOH HOH A . 
D 4 HOH 34  334 59  HOH HOH A . 
D 4 HOH 35  335 24  HOH HOH A . 
D 4 HOH 36  336 22  HOH HOH A . 
D 4 HOH 37  337 2   HOH HOH A . 
D 4 HOH 38  338 49  HOH HOH A . 
D 4 HOH 39  339 5   HOH HOH A . 
D 4 HOH 40  340 38  HOH HOH A . 
D 4 HOH 41  341 156 HOH HOH A . 
D 4 HOH 42  342 30  HOH HOH A . 
D 4 HOH 43  343 76  HOH HOH A . 
D 4 HOH 44  344 10  HOH HOH A . 
D 4 HOH 45  345 50  HOH HOH A . 
D 4 HOH 46  346 27  HOH HOH A . 
D 4 HOH 47  347 117 HOH HOH A . 
D 4 HOH 48  348 77  HOH HOH A . 
D 4 HOH 49  349 35  HOH HOH A . 
D 4 HOH 50  350 14  HOH HOH A . 
D 4 HOH 51  351 68  HOH HOH A . 
D 4 HOH 52  352 37  HOH HOH A . 
D 4 HOH 53  353 150 HOH HOH A . 
D 4 HOH 54  354 7   HOH HOH A . 
D 4 HOH 55  355 6   HOH HOH A . 
D 4 HOH 56  356 134 HOH HOH A . 
D 4 HOH 57  357 73  HOH HOH A . 
D 4 HOH 58  358 127 HOH HOH A . 
D 4 HOH 59  359 57  HOH HOH A . 
D 4 HOH 60  360 120 HOH HOH A . 
D 4 HOH 61  361 147 HOH HOH A . 
D 4 HOH 62  362 11  HOH HOH A . 
D 4 HOH 63  363 122 HOH HOH A . 
D 4 HOH 64  364 142 HOH HOH A . 
D 4 HOH 65  365 157 HOH HOH A . 
D 4 HOH 66  366 79  HOH HOH A . 
D 4 HOH 67  367 121 HOH HOH A . 
D 4 HOH 68  368 45  HOH HOH A . 
D 4 HOH 69  369 103 HOH HOH A . 
D 4 HOH 70  370 78  HOH HOH A . 
D 4 HOH 71  371 26  HOH HOH A . 
D 4 HOH 72  372 66  HOH HOH A . 
D 4 HOH 73  373 19  HOH HOH A . 
D 4 HOH 74  374 51  HOH HOH A . 
D 4 HOH 75  375 80  HOH HOH A . 
D 4 HOH 76  376 13  HOH HOH A . 
D 4 HOH 77  377 23  HOH HOH A . 
D 4 HOH 78  378 62  HOH HOH A . 
D 4 HOH 79  379 128 HOH HOH A . 
D 4 HOH 80  380 91  HOH HOH A . 
D 4 HOH 81  381 34  HOH HOH A . 
D 4 HOH 82  382 137 HOH HOH A . 
D 4 HOH 83  383 151 HOH HOH A . 
D 4 HOH 84  384 154 HOH HOH A . 
D 4 HOH 85  385 101 HOH HOH A . 
D 4 HOH 86  386 60  HOH HOH A . 
D 4 HOH 87  387 20  HOH HOH A . 
D 4 HOH 88  388 70  HOH HOH A . 
D 4 HOH 89  389 55  HOH HOH A . 
D 4 HOH 90  390 58  HOH HOH A . 
D 4 HOH 91  391 18  HOH HOH A . 
D 4 HOH 92  392 106 HOH HOH A . 
D 4 HOH 93  393 17  HOH HOH A . 
D 4 HOH 94  394 124 HOH HOH A . 
D 4 HOH 95  395 41  HOH HOH A . 
D 4 HOH 96  396 12  HOH HOH A . 
D 4 HOH 97  397 104 HOH HOH A . 
D 4 HOH 98  398 4   HOH HOH A . 
D 4 HOH 99  399 8   HOH HOH A . 
D 4 HOH 100 400 153 HOH HOH A . 
D 4 HOH 101 401 86  HOH HOH A . 
D 4 HOH 102 402 130 HOH HOH A . 
D 4 HOH 103 403 40  HOH HOH A . 
D 4 HOH 104 404 46  HOH HOH A . 
D 4 HOH 105 405 138 HOH HOH A . 
D 4 HOH 106 406 65  HOH HOH A . 
D 4 HOH 107 407 47  HOH HOH A . 
D 4 HOH 108 408 161 HOH HOH A . 
D 4 HOH 109 409 155 HOH HOH A . 
D 4 HOH 110 410 145 HOH HOH A . 
D 4 HOH 111 411 88  HOH HOH A . 
D 4 HOH 112 412 71  HOH HOH A . 
D 4 HOH 113 413 146 HOH HOH A . 
D 4 HOH 114 414 112 HOH HOH A . 
D 4 HOH 115 415 105 HOH HOH A . 
D 4 HOH 116 416 115 HOH HOH A . 
D 4 HOH 117 417 108 HOH HOH A . 
D 4 HOH 118 418 141 HOH HOH A . 
D 4 HOH 119 419 110 HOH HOH A . 
D 4 HOH 120 420 114 HOH HOH A . 
D 4 HOH 121 421 116 HOH HOH A . 
D 4 HOH 122 422 158 HOH HOH A . 
D 4 HOH 123 423 149 HOH HOH A . 
D 4 HOH 124 424 32  HOH HOH A . 
D 4 HOH 125 425 118 HOH HOH A . 
D 4 HOH 126 426 74  HOH HOH A . 
D 4 HOH 127 427 123 HOH HOH A . 
D 4 HOH 128 428 102 HOH HOH A . 
D 4 HOH 129 429 144 HOH HOH A . 
D 4 HOH 130 430 131 HOH HOH A . 
D 4 HOH 131 431 136 HOH HOH A . 
D 4 HOH 132 432 33  HOH HOH A . 
D 4 HOH 133 433 139 HOH HOH A . 
D 4 HOH 134 434 109 HOH HOH A . 
D 4 HOH 135 435 125 HOH HOH A . 
D 4 HOH 136 436 129 HOH HOH A . 
# 
_pdbx_struct_assembly.id                   1 
_pdbx_struct_assembly.details              author_and_software_defined_assembly 
_pdbx_struct_assembly.method_details       PISA 
_pdbx_struct_assembly.oligomeric_details   monomeric 
_pdbx_struct_assembly.oligomeric_count     1 
# 
_pdbx_struct_assembly_gen.assembly_id       1 
_pdbx_struct_assembly_gen.oper_expression   1 
_pdbx_struct_assembly_gen.asym_id_list      A,B,C,D 
# 
loop_
_pdbx_struct_assembly_prop.biol_id 
_pdbx_struct_assembly_prop.type 
_pdbx_struct_assembly_prop.value 
_pdbx_struct_assembly_prop.details 
1 'ABSA (A^2)' 170  ? 
1 MORE         -11  ? 
1 'SSA (A^2)'  8050 ? 
# 
_pdbx_struct_oper_list.id                   1 
_pdbx_struct_oper_list.type                 'identity operation' 
_pdbx_struct_oper_list.name                 1_555 
_pdbx_struct_oper_list.symmetry_operation   x,y,z 
_pdbx_struct_oper_list.matrix[1][1]         1.0000000000 
_pdbx_struct_oper_list.matrix[1][2]         0.0000000000 
_pdbx_struct_oper_list.matrix[1][3]         0.0000000000 
_pdbx_struct_oper_list.vector[1]            0.0000000000 
_pdbx_struct_oper_list.matrix[2][1]         0.0000000000 
_pdbx_struct_oper_list.matrix[2][2]         1.0000000000 
_pdbx_struct_oper_list.matrix[2][3]         0.0000000000 
_pdbx_struct_oper_list.vector[2]            0.0000000000 
_pdbx_struct_oper_list.matrix[3][1]         0.0000000000 
_pdbx_struct_oper_list.matrix[3][2]         0.0000000000 
_pdbx_struct_oper_list.matrix[3][3]         1.0000000000 
_pdbx_struct_oper_list.vector[3]            0.0000000000 
# 
_pdbx_audit_revision_history.ordinal             1 
_pdbx_audit_revision_history.data_content_type   'Structure model' 
_pdbx_audit_revision_history.major_revision      1 
_pdbx_audit_revision_history.minor_revision      0 
_pdbx_audit_revision_history.revision_date       2023-09-20 
# 
_pdbx_audit_revision_details.ordinal             1 
_pdbx_audit_revision_details.revision_ordinal    1 
_pdbx_audit_revision_details.data_content_type   'Structure model' 
_pdbx_audit_revision_details.provider            repository 
_pdbx_audit_revision_details.type                'Initial release' 
_pdbx_audit_revision_details.description         ? 
_pdbx_audit_revision_details.details             ? 
# 
loop_
_software.citation_id 
_software.classification 
_software.compiler_name 
_software.compiler_version 
_software.contact_author 
_software.contact_author_email 
_software.date 
_software.description 
_software.dependencies 
_software.hardware 
_software.language 
_software.location 
_software.mods 
_software.name 
_software.os 
_software.os_version 
_software.type 
_software.version 
_software.pdbx_ordinal 
? refinement       ? ? ? ? ? ? ? ? ? ? ? REFMAC  ? ? ? 5.8.0135 1 
? 'data reduction' ? ? ? ? ? ? ? ? ? ? ? DIALS   ? ? ? .        2 
? 'data scaling'   ? ? ? ? ? ? ? ? ? ? ? Aimless ? ? ? .        3 
? phasing          ? ? ? ? ? ? ? ? ? ? ? PHASER  ? ? ? .        4 
# 
_pdbx_entry_details.entry_id                 8A3A 
_pdbx_entry_details.has_ligand_of_interest   Y 
_pdbx_entry_details.compound_details         ? 
_pdbx_entry_details.source_details           ? 
_pdbx_entry_details.nonpolymer_details       ? 
_pdbx_entry_details.sequence_details         ? 
# 
loop_
_pdbx_validate_rmsd_bond.id 
_pdbx_validate_rmsd_bond.PDB_model_num 
_pdbx_validate_rmsd_bond.auth_atom_id_1 
_pdbx_validate_rmsd_bond.auth_asym_id_1 
_pdbx_validate_rmsd_bond.auth_comp_id_1 
_pdbx_validate_rmsd_bond.auth_seq_id_1 
_pdbx_validate_rmsd_bond.PDB_ins_code_1 
_pdbx_validate_rmsd_bond.label_alt_id_1 
_pdbx_validate_rmsd_bond.auth_atom_id_2 
_pdbx_validate_rmsd_bond.auth_asym_id_2 
_pdbx_validate_rmsd_bond.auth_comp_id_2 
_pdbx_validate_rmsd_bond.auth_seq_id_2 
_pdbx_validate_rmsd_bond.PDB_ins_code_2 
_pdbx_validate_rmsd_bond.label_alt_id_2 
_pdbx_validate_rmsd_bond.bond_value 
_pdbx_validate_rmsd_bond.bond_target_value 
_pdbx_validate_rmsd_bond.bond_deviation 
_pdbx_validate_rmsd_bond.bond_standard_deviation 
_pdbx_validate_rmsd_bond.linker_flag 
1 1 CD A GLU 97  ? ? OE1 A GLU 97  ? ? 1.167 1.252 -0.085 0.011 N 
2 1 CG A TYR 136 ? ? CD1 A TYR 136 ? ? 1.284 1.387 -0.103 0.013 N 
# 
loop_
_pdbx_validate_rmsd_angle.id 
_pdbx_validate_rmsd_angle.PDB_model_num 
_pdbx_validate_rmsd_angle.auth_atom_id_1 
_pdbx_validate_rmsd_angle.auth_asym_id_1 
_pdbx_validate_rmsd_angle.auth_comp_id_1 
_pdbx_validate_rmsd_angle.auth_seq_id_1 
_pdbx_validate_rmsd_angle.PDB_ins_code_1 
_pdbx_validate_rmsd_angle.label_alt_id_1 
_pdbx_validate_rmsd_angle.auth_atom_id_2 
_pdbx_validate_rmsd_angle.auth_asym_id_2 
_pdbx_validate_rmsd_angle.auth_comp_id_2 
_pdbx_validate_rmsd_angle.auth_seq_id_2 
_pdbx_validate_rmsd_angle.PDB_ins_code_2 
_pdbx_validate_rmsd_angle.label_alt_id_2 
_pdbx_validate_rmsd_angle.auth_atom_id_3 
_pdbx_validate_rmsd_angle.auth_asym_id_3 
_pdbx_validate_rmsd_angle.auth_comp_id_3 
_pdbx_validate_rmsd_angle.auth_seq_id_3 
_pdbx_validate_rmsd_angle.PDB_ins_code_3 
_pdbx_validate_rmsd_angle.label_alt_id_3 
_pdbx_validate_rmsd_angle.angle_value 
_pdbx_validate_rmsd_angle.angle_target_value 
_pdbx_validate_rmsd_angle.angle_deviation 
_pdbx_validate_rmsd_angle.angle_standard_deviation 
_pdbx_validate_rmsd_angle.linker_flag 
1 1 NE A ARG 50  ? ? CZ A ARG 50  ? ? NH2 A ARG 50  ? ? 117.17 120.30 -3.13 0.50 N 
2 1 CB A ASP 89  ? ? CG A ASP 89  ? ? OD1 A ASP 89  ? ? 124.00 118.30 5.70  0.90 N 
3 1 CB A ASP 89  ? ? CG A ASP 89  ? ? OD2 A ASP 89  ? ? 112.85 118.30 -5.45 0.90 N 
4 1 CB A ASP 109 ? ? CG A ASP 109 ? ? OD1 A ASP 109 ? ? 124.33 118.30 6.03  0.90 N 
# 
_pdbx_validate_torsion.id              1 
_pdbx_validate_torsion.PDB_model_num   1 
_pdbx_validate_torsion.auth_comp_id    ASP 
_pdbx_validate_torsion.auth_asym_id    A 
_pdbx_validate_torsion.auth_seq_id     62 
_pdbx_validate_torsion.PDB_ins_code    ? 
_pdbx_validate_torsion.label_alt_id    ? 
_pdbx_validate_torsion.phi             -94.42 
_pdbx_validate_torsion.psi             -87.07 
# 
loop_
_pdbx_unobs_or_zero_occ_residues.id 
_pdbx_unobs_or_zero_occ_residues.PDB_model_num 
_pdbx_unobs_or_zero_occ_residues.polymer_flag 
_pdbx_unobs_or_zero_occ_residues.occupancy_flag 
_pdbx_unobs_or_zero_occ_residues.auth_asym_id 
_pdbx_unobs_or_zero_occ_residues.auth_comp_id 
_pdbx_unobs_or_zero_occ_residues.auth_seq_id 
_pdbx_unobs_or_zero_occ_residues.PDB_ins_code 
_pdbx_unobs_or_zero_occ_residues.label_asym_id 
_pdbx_unobs_or_zero_occ_residues.label_comp_id 
_pdbx_unobs_or_zero_occ_residues.label_seq_id 
1 1 Y 1 A GLY -2 ? A GLY 1 
2 1 Y 1 A SER -1 ? A SER 2 
3 1 Y 1 A HIS 0  ? A HIS 3 
4 1 Y 1 A MET 1  ? A MET 4 
5 1 Y 1 A GLY 2  ? A GLY 5 
# 
loop_
_chem_comp_atom.comp_id 
_chem_comp_atom.atom_id 
_chem_comp_atom.type_symbol 
_chem_comp_atom.pdbx_aromatic_flag 
_chem_comp_atom.pdbx_stereo_config 
_chem_comp_atom.pdbx_ordinal 
ALA N    N N N 1   
ALA CA   C N S 2   
ALA C    C N N 3   
ALA O    O N N 4   
ALA CB   C N N 5   
ALA OXT  O N N 6   
ALA H    H N N 7   
ALA H2   H N N 8   
ALA HA   H N N 9   
ALA HB1  H N N 10  
ALA HB2  H N N 11  
ALA HB3  H N N 12  
ALA HXT  H N N 13  
ARG N    N N N 14  
ARG CA   C N S 15  
ARG C    C N N 16  
ARG O    O N N 17  
ARG CB   C N N 18  
ARG CG   C N N 19  
ARG CD   C N N 20  
ARG NE   N N N 21  
ARG CZ   C N N 22  
ARG NH1  N N N 23  
ARG NH2  N N N 24  
ARG OXT  O N N 25  
ARG H    H N N 26  
ARG H2   H N N 27  
ARG HA   H N N 28  
ARG HB2  H N N 29  
ARG HB3  H N N 30  
ARG HG2  H N N 31  
ARG HG3  H N N 32  
ARG HD2  H N N 33  
ARG HD3  H N N 34  
ARG HE   H N N 35  
ARG HH11 H N N 36  
ARG HH12 H N N 37  
ARG HH21 H N N 38  
ARG HH22 H N N 39  
ARG HXT  H N N 40  
ASN N    N N N 41  
ASN CA   C N S 42  
ASN C    C N N 43  
ASN O    O N N 44  
ASN CB   C N N 45  
ASN CG   C N N 46  
ASN OD1  O N N 47  
ASN ND2  N N N 48  
ASN OXT  O N N 49  
ASN H    H N N 50  
ASN H2   H N N 51  
ASN HA   H N N 52  
ASN HB2  H N N 53  
ASN HB3  H N N 54  
ASN HD21 H N N 55  
ASN HD22 H N N 56  
ASN HXT  H N N 57  
ASP N    N N N 58  
ASP CA   C N S 59  
ASP C    C N N 60  
ASP O    O N N 61  
ASP CB   C N N 62  
ASP CG   C N N 63  
ASP OD1  O N N 64  
ASP OD2  O N N 65  
ASP OXT  O N N 66  
ASP H    H N N 67  
ASP H2   H N N 68  
ASP HA   H N N 69  
ASP HB2  H N N 70  
ASP HB3  H N N 71  
ASP HD2  H N N 72  
ASP HXT  H N N 73  
CYS N    N N N 74  
CYS CA   C N R 75  
CYS C    C N N 76  
CYS O    O N N 77  
CYS CB   C N N 78  
CYS SG   S N N 79  
CYS OXT  O N N 80  
CYS H    H N N 81  
CYS H2   H N N 82  
CYS HA   H N N 83  
CYS HB2  H N N 84  
CYS HB3  H N N 85  
CYS HG   H N N 86  
CYS HXT  H N N 87  
GLN N    N N N 88  
GLN CA   C N S 89  
GLN C    C N N 90  
GLN O    O N N 91  
GLN CB   C N N 92  
GLN CG   C N N 93  
GLN CD   C N N 94  
GLN OE1  O N N 95  
GLN NE2  N N N 96  
GLN OXT  O N N 97  
GLN H    H N N 98  
GLN H2   H N N 99  
GLN HA   H N N 100 
GLN HB2  H N N 101 
GLN HB3  H N N 102 
GLN HG2  H N N 103 
GLN HG3  H N N 104 
GLN HE21 H N N 105 
GLN HE22 H N N 106 
GLN HXT  H N N 107 
GLU N    N N N 108 
GLU CA   C N S 109 
GLU C    C N N 110 
GLU O    O N N 111 
GLU CB   C N N 112 
GLU CG   C N N 113 
GLU CD   C N N 114 
GLU OE1  O N N 115 
GLU OE2  O N N 116 
GLU OXT  O N N 117 
GLU H    H N N 118 
GLU H2   H N N 119 
GLU HA   H N N 120 
GLU HB2  H N N 121 
GLU HB3  H N N 122 
GLU HG2  H N N 123 
GLU HG3  H N N 124 
GLU HE2  H N N 125 
GLU HXT  H N N 126 
GLY N    N N N 127 
GLY CA   C N N 128 
GLY C    C N N 129 
GLY O    O N N 130 
GLY OXT  O N N 131 
GLY H    H N N 132 
GLY H2   H N N 133 
GLY HA2  H N N 134 
GLY HA3  H N N 135 
GLY HXT  H N N 136 
HIS N    N N N 137 
HIS CA   C N S 138 
HIS C    C N N 139 
HIS O    O N N 140 
HIS CB   C N N 141 
HIS CG   C Y N 142 
HIS ND1  N Y N 143 
HIS CD2  C Y N 144 
HIS CE1  C Y N 145 
HIS NE2  N Y N 146 
HIS OXT  O N N 147 
HIS H    H N N 148 
HIS H2   H N N 149 
HIS HA   H N N 150 
HIS HB2  H N N 151 
HIS HB3  H N N 152 
HIS HD1  H N N 153 
HIS HD2  H N N 154 
HIS HE1  H N N 155 
HIS HE2  H N N 156 
HIS HXT  H N N 157 
HOH O    O N N 158 
HOH H1   H N N 159 
HOH H2   H N N 160 
ILE N    N N N 161 
ILE CA   C N S 162 
ILE C    C N N 163 
ILE O    O N N 164 
ILE CB   C N S 165 
ILE CG1  C N N 166 
ILE CG2  C N N 167 
ILE CD1  C N N 168 
ILE OXT  O N N 169 
ILE H    H N N 170 
ILE H2   H N N 171 
ILE HA   H N N 172 
ILE HB   H N N 173 
ILE HG12 H N N 174 
ILE HG13 H N N 175 
ILE HG21 H N N 176 
ILE HG22 H N N 177 
ILE HG23 H N N 178 
ILE HD11 H N N 179 
ILE HD12 H N N 180 
ILE HD13 H N N 181 
ILE HXT  H N N 182 
KYR C10  C Y N 183 
KYR C13  C Y N 184 
KYR C15  C Y N 185 
KYR C17  C Y N 186 
KYR N01  N N N 187 
KYR C02  C N N 188 
KYR C03  C Y N 189 
KYR C04  C Y N 190 
KYR N05  N N N 191 
KYR C06  C N N 192 
KYR O07  O N N 193 
KYR C08  C Y N 194 
KYR C09  C Y N 195 
KYR C11  C Y N 196 
KYR C12  C Y N 197 
KYR C14  C Y N 198 
KYR C16  C Y N 199 
KYR C18  C N N 200 
KYR H1   H N N 201 
KYR H2   H N N 202 
KYR H3   H N N 203 
KYR H4   H N N 204 
KYR H5   H N N 205 
KYR H6   H N N 206 
KYR H7   H N N 207 
KYR H8   H N N 208 
KYR H9   H N N 209 
KYR H10  H N N 210 
KYR H11  H N N 211 
KYR H12  H N N 212 
LEU N    N N N 213 
LEU CA   C N S 214 
LEU C    C N N 215 
LEU O    O N N 216 
LEU CB   C N N 217 
LEU CG   C N N 218 
LEU CD1  C N N 219 
LEU CD2  C N N 220 
LEU OXT  O N N 221 
LEU H    H N N 222 
LEU H2   H N N 223 
LEU HA   H N N 224 
LEU HB2  H N N 225 
LEU HB3  H N N 226 
LEU HG   H N N 227 
LEU HD11 H N N 228 
LEU HD12 H N N 229 
LEU HD13 H N N 230 
LEU HD21 H N N 231 
LEU HD22 H N N 232 
LEU HD23 H N N 233 
LEU HXT  H N N 234 
LYS N    N N N 235 
LYS CA   C N S 236 
LYS C    C N N 237 
LYS O    O N N 238 
LYS CB   C N N 239 
LYS CG   C N N 240 
LYS CD   C N N 241 
LYS CE   C N N 242 
LYS NZ   N N N 243 
LYS OXT  O N N 244 
LYS H    H N N 245 
LYS H2   H N N 246 
LYS HA   H N N 247 
LYS HB2  H N N 248 
LYS HB3  H N N 249 
LYS HG2  H N N 250 
LYS HG3  H N N 251 
LYS HD2  H N N 252 
LYS HD3  H N N 253 
LYS HE2  H N N 254 
LYS HE3  H N N 255 
LYS HZ1  H N N 256 
LYS HZ2  H N N 257 
LYS HZ3  H N N 258 
LYS HXT  H N N 259 
MET N    N N N 260 
MET CA   C N S 261 
MET C    C N N 262 
MET O    O N N 263 
MET CB   C N N 264 
MET CG   C N N 265 
MET SD   S N N 266 
MET CE   C N N 267 
MET OXT  O N N 268 
MET H    H N N 269 
MET H2   H N N 270 
MET HA   H N N 271 
MET HB2  H N N 272 
MET HB3  H N N 273 
MET HG2  H N N 274 
MET HG3  H N N 275 
MET HE1  H N N 276 
MET HE2  H N N 277 
MET HE3  H N N 278 
MET HXT  H N N 279 
PHE N    N N N 280 
PHE CA   C N S 281 
PHE C    C N N 282 
PHE O    O N N 283 
PHE CB   C N N 284 
PHE CG   C Y N 285 
PHE CD1  C Y N 286 
PHE CD2  C Y N 287 
PHE CE1  C Y N 288 
PHE CE2  C Y N 289 
PHE CZ   C Y N 290 
PHE OXT  O N N 291 
PHE H    H N N 292 
PHE H2   H N N 293 
PHE HA   H N N 294 
PHE HB2  H N N 295 
PHE HB3  H N N 296 
PHE HD1  H N N 297 
PHE HD2  H N N 298 
PHE HE1  H N N 299 
PHE HE2  H N N 300 
PHE HZ   H N N 301 
PHE HXT  H N N 302 
PRO N    N N N 303 
PRO CA   C N S 304 
PRO C    C N N 305 
PRO O    O N N 306 
PRO CB   C N N 307 
PRO CG   C N N 308 
PRO CD   C N N 309 
PRO OXT  O N N 310 
PRO H    H N N 311 
PRO HA   H N N 312 
PRO HB2  H N N 313 
PRO HB3  H N N 314 
PRO HG2  H N N 315 
PRO HG3  H N N 316 
PRO HD2  H N N 317 
PRO HD3  H N N 318 
PRO HXT  H N N 319 
SER N    N N N 320 
SER CA   C N S 321 
SER C    C N N 322 
SER O    O N N 323 
SER CB   C N N 324 
SER OG   O N N 325 
SER OXT  O N N 326 
SER H    H N N 327 
SER H2   H N N 328 
SER HA   H N N 329 
SER HB2  H N N 330 
SER HB3  H N N 331 
SER HG   H N N 332 
SER HXT  H N N 333 
SO4 S    S N N 334 
SO4 O1   O N N 335 
SO4 O2   O N N 336 
SO4 O3   O N N 337 
SO4 O4   O N N 338 
THR N    N N N 339 
THR CA   C N S 340 
THR C    C N N 341 
THR O    O N N 342 
THR CB   C N R 343 
THR OG1  O N N 344 
THR CG2  C N N 345 
THR OXT  O N N 346 
THR H    H N N 347 
THR H2   H N N 348 
THR HA   H N N 349 
THR HB   H N N 350 
THR HG1  H N N 351 
THR HG21 H N N 352 
THR HG22 H N N 353 
THR HG23 H N N 354 
THR HXT  H N N 355 
TRP N    N N N 356 
TRP CA   C N S 357 
TRP C    C N N 358 
TRP O    O N N 359 
TRP CB   C N N 360 
TRP CG   C Y N 361 
TRP CD1  C Y N 362 
TRP CD2  C Y N 363 
TRP NE1  N Y N 364 
TRP CE2  C Y N 365 
TRP CE3  C Y N 366 
TRP CZ2  C Y N 367 
TRP CZ3  C Y N 368 
TRP CH2  C Y N 369 
TRP OXT  O N N 370 
TRP H    H N N 371 
TRP H2   H N N 372 
TRP HA   H N N 373 
TRP HB2  H N N 374 
TRP HB3  H N N 375 
TRP HD1  H N N 376 
TRP HE1  H N N 377 
TRP HE3  H N N 378 
TRP HZ2  H N N 379 
TRP HZ3  H N N 380 
TRP HH2  H N N 381 
TRP HXT  H N N 382 
TYR N    N N N 383 
TYR CA   C N S 384 
TYR C    C N N 385 
TYR O    O N N 386 
TYR CB   C N N 387 
TYR CG   C Y N 388 
TYR CD1  C Y N 389 
TYR CD2  C Y N 390 
TYR CE1  C Y N 391 
TYR CE2  C Y N 392 
TYR CZ   C Y N 393 
TYR OH   O N N 394 
TYR OXT  O N N 395 
TYR H    H N N 396 
TYR H2   H N N 397 
TYR HA   H N N 398 
TYR HB2  H N N 399 
TYR HB3  H N N 400 
TYR HD1  H N N 401 
TYR HD2  H N N 402 
TYR HE1  H N N 403 
TYR HE2  H N N 404 
TYR HH   H N N 405 
TYR HXT  H N N 406 
VAL N    N N N 407 
VAL CA   C N S 408 
VAL C    C N N 409 
VAL O    O N N 410 
VAL CB   C N N 411 
VAL CG1  C N N 412 
VAL CG2  C N N 413 
VAL OXT  O N N 414 
VAL H    H N N 415 
VAL H2   H N N 416 
VAL HA   H N N 417 
VAL HB   H N N 418 
VAL HG11 H N N 419 
VAL HG12 H N N 420 
VAL HG13 H N N 421 
VAL HG21 H N N 422 
VAL HG22 H N N 423 
VAL HG23 H N N 424 
VAL HXT  H N N 425 
# 
loop_
_chem_comp_bond.comp_id 
_chem_comp_bond.atom_id_1 
_chem_comp_bond.atom_id_2 
_chem_comp_bond.value_order 
_chem_comp_bond.pdbx_aromatic_flag 
_chem_comp_bond.pdbx_stereo_config 
_chem_comp_bond.pdbx_ordinal 
ALA N   CA   sing N N 1   
ALA N   H    sing N N 2   
ALA N   H2   sing N N 3   
ALA CA  C    sing N N 4   
ALA CA  CB   sing N N 5   
ALA CA  HA   sing N N 6   
ALA C   O    doub N N 7   
ALA C   OXT  sing N N 8   
ALA CB  HB1  sing N N 9   
ALA CB  HB2  sing N N 10  
ALA CB  HB3  sing N N 11  
ALA OXT HXT  sing N N 12  
ARG N   CA   sing N N 13  
ARG N   H    sing N N 14  
ARG N   H2   sing N N 15  
ARG CA  C    sing N N 16  
ARG CA  CB   sing N N 17  
ARG CA  HA   sing N N 18  
ARG C   O    doub N N 19  
ARG C   OXT  sing N N 20  
ARG CB  CG   sing N N 21  
ARG CB  HB2  sing N N 22  
ARG CB  HB3  sing N N 23  
ARG CG  CD   sing N N 24  
ARG CG  HG2  sing N N 25  
ARG CG  HG3  sing N N 26  
ARG CD  NE   sing N N 27  
ARG CD  HD2  sing N N 28  
ARG CD  HD3  sing N N 29  
ARG NE  CZ   sing N N 30  
ARG NE  HE   sing N N 31  
ARG CZ  NH1  sing N N 32  
ARG CZ  NH2  doub N N 33  
ARG NH1 HH11 sing N N 34  
ARG NH1 HH12 sing N N 35  
ARG NH2 HH21 sing N N 36  
ARG NH2 HH22 sing N N 37  
ARG OXT HXT  sing N N 38  
ASN N   CA   sing N N 39  
ASN N   H    sing N N 40  
ASN N   H2   sing N N 41  
ASN CA  C    sing N N 42  
ASN CA  CB   sing N N 43  
ASN CA  HA   sing N N 44  
ASN C   O    doub N N 45  
ASN C   OXT  sing N N 46  
ASN CB  CG   sing N N 47  
ASN CB  HB2  sing N N 48  
ASN CB  HB3  sing N N 49  
ASN CG  OD1  doub N N 50  
ASN CG  ND2  sing N N 51  
ASN ND2 HD21 sing N N 52  
ASN ND2 HD22 sing N N 53  
ASN OXT HXT  sing N N 54  
ASP N   CA   sing N N 55  
ASP N   H    sing N N 56  
ASP N   H2   sing N N 57  
ASP CA  C    sing N N 58  
ASP CA  CB   sing N N 59  
ASP CA  HA   sing N N 60  
ASP C   O    doub N N 61  
ASP C   OXT  sing N N 62  
ASP CB  CG   sing N N 63  
ASP CB  HB2  sing N N 64  
ASP CB  HB3  sing N N 65  
ASP CG  OD1  doub N N 66  
ASP CG  OD2  sing N N 67  
ASP OD2 HD2  sing N N 68  
ASP OXT HXT  sing N N 69  
CYS N   CA   sing N N 70  
CYS N   H    sing N N 71  
CYS N   H2   sing N N 72  
CYS CA  C    sing N N 73  
CYS CA  CB   sing N N 74  
CYS CA  HA   sing N N 75  
CYS C   O    doub N N 76  
CYS C   OXT  sing N N 77  
CYS CB  SG   sing N N 78  
CYS CB  HB2  sing N N 79  
CYS CB  HB3  sing N N 80  
CYS SG  HG   sing N N 81  
CYS OXT HXT  sing N N 82  
GLN N   CA   sing N N 83  
GLN N   H    sing N N 84  
GLN N   H2   sing N N 85  
GLN CA  C    sing N N 86  
GLN CA  CB   sing N N 87  
GLN CA  HA   sing N N 88  
GLN C   O    doub N N 89  
GLN C   OXT  sing N N 90  
GLN CB  CG   sing N N 91  
GLN CB  HB2  sing N N 92  
GLN CB  HB3  sing N N 93  
GLN CG  CD   sing N N 94  
GLN CG  HG2  sing N N 95  
GLN CG  HG3  sing N N 96  
GLN CD  OE1  doub N N 97  
GLN CD  NE2  sing N N 98  
GLN NE2 HE21 sing N N 99  
GLN NE2 HE22 sing N N 100 
GLN OXT HXT  sing N N 101 
GLU N   CA   sing N N 102 
GLU N   H    sing N N 103 
GLU N   H2   sing N N 104 
GLU CA  C    sing N N 105 
GLU CA  CB   sing N N 106 
GLU CA  HA   sing N N 107 
GLU C   O    doub N N 108 
GLU C   OXT  sing N N 109 
GLU CB  CG   sing N N 110 
GLU CB  HB2  sing N N 111 
GLU CB  HB3  sing N N 112 
GLU CG  CD   sing N N 113 
GLU CG  HG2  sing N N 114 
GLU CG  HG3  sing N N 115 
GLU CD  OE1  doub N N 116 
GLU CD  OE2  sing N N 117 
GLU OE2 HE2  sing N N 118 
GLU OXT HXT  sing N N 119 
GLY N   CA   sing N N 120 
GLY N   H    sing N N 121 
GLY N   H2   sing N N 122 
GLY CA  C    sing N N 123 
GLY CA  HA2  sing N N 124 
GLY CA  HA3  sing N N 125 
GLY C   O    doub N N 126 
GLY C   OXT  sing N N 127 
GLY OXT HXT  sing N N 128 
HIS N   CA   sing N N 129 
HIS N   H    sing N N 130 
HIS N   H2   sing N N 131 
HIS CA  C    sing N N 132 
HIS CA  CB   sing N N 133 
HIS CA  HA   sing N N 134 
HIS C   O    doub N N 135 
HIS C   OXT  sing N N 136 
HIS CB  CG   sing N N 137 
HIS CB  HB2  sing N N 138 
HIS CB  HB3  sing N N 139 
HIS CG  ND1  sing Y N 140 
HIS CG  CD2  doub Y N 141 
HIS ND1 CE1  doub Y N 142 
HIS ND1 HD1  sing N N 143 
HIS CD2 NE2  sing Y N 144 
HIS CD2 HD2  sing N N 145 
HIS CE1 NE2  sing Y N 146 
HIS CE1 HE1  sing N N 147 
HIS NE2 HE2  sing N N 148 
HIS OXT HXT  sing N N 149 
HOH O   H1   sing N N 150 
HOH O   H2   sing N N 151 
ILE N   CA   sing N N 152 
ILE N   H    sing N N 153 
ILE N   H2   sing N N 154 
ILE CA  C    sing N N 155 
ILE CA  CB   sing N N 156 
ILE CA  HA   sing N N 157 
ILE C   O    doub N N 158 
ILE C   OXT  sing N N 159 
ILE CB  CG1  sing N N 160 
ILE CB  CG2  sing N N 161 
ILE CB  HB   sing N N 162 
ILE CG1 CD1  sing N N 163 
ILE CG1 HG12 sing N N 164 
ILE CG1 HG13 sing N N 165 
ILE CG2 HG21 sing N N 166 
ILE CG2 HG22 sing N N 167 
ILE CG2 HG23 sing N N 168 
ILE CD1 HD11 sing N N 169 
ILE CD1 HD12 sing N N 170 
ILE CD1 HD13 sing N N 171 
ILE OXT HXT  sing N N 172 
KYR C10 C09  doub Y N 173 
KYR C10 C11  sing Y N 174 
KYR C09 C08  sing Y N 175 
KYR C11 C03  doub Y N 176 
KYR C08 C04  doub Y N 177 
KYR C03 C04  sing Y N 178 
KYR C03 C02  sing N N 179 
KYR C14 C13  doub Y N 180 
KYR C14 C15  sing Y N 181 
KYR C18 C15  sing N N 182 
KYR C04 N05  sing N N 183 
KYR C13 C12  sing Y N 184 
KYR C15 C16  doub Y N 185 
KYR C12 C02  sing N N 186 
KYR C12 C17  doub Y N 187 
KYR C16 C17  sing Y N 188 
KYR C02 N01  doub N N 189 
KYR N05 C06  sing N N 190 
KYR N01 C06  sing N N 191 
KYR C06 O07  doub N N 192 
KYR C10 H1   sing N N 193 
KYR C13 H2   sing N N 194 
KYR C17 H3   sing N N 195 
KYR N05 H4   sing N N 196 
KYR C08 H5   sing N N 197 
KYR C09 H6   sing N N 198 
KYR C11 H7   sing N N 199 
KYR C14 H8   sing N N 200 
KYR C16 H9   sing N N 201 
KYR C18 H10  sing N N 202 
KYR C18 H11  sing N N 203 
KYR C18 H12  sing N N 204 
LEU N   CA   sing N N 205 
LEU N   H    sing N N 206 
LEU N   H2   sing N N 207 
LEU CA  C    sing N N 208 
LEU CA  CB   sing N N 209 
LEU CA  HA   sing N N 210 
LEU C   O    doub N N 211 
LEU C   OXT  sing N N 212 
LEU CB  CG   sing N N 213 
LEU CB  HB2  sing N N 214 
LEU CB  HB3  sing N N 215 
LEU CG  CD1  sing N N 216 
LEU CG  CD2  sing N N 217 
LEU CG  HG   sing N N 218 
LEU CD1 HD11 sing N N 219 
LEU CD1 HD12 sing N N 220 
LEU CD1 HD13 sing N N 221 
LEU CD2 HD21 sing N N 222 
LEU CD2 HD22 sing N N 223 
LEU CD2 HD23 sing N N 224 
LEU OXT HXT  sing N N 225 
LYS N   CA   sing N N 226 
LYS N   H    sing N N 227 
LYS N   H2   sing N N 228 
LYS CA  C    sing N N 229 
LYS CA  CB   sing N N 230 
LYS CA  HA   sing N N 231 
LYS C   O    doub N N 232 
LYS C   OXT  sing N N 233 
LYS CB  CG   sing N N 234 
LYS CB  HB2  sing N N 235 
LYS CB  HB3  sing N N 236 
LYS CG  CD   sing N N 237 
LYS CG  HG2  sing N N 238 
LYS CG  HG3  sing N N 239 
LYS CD  CE   sing N N 240 
LYS CD  HD2  sing N N 241 
LYS CD  HD3  sing N N 242 
LYS CE  NZ   sing N N 243 
LYS CE  HE2  sing N N 244 
LYS CE  HE3  sing N N 245 
LYS NZ  HZ1  sing N N 246 
LYS NZ  HZ2  sing N N 247 
LYS NZ  HZ3  sing N N 248 
LYS OXT HXT  sing N N 249 
MET N   CA   sing N N 250 
MET N   H    sing N N 251 
MET N   H2   sing N N 252 
MET CA  C    sing N N 253 
MET CA  CB   sing N N 254 
MET CA  HA   sing N N 255 
MET C   O    doub N N 256 
MET C   OXT  sing N N 257 
MET CB  CG   sing N N 258 
MET CB  HB2  sing N N 259 
MET CB  HB3  sing N N 260 
MET CG  SD   sing N N 261 
MET CG  HG2  sing N N 262 
MET CG  HG3  sing N N 263 
MET SD  CE   sing N N 264 
MET CE  HE1  sing N N 265 
MET CE  HE2  sing N N 266 
MET CE  HE3  sing N N 267 
MET OXT HXT  sing N N 268 
PHE N   CA   sing N N 269 
PHE N   H    sing N N 270 
PHE N   H2   sing N N 271 
PHE CA  C    sing N N 272 
PHE CA  CB   sing N N 273 
PHE CA  HA   sing N N 274 
PHE C   O    doub N N 275 
PHE C   OXT  sing N N 276 
PHE CB  CG   sing N N 277 
PHE CB  HB2  sing N N 278 
PHE CB  HB3  sing N N 279 
PHE CG  CD1  doub Y N 280 
PHE CG  CD2  sing Y N 281 
PHE CD1 CE1  sing Y N 282 
PHE CD1 HD1  sing N N 283 
PHE CD2 CE2  doub Y N 284 
PHE CD2 HD2  sing N N 285 
PHE CE1 CZ   doub Y N 286 
PHE CE1 HE1  sing N N 287 
PHE CE2 CZ   sing Y N 288 
PHE CE2 HE2  sing N N 289 
PHE CZ  HZ   sing N N 290 
PHE OXT HXT  sing N N 291 
PRO N   CA   sing N N 292 
PRO N   CD   sing N N 293 
PRO N   H    sing N N 294 
PRO CA  C    sing N N 295 
PRO CA  CB   sing N N 296 
PRO CA  HA   sing N N 297 
PRO C   O    doub N N 298 
PRO C   OXT  sing N N 299 
PRO CB  CG   sing N N 300 
PRO CB  HB2  sing N N 301 
PRO CB  HB3  sing N N 302 
PRO CG  CD   sing N N 303 
PRO CG  HG2  sing N N 304 
PRO CG  HG3  sing N N 305 
PRO CD  HD2  sing N N 306 
PRO CD  HD3  sing N N 307 
PRO OXT HXT  sing N N 308 
SER N   CA   sing N N 309 
SER N   H    sing N N 310 
SER N   H2   sing N N 311 
SER CA  C    sing N N 312 
SER CA  CB   sing N N 313 
SER CA  HA   sing N N 314 
SER C   O    doub N N 315 
SER C   OXT  sing N N 316 
SER CB  OG   sing N N 317 
SER CB  HB2  sing N N 318 
SER CB  HB3  sing N N 319 
SER OG  HG   sing N N 320 
SER OXT HXT  sing N N 321 
SO4 S   O1   doub N N 322 
SO4 S   O2   doub N N 323 
SO4 S   O3   sing N N 324 
SO4 S   O4   sing N N 325 
THR N   CA   sing N N 326 
THR N   H    sing N N 327 
THR N   H2   sing N N 328 
THR CA  C    sing N N 329 
THR CA  CB   sing N N 330 
THR CA  HA   sing N N 331 
THR C   O    doub N N 332 
THR C   OXT  sing N N 333 
THR CB  OG1  sing N N 334 
THR CB  CG2  sing N N 335 
THR CB  HB   sing N N 336 
THR OG1 HG1  sing N N 337 
THR CG2 HG21 sing N N 338 
THR CG2 HG22 sing N N 339 
THR CG2 HG23 sing N N 340 
THR OXT HXT  sing N N 341 
TRP N   CA   sing N N 342 
TRP N   H    sing N N 343 
TRP N   H2   sing N N 344 
TRP CA  C    sing N N 345 
TRP CA  CB   sing N N 346 
TRP CA  HA   sing N N 347 
TRP C   O    doub N N 348 
TRP C   OXT  sing N N 349 
TRP CB  CG   sing N N 350 
TRP CB  HB2  sing N N 351 
TRP CB  HB3  sing N N 352 
TRP CG  CD1  doub Y N 353 
TRP CG  CD2  sing Y N 354 
TRP CD1 NE1  sing Y N 355 
TRP CD1 HD1  sing N N 356 
TRP CD2 CE2  doub Y N 357 
TRP CD2 CE3  sing Y N 358 
TRP NE1 CE2  sing Y N 359 
TRP NE1 HE1  sing N N 360 
TRP CE2 CZ2  sing Y N 361 
TRP CE3 CZ3  doub Y N 362 
TRP CE3 HE3  sing N N 363 
TRP CZ2 CH2  doub Y N 364 
TRP CZ2 HZ2  sing N N 365 
TRP CZ3 CH2  sing Y N 366 
TRP CZ3 HZ3  sing N N 367 
TRP CH2 HH2  sing N N 368 
TRP OXT HXT  sing N N 369 
TYR N   CA   sing N N 370 
TYR N   H    sing N N 371 
TYR N   H2   sing N N 372 
TYR CA  C    sing N N 373 
TYR CA  CB   sing N N 374 
TYR CA  HA   sing N N 375 
TYR C   O    doub N N 376 
TYR C   OXT  sing N N 377 
TYR CB  CG   sing N N 378 
TYR CB  HB2  sing N N 379 
TYR CB  HB3  sing N N 380 
TYR CG  CD1  doub Y N 381 
TYR CG  CD2  sing Y N 382 
TYR CD1 CE1  sing Y N 383 
TYR CD1 HD1  sing N N 384 
TYR CD2 CE2  doub Y N 385 
TYR CD2 HD2  sing N N 386 
TYR CE1 CZ   doub Y N 387 
TYR CE1 HE1  sing N N 388 
TYR CE2 CZ   sing Y N 389 
TYR CE2 HE2  sing N N 390 
TYR CZ  OH   sing N N 391 
TYR OH  HH   sing N N 392 
TYR OXT HXT  sing N N 393 
VAL N   CA   sing N N 394 
VAL N   H    sing N N 395 
VAL N   H2   sing N N 396 
VAL CA  C    sing N N 397 
VAL CA  CB   sing N N 398 
VAL CA  HA   sing N N 399 
VAL C   O    doub N N 400 
VAL C   OXT  sing N N 401 
VAL CB  CG1  sing N N 402 
VAL CB  CG2  sing N N 403 
VAL CB  HB   sing N N 404 
VAL CG1 HG11 sing N N 405 
VAL CG1 HG12 sing N N 406 
VAL CG1 HG13 sing N N 407 
VAL CG2 HG21 sing N N 408 
VAL CG2 HG22 sing N N 409 
VAL CG2 HG23 sing N N 410 
VAL OXT HXT  sing N N 411 
# 
_pdbx_audit_support.funding_organization   Cancerfonden 
_pdbx_audit_support.country                Sweden 
_pdbx_audit_support.grant_number           ? 
_pdbx_audit_support.ordinal                1 
# 
_pdbx_entity_instance_feature.ordinal        1 
_pdbx_entity_instance_feature.comp_id        KYR 
_pdbx_entity_instance_feature.asym_id        ? 
_pdbx_entity_instance_feature.seq_num        ? 
_pdbx_entity_instance_feature.auth_comp_id   KYR 
_pdbx_entity_instance_feature.auth_asym_id   ? 
_pdbx_entity_instance_feature.auth_seq_num   ? 
_pdbx_entity_instance_feature.feature_type   'SUBJECT OF INVESTIGATION' 
_pdbx_entity_instance_feature.details        ? 
# 
loop_
_pdbx_entity_nonpoly.entity_id 
_pdbx_entity_nonpoly.name 
_pdbx_entity_nonpoly.comp_id 
2 '4-(4-methylphenyl)-1~{H}-quinazolin-2-one' KYR 
3 'SULFATE ION'                               SO4 
4 water                                       HOH 
# 
_pdbx_struct_assembly_auth_evidence.id                     1 
_pdbx_struct_assembly_auth_evidence.assembly_id            1 
_pdbx_struct_assembly_auth_evidence.experimental_support   'gel filtration' 
_pdbx_struct_assembly_auth_evidence.details                ? 
# 
